data_8CFW
#
_entry.id   8CFW
#
_cell.length_a   73.830
_cell.length_b   132.770
_cell.length_c   98.480
_cell.angle_alpha   90.00
_cell.angle_beta   100.94
_cell.angle_gamma   90.00
#
_symmetry.space_group_name_H-M   'P 1 21 1'
#
loop_
_entity.id
_entity.type
_entity.pdbx_description
1 polymer Adenosylhomocysteinase
2 non-polymer NICOTINAMIDE-ADENINE-DINUCLEOTIDE
3 non-polymer ADENINE
4 non-polymer 6-methyl-N~4~-[(pyridin-3-yl)methyl]pyrimidine-2,4-diamine
5 non-polymer 'POTASSIUM ION'
6 non-polymer 'PHOSPHATE ION'
7 non-polymer GLYCEROL
8 water water
#
_entity_poly.entity_id   1
_entity_poly.type   'polypeptide(L)'
_entity_poly.pdbx_seq_one_letter_code
;SNAMSAVMTPAGFTDYKVADITLAAWGRRELIIAESEMPALMGLRRKYAGQQPLKGAKILGCIHMTIQTGVLIETLVALG
AEVRWSSCNIFSTQDQAAAAIAAAGIPVFAWKGETEEEYEWCIEQTILKDGQPWDANMVLDDGGDLTEILHKKYPQMLER
IHGITEETTTGVHRLLDMLKNGTLKVPAINVNDSVTKSKNDNKYGCRHSLNDAIKRGTDHLLSGKQALVIGYGDVGKGSS
QSLRQEGMIVKVAEVDPICAMQACMDGFEVVSPYKNGINDGTEASIDAALLGKIDLIVTTTGNVNVCDANMLKALKKRAV
VCNIGHFDNEIDTAFMRKNWAWEEVKPQVHKIHRTGKDGFDAHNDDYLILLAEGRLVNLGNATGHPSRIMDGSFANQVLA
QIHLFEQKYADLPAAEKAKRLSVEVLPKKLDEEVALEMVKGFGGVVTQLTPKQAEYIGVSVEGPFKPDTYRY
;
_entity_poly.pdbx_strand_id   A,B,C,D
#
# COMPACT_ATOMS: atom_id res chain seq x y z
N THR A 9 -33.18 -14.40 31.17
CA THR A 9 -34.57 -14.88 31.26
C THR A 9 -35.01 -15.43 32.64
N PRO A 10 -34.14 -16.17 33.36
CA PRO A 10 -34.59 -16.83 34.60
C PRO A 10 -35.39 -15.91 35.52
N ALA A 11 -36.43 -16.48 36.14
CA ALA A 11 -37.32 -15.67 36.96
C ALA A 11 -36.55 -15.06 38.13
N GLY A 12 -36.71 -13.74 38.31
CA GLY A 12 -36.12 -13.05 39.43
C GLY A 12 -34.62 -12.89 39.38
N PHE A 13 -34.01 -13.03 38.20
CA PHE A 13 -32.56 -13.00 38.11
C PHE A 13 -32.01 -11.63 38.52
N THR A 14 -31.10 -11.62 39.49
CA THR A 14 -30.48 -10.38 39.94
C THR A 14 -28.97 -10.52 40.10
N ASP A 15 -28.40 -11.65 39.75
CA ASP A 15 -26.98 -11.97 39.98
C ASP A 15 -26.10 -11.38 38.88
N TYR A 16 -26.10 -10.05 38.80
CA TYR A 16 -25.32 -9.35 37.79
C TYR A 16 -25.22 -7.88 38.19
N LYS A 17 -24.39 -7.15 37.45
CA LYS A 17 -24.36 -5.70 37.57
C LYS A 17 -23.85 -5.12 36.27
N VAL A 18 -24.70 -4.38 35.56
CA VAL A 18 -24.38 -3.79 34.27
C VAL A 18 -24.90 -2.35 34.26
N ALA A 19 -24.57 -1.62 33.19
CA ALA A 19 -24.92 -0.21 33.11
C ALA A 19 -26.41 -0.01 32.91
N ASP A 20 -27.03 -0.80 32.04
CA ASP A 20 -28.38 -0.47 31.58
C ASP A 20 -28.96 -1.72 30.92
N ILE A 21 -29.82 -2.43 31.66
CA ILE A 21 -30.37 -3.69 31.14
C ILE A 21 -31.25 -3.48 29.91
N THR A 22 -31.75 -2.26 29.68
CA THR A 22 -32.63 -2.01 28.52
C THR A 22 -31.87 -2.11 27.19
N LEU A 23 -30.54 -2.15 27.22
CA LEU A 23 -29.77 -2.33 26.00
C LEU A 23 -29.71 -3.79 25.56
N ALA A 24 -30.39 -4.69 26.27
CA ALA A 24 -30.21 -6.12 26.02
C ALA A 24 -30.67 -6.51 24.63
N ALA A 25 -31.83 -6.00 24.18
CA ALA A 25 -32.33 -6.40 22.87
C ALA A 25 -31.38 -5.96 21.77
N TRP A 26 -30.80 -4.77 21.90
CA TRP A 26 -29.78 -4.30 20.97
C TRP A 26 -28.54 -5.20 21.03
N GLY A 27 -28.07 -5.50 22.24
CA GLY A 27 -26.96 -6.45 22.37
C GLY A 27 -27.25 -7.76 21.67
N ARG A 28 -28.46 -8.30 21.86
CA ARG A 28 -28.80 -9.58 21.24
C ARG A 28 -28.78 -9.50 19.73
N ARG A 29 -29.31 -8.40 19.15
CA ARG A 29 -29.22 -8.22 17.71
C ARG A 29 -27.77 -8.27 17.25
N GLU A 30 -26.87 -7.63 18.00
CA GLU A 30 -25.48 -7.61 17.60
C GLU A 30 -24.80 -8.96 17.81
N LEU A 31 -25.18 -9.71 18.86
CA LEU A 31 -24.69 -11.08 19.02
C LEU A 31 -25.09 -11.97 17.84
N ILE A 32 -26.32 -11.85 17.36
CA ILE A 32 -26.77 -12.65 16.22
C ILE A 32 -25.97 -12.34 14.96
N ILE A 33 -25.69 -11.06 14.73
CA ILE A 33 -24.80 -10.70 13.61
C ILE A 33 -23.40 -11.26 13.85
N ALA A 34 -22.87 -11.09 15.06
CA ALA A 34 -21.51 -11.53 15.34
C ALA A 34 -21.34 -13.03 15.15
N GLU A 35 -22.37 -13.81 15.48
CA GLU A 35 -22.31 -15.24 15.25
C GLU A 35 -22.03 -15.56 13.78
N SER A 36 -22.59 -14.76 12.87
CA SER A 36 -22.35 -15.01 11.45
C SER A 36 -20.94 -14.64 11.02
N GLU A 37 -20.22 -13.89 11.83
CA GLU A 37 -18.84 -13.49 11.57
C GLU A 37 -17.83 -14.36 12.28
N MET A 38 -18.26 -15.37 13.05
CA MET A 38 -17.35 -16.17 13.87
C MET A 38 -17.55 -17.66 13.57
N PRO A 39 -17.15 -18.10 12.37
CA PRO A 39 -17.41 -19.50 11.96
C PRO A 39 -16.62 -20.55 12.74
N ALA A 40 -15.39 -20.26 13.15
CA ALA A 40 -14.64 -21.25 13.91
C ALA A 40 -15.31 -21.50 15.26
N LEU A 41 -15.70 -20.42 15.93
CA LEU A 41 -16.36 -20.53 17.23
C LEU A 41 -17.74 -21.18 17.08
N MET A 42 -18.52 -20.73 16.09
N MET A 42 -18.52 -20.76 16.09
CA MET A 42 -19.81 -21.35 15.82
CA MET A 42 -19.83 -21.38 15.92
C MET A 42 -19.66 -22.82 15.47
C MET A 42 -19.70 -22.82 15.43
N GLY A 43 -18.63 -23.16 14.70
CA GLY A 43 -18.41 -24.54 14.32
C GLY A 43 -18.15 -25.42 15.55
N LEU A 44 -17.47 -24.87 16.54
CA LEU A 44 -17.28 -25.61 17.79
C LEU A 44 -18.61 -25.82 18.50
N ARG A 45 -19.46 -24.80 18.51
CA ARG A 45 -20.80 -24.95 19.07
C ARG A 45 -21.55 -26.09 18.41
N ARG A 46 -21.59 -26.10 17.08
CA ARG A 46 -22.32 -27.13 16.36
C ARG A 46 -21.68 -28.51 16.56
N LYS A 47 -20.35 -28.56 16.52
CA LYS A 47 -19.68 -29.85 16.61
C LYS A 47 -19.86 -30.49 17.98
N TYR A 48 -19.74 -29.70 19.05
CA TYR A 48 -19.61 -30.24 20.39
C TYR A 48 -20.84 -30.07 21.27
N ALA A 49 -21.88 -29.38 20.81
CA ALA A 49 -23.03 -29.12 21.69
C ALA A 49 -23.61 -30.41 22.24
N GLY A 50 -23.81 -31.41 21.37
CA GLY A 50 -24.41 -32.65 21.81
C GLY A 50 -23.54 -33.44 22.77
N GLN A 51 -22.22 -33.37 22.59
CA GLN A 51 -21.32 -34.08 23.49
C GLN A 51 -21.26 -33.44 24.87
N GLN A 52 -21.57 -32.15 24.96
CA GLN A 52 -21.51 -31.39 26.21
C GLN A 52 -20.16 -31.56 26.93
N PRO A 53 -19.05 -31.24 26.26
CA PRO A 53 -17.74 -31.52 26.88
C PRO A 53 -17.45 -30.68 28.11
N LEU A 54 -18.15 -29.56 28.30
CA LEU A 54 -17.94 -28.70 29.44
C LEU A 54 -19.02 -28.87 30.50
N LYS A 55 -19.86 -29.89 30.37
CA LYS A 55 -20.85 -30.19 31.41
C LYS A 55 -20.14 -30.39 32.74
N GLY A 56 -20.53 -29.60 33.74
CA GLY A 56 -19.89 -29.61 35.02
C GLY A 56 -18.81 -28.57 35.19
N ALA A 57 -18.37 -27.93 34.11
CA ALA A 57 -17.38 -26.87 34.24
C ALA A 57 -18.03 -25.65 34.89
N LYS A 58 -17.28 -24.99 35.78
CA LYS A 58 -17.72 -23.77 36.44
C LYS A 58 -16.59 -22.77 36.28
N ILE A 59 -16.74 -21.86 35.31
CA ILE A 59 -15.65 -21.05 34.79
C ILE A 59 -15.76 -19.64 35.32
N LEU A 60 -14.71 -19.18 35.98
CA LEU A 60 -14.52 -17.76 36.24
C LEU A 60 -13.86 -17.13 35.01
N GLY A 61 -14.50 -16.13 34.41
CA GLY A 61 -13.96 -15.49 33.22
C GLY A 61 -13.69 -14.02 33.49
N CYS A 62 -12.52 -13.56 33.03
CA CYS A 62 -12.18 -12.13 33.16
C CYS A 62 -11.59 -11.68 31.83
N ILE A 63 -12.43 -11.11 30.95
CA ILE A 63 -11.97 -10.59 29.68
C ILE A 63 -12.99 -9.57 29.19
N HIS A 64 -12.48 -8.51 28.55
CA HIS A 64 -13.25 -7.41 27.97
C HIS A 64 -14.66 -7.82 27.59
N MET A 65 -15.67 -7.21 28.20
CA MET A 65 -17.05 -7.65 28.01
C MET A 65 -17.65 -7.00 26.75
N THR A 66 -17.19 -7.50 25.62
CA THR A 66 -17.60 -7.04 24.30
C THR A 66 -18.62 -7.99 23.72
N ILE A 67 -19.17 -7.61 22.56
CA ILE A 67 -20.02 -8.50 21.79
C ILE A 67 -19.28 -9.79 21.46
N GLN A 68 -17.99 -9.68 21.12
CA GLN A 68 -17.21 -10.88 20.78
C GLN A 68 -17.08 -11.80 21.97
N THR A 69 -16.81 -11.24 23.15
CA THR A 69 -16.77 -12.06 24.35
C THR A 69 -18.12 -12.68 24.64
N GLY A 70 -19.22 -11.97 24.34
CA GLY A 70 -20.54 -12.57 24.46
C GLY A 70 -20.70 -13.87 23.67
N VAL A 71 -20.19 -13.90 22.44
CA VAL A 71 -20.28 -15.12 21.64
C VAL A 71 -19.43 -16.23 22.26
N LEU A 72 -18.26 -15.88 22.81
CA LEU A 72 -17.44 -16.86 23.52
C LEU A 72 -18.16 -17.43 24.74
N ILE A 73 -18.71 -16.53 25.57
CA ILE A 73 -19.45 -16.96 26.76
C ILE A 73 -20.57 -17.93 26.39
N GLU A 74 -21.37 -17.57 25.39
CA GLU A 74 -22.54 -18.42 25.10
C GLU A 74 -22.12 -19.71 24.38
N THR A 75 -20.94 -19.74 23.77
CA THR A 75 -20.36 -21.00 23.30
C THR A 75 -20.00 -21.92 24.46
N LEU A 76 -19.28 -21.39 25.46
CA LEU A 76 -18.97 -22.21 26.63
C LEU A 76 -20.24 -22.76 27.29
N VAL A 77 -21.26 -21.91 27.44
CA VAL A 77 -22.52 -22.33 28.04
C VAL A 77 -23.19 -23.40 27.18
N ALA A 78 -23.18 -23.22 25.86
CA ALA A 78 -23.81 -24.18 24.96
C ALA A 78 -23.12 -25.54 25.02
N LEU A 79 -21.83 -25.57 25.37
CA LEU A 79 -21.10 -26.80 25.54
C LEU A 79 -21.24 -27.37 26.95
N GLY A 80 -22.01 -26.72 27.83
CA GLY A 80 -22.35 -27.28 29.13
C GLY A 80 -21.82 -26.50 30.32
N ALA A 81 -21.06 -25.44 30.14
CA ALA A 81 -20.44 -24.76 31.28
C ALA A 81 -21.43 -23.82 31.95
N GLU A 82 -21.18 -23.57 33.24
CA GLU A 82 -21.64 -22.39 33.95
C GLU A 82 -20.47 -21.41 34.06
N VAL A 83 -20.76 -20.12 34.00
CA VAL A 83 -19.73 -19.10 34.05
C VAL A 83 -20.17 -17.95 34.97
N ARG A 84 -19.17 -17.23 35.49
CA ARG A 84 -19.38 -15.95 36.16
C ARG A 84 -18.33 -14.99 35.63
N TRP A 85 -18.73 -13.80 35.17
CA TRP A 85 -17.92 -13.02 34.25
C TRP A 85 -17.69 -11.59 34.71
N SER A 86 -16.50 -11.06 34.39
CA SER A 86 -16.16 -9.66 34.57
C SER A 86 -15.28 -9.22 33.41
N SER A 87 -15.14 -7.90 33.25
CA SER A 87 -14.22 -7.36 32.25
C SER A 87 -12.83 -7.28 32.84
N CYS A 88 -11.80 -7.33 31.96
CA CYS A 88 -10.42 -7.13 32.40
C CYS A 88 -9.92 -5.71 32.13
N ASN A 89 -10.81 -4.74 31.87
CA ASN A 89 -10.41 -3.34 31.73
C ASN A 89 -11.60 -2.46 32.03
N ILE A 90 -11.35 -1.30 32.66
CA ILE A 90 -12.44 -0.46 33.13
C ILE A 90 -13.21 0.21 31.98
N PHE A 91 -12.65 0.29 30.77
CA PHE A 91 -13.27 1.03 29.66
C PHE A 91 -13.65 0.14 28.48
N SER A 92 -13.38 -1.17 28.55
CA SER A 92 -13.49 -2.00 27.37
C SER A 92 -14.87 -2.64 27.17
N THR A 93 -15.72 -2.65 28.20
CA THR A 93 -17.03 -3.27 28.06
C THR A 93 -17.89 -2.53 27.05
N GLN A 94 -18.64 -3.29 26.24
CA GLN A 94 -19.75 -2.74 25.47
C GLN A 94 -21.00 -2.99 26.28
N ASP A 95 -21.66 -1.90 26.71
CA ASP A 95 -22.74 -2.06 27.67
C ASP A 95 -23.89 -2.88 27.10
N GLN A 96 -24.11 -2.82 25.79
CA GLN A 96 -25.18 -3.64 25.22
C GLN A 96 -24.82 -5.12 25.24
N ALA A 97 -23.52 -5.44 25.17
CA ALA A 97 -23.09 -6.84 25.28
C ALA A 97 -23.31 -7.35 26.69
N ALA A 98 -22.86 -6.58 27.68
CA ALA A 98 -23.09 -6.94 29.08
C ALA A 98 -24.57 -7.12 29.35
N ALA A 99 -25.41 -6.23 28.82
CA ALA A 99 -26.83 -6.33 29.11
C ALA A 99 -27.43 -7.60 28.52
N ALA A 100 -27.05 -7.95 27.29
CA ALA A 100 -27.60 -9.14 26.64
C ALA A 100 -27.21 -10.40 27.39
N ILE A 101 -25.97 -10.44 27.91
CA ILE A 101 -25.52 -11.61 28.66
C ILE A 101 -26.26 -11.72 29.99
N ALA A 102 -26.39 -10.60 30.72
CA ALA A 102 -27.17 -10.59 31.95
C ALA A 102 -28.61 -11.01 31.69
N ALA A 103 -29.22 -10.48 30.64
CA ALA A 103 -30.61 -10.80 30.31
C ALA A 103 -30.79 -12.27 29.95
N ALA A 104 -29.71 -12.96 29.59
CA ALA A 104 -29.77 -14.38 29.30
C ALA A 104 -29.61 -15.23 30.56
N GLY A 105 -29.52 -14.61 31.73
CA GLY A 105 -29.36 -15.35 32.97
C GLY A 105 -27.93 -15.70 33.33
N ILE A 106 -26.94 -15.02 32.75
CA ILE A 106 -25.53 -15.33 32.98
C ILE A 106 -24.96 -14.26 33.91
N PRO A 107 -24.35 -14.64 35.05
CA PRO A 107 -23.81 -13.61 35.95
C PRO A 107 -22.66 -12.85 35.29
N VAL A 108 -22.83 -11.54 35.19
CA VAL A 108 -21.82 -10.67 34.58
C VAL A 108 -21.78 -9.36 35.36
N PHE A 109 -20.56 -8.90 35.66
CA PHE A 109 -20.34 -7.67 36.42
C PHE A 109 -19.36 -6.84 35.61
N ALA A 110 -19.90 -5.85 34.88
CA ALA A 110 -19.11 -5.17 33.86
C ALA A 110 -19.88 -3.98 33.30
N TRP A 111 -19.21 -2.83 33.19
CA TRP A 111 -19.78 -1.69 32.47
C TRP A 111 -18.63 -0.81 32.02
N LYS A 112 -18.91 -0.01 30.99
CA LYS A 112 -17.92 0.91 30.49
C LYS A 112 -17.78 2.09 31.45
N GLY A 113 -16.54 2.39 31.85
CA GLY A 113 -16.29 3.52 32.73
C GLY A 113 -16.28 3.18 34.20
N GLU A 114 -15.84 1.98 34.56
CA GLU A 114 -15.68 1.60 35.95
C GLU A 114 -14.60 2.44 36.60
N THR A 115 -14.73 2.65 37.90
CA THR A 115 -13.57 3.08 38.67
C THR A 115 -12.67 1.89 38.98
N GLU A 116 -11.45 2.17 39.42
CA GLU A 116 -10.55 1.09 39.81
C GLU A 116 -11.14 0.27 40.96
N GLU A 117 -11.80 0.93 41.91
CA GLU A 117 -12.47 0.21 43.00
C GLU A 117 -13.58 -0.68 42.45
N GLU A 118 -14.39 -0.16 41.52
CA GLU A 118 -15.47 -0.96 40.94
C GLU A 118 -14.93 -2.15 40.15
N TYR A 119 -13.83 -1.94 39.42
CA TYR A 119 -13.16 -3.00 38.69
C TYR A 119 -12.83 -4.20 39.59
N GLU A 120 -12.21 -3.93 40.73
CA GLU A 120 -11.85 -5.02 41.65
C GLU A 120 -13.11 -5.67 42.23
N TRP A 121 -14.12 -4.87 42.54
CA TRP A 121 -15.37 -5.40 43.10
C TRP A 121 -16.05 -6.33 42.09
N CYS A 122 -15.99 -5.98 40.80
CA CYS A 122 -16.60 -6.84 39.78
C CYS A 122 -15.94 -8.20 39.73
N ILE A 123 -14.60 -8.24 39.77
CA ILE A 123 -13.91 -9.54 39.77
C ILE A 123 -14.33 -10.34 40.99
N GLU A 124 -14.44 -9.68 42.15
CA GLU A 124 -14.81 -10.40 43.37
C GLU A 124 -16.25 -10.89 43.30
N GLN A 125 -17.13 -10.21 42.57
CA GLN A 125 -18.50 -10.70 42.41
C GLN A 125 -18.54 -11.99 41.60
N THR A 126 -17.58 -12.22 40.70
CA THR A 126 -17.51 -13.50 40.03
C THR A 126 -16.99 -14.58 40.98
N ILE A 127 -15.98 -14.24 41.79
CA ILE A 127 -15.35 -15.19 42.70
C ILE A 127 -16.32 -15.63 43.79
N LEU A 128 -17.13 -14.70 44.29
CA LEU A 128 -18.07 -14.96 45.35
C LEU A 128 -19.47 -15.20 44.78
N LYS A 129 -20.20 -16.11 45.38
CA LYS A 129 -21.62 -16.25 45.10
C LYS A 129 -22.34 -16.33 46.44
N ASP A 130 -23.27 -15.40 46.66
CA ASP A 130 -24.03 -15.33 47.91
C ASP A 130 -23.09 -15.24 49.11
N GLY A 131 -22.03 -14.43 48.96
CA GLY A 131 -21.16 -14.10 50.06
C GLY A 131 -20.04 -15.10 50.32
N GLN A 132 -20.01 -16.21 49.58
CA GLN A 132 -19.04 -17.27 49.81
C GLN A 132 -18.39 -17.63 48.49
N PRO A 133 -17.18 -18.17 48.52
CA PRO A 133 -16.52 -18.56 47.27
C PRO A 133 -17.39 -19.51 46.46
N TRP A 134 -17.57 -19.17 45.18
CA TRP A 134 -18.18 -20.09 44.23
C TRP A 134 -17.34 -21.35 44.11
N ASP A 135 -17.99 -22.46 43.76
CA ASP A 135 -17.26 -23.71 43.53
C ASP A 135 -16.74 -23.79 42.10
N ALA A 136 -15.95 -22.78 41.75
CA ALA A 136 -15.31 -22.72 40.45
C ALA A 136 -14.29 -23.85 40.28
N ASN A 137 -14.15 -24.33 39.04
CA ASN A 137 -13.13 -25.31 38.72
C ASN A 137 -12.35 -24.97 37.47
N MET A 138 -12.61 -23.84 36.84
CA MET A 138 -11.87 -23.39 35.65
C MET A 138 -11.73 -21.88 35.70
N VAL A 139 -10.66 -21.40 35.07
CA VAL A 139 -10.36 -19.97 34.98
C VAL A 139 -10.04 -19.64 33.53
N LEU A 140 -10.65 -18.56 33.02
CA LEU A 140 -10.32 -17.98 31.72
C LEU A 140 -9.96 -16.51 31.96
N ASP A 141 -8.72 -16.12 31.62
CA ASP A 141 -8.18 -14.83 32.00
C ASP A 141 -7.52 -14.11 30.82
N ASP A 142 -7.46 -12.78 30.92
CA ASP A 142 -6.92 -11.90 29.86
C ASP A 142 -6.12 -10.81 30.56
N GLY A 143 -4.81 -11.05 30.74
CA GLY A 143 -3.94 -10.09 31.38
C GLY A 143 -3.46 -10.53 32.76
N GLY A 144 -4.07 -11.56 33.34
CA GLY A 144 -3.60 -12.13 34.60
C GLY A 144 -4.21 -11.58 35.88
N ASP A 145 -5.11 -10.60 35.79
CA ASP A 145 -5.61 -9.97 37.02
C ASP A 145 -6.43 -10.95 37.85
N LEU A 146 -7.34 -11.71 37.22
CA LEU A 146 -8.12 -12.70 37.97
C LEU A 146 -7.22 -13.78 38.54
N THR A 147 -6.26 -14.26 37.74
CA THR A 147 -5.28 -15.22 38.21
C THR A 147 -4.56 -14.71 39.45
N GLU A 148 -4.21 -13.42 39.45
CA GLU A 148 -3.46 -12.86 40.58
C GLU A 148 -4.32 -12.81 41.84
N ILE A 149 -5.57 -12.35 41.72
CA ILE A 149 -6.44 -12.24 42.88
C ILE A 149 -6.70 -13.62 43.50
N LEU A 150 -6.87 -14.65 42.66
CA LEU A 150 -7.09 -15.99 43.19
C LEU A 150 -5.89 -16.49 43.97
N HIS A 151 -4.68 -16.31 43.43
CA HIS A 151 -3.49 -16.79 44.13
C HIS A 151 -3.26 -15.99 45.41
N LYS A 152 -3.49 -14.68 45.34
CA LYS A 152 -3.17 -13.77 46.43
C LYS A 152 -4.21 -13.85 47.55
N LYS A 153 -5.49 -13.80 47.18
CA LYS A 153 -6.58 -13.59 48.14
C LYS A 153 -7.44 -14.83 48.38
N TYR A 154 -7.59 -15.71 47.41
CA TYR A 154 -8.39 -16.93 47.58
C TYR A 154 -7.60 -18.17 47.20
N PRO A 155 -6.41 -18.37 47.79
CA PRO A 155 -5.60 -19.54 47.40
C PRO A 155 -6.30 -20.87 47.62
N GLN A 156 -7.25 -20.96 48.55
CA GLN A 156 -7.93 -22.24 48.76
C GLN A 156 -8.82 -22.62 47.58
N MET A 157 -9.38 -21.63 46.88
CA MET A 157 -10.19 -21.95 45.71
C MET A 157 -9.36 -22.65 44.64
N LEU A 158 -8.07 -22.37 44.59
CA LEU A 158 -7.21 -22.98 43.58
C LEU A 158 -7.09 -24.49 43.78
N GLU A 159 -7.45 -25.01 44.95
CA GLU A 159 -7.37 -26.44 45.16
C GLU A 159 -8.40 -27.22 44.36
N ARG A 160 -9.43 -26.56 43.82
CA ARG A 160 -10.47 -27.23 43.07
C ARG A 160 -10.46 -26.85 41.59
N ILE A 161 -9.48 -26.07 41.14
CA ILE A 161 -9.45 -25.54 39.79
C ILE A 161 -8.49 -26.36 38.94
N HIS A 162 -8.94 -26.76 37.74
CA HIS A 162 -8.19 -27.66 36.88
C HIS A 162 -7.22 -26.94 35.94
N GLY A 163 -7.43 -25.66 35.67
CA GLY A 163 -6.54 -24.97 34.76
C GLY A 163 -6.95 -23.53 34.56
N ILE A 164 -6.00 -22.78 33.99
CA ILE A 164 -6.17 -21.40 33.57
C ILE A 164 -5.89 -21.35 32.07
N THR A 165 -6.75 -20.65 31.33
CA THR A 165 -6.49 -20.37 29.92
C THR A 165 -6.31 -18.86 29.75
N GLU A 166 -5.08 -18.43 29.46
CA GLU A 166 -4.69 -17.04 29.47
C GLU A 166 -4.55 -16.52 28.03
N GLU A 167 -5.16 -15.36 27.77
CA GLU A 167 -5.40 -14.82 26.43
C GLU A 167 -4.23 -14.02 25.85
N THR A 168 -3.53 -13.22 26.63
CA THR A 168 -2.73 -12.17 26.03
C THR A 168 -1.27 -12.22 26.49
N THR A 169 -0.41 -11.53 25.72
CA THR A 169 1.04 -11.64 25.91
C THR A 169 1.44 -11.29 27.35
N THR A 170 0.91 -10.19 27.87
CA THR A 170 1.26 -9.77 29.23
C THR A 170 0.86 -10.81 30.27
N GLY A 171 -0.31 -11.44 30.11
CA GLY A 171 -0.72 -12.45 31.09
C GLY A 171 0.15 -13.68 31.05
N VAL A 172 0.54 -14.13 29.86
CA VAL A 172 1.43 -15.28 29.77
C VAL A 172 2.76 -14.97 30.44
N HIS A 173 3.27 -13.76 30.26
CA HIS A 173 4.51 -13.40 30.92
C HIS A 173 4.37 -13.52 32.44
N ARG A 174 3.22 -13.11 32.98
CA ARG A 174 3.00 -13.23 34.43
C ARG A 174 2.96 -14.69 34.85
N LEU A 175 2.31 -15.56 34.07
CA LEU A 175 2.26 -16.98 34.39
C LEU A 175 3.64 -17.61 34.39
N LEU A 176 4.47 -17.23 33.41
CA LEU A 176 5.80 -17.81 33.30
C LEU A 176 6.69 -17.39 34.47
N ASP A 177 6.52 -16.14 34.94
CA ASP A 177 7.27 -15.72 36.13
C ASP A 177 6.84 -16.53 37.34
N MET A 178 5.53 -16.72 37.52
CA MET A 178 5.04 -17.54 38.62
C MET A 178 5.56 -18.97 38.53
N LEU A 179 5.53 -19.53 37.33
CA LEU A 179 6.01 -20.90 37.13
C LEU A 179 7.46 -21.02 37.55
N LYS A 180 8.31 -20.09 37.07
CA LYS A 180 9.73 -20.15 37.40
C LYS A 180 9.99 -19.84 38.87
N ASN A 181 9.08 -19.15 39.56
CA ASN A 181 9.26 -18.88 40.98
C ASN A 181 8.55 -19.89 41.88
N GLY A 182 7.86 -20.88 41.31
CA GLY A 182 7.18 -21.88 42.11
C GLY A 182 5.88 -21.44 42.75
N THR A 183 5.27 -20.35 42.26
CA THR A 183 4.07 -19.81 42.86
C THR A 183 2.80 -20.09 42.07
N LEU A 184 2.90 -20.62 40.85
CA LEU A 184 1.73 -21.03 40.09
C LEU A 184 1.17 -22.34 40.64
N LYS A 185 -0.13 -22.36 40.92
CA LYS A 185 -0.75 -23.49 41.62
C LYS A 185 -1.55 -24.41 40.71
N VAL A 186 -1.86 -24.00 39.48
CA VAL A 186 -2.60 -24.86 38.54
C VAL A 186 -1.99 -24.72 37.16
N PRO A 187 -2.13 -25.75 36.32
CA PRO A 187 -1.56 -25.67 34.97
C PRO A 187 -2.34 -24.71 34.09
N ALA A 188 -1.69 -24.25 33.04
CA ALA A 188 -2.26 -23.21 32.19
C ALA A 188 -1.95 -23.52 30.73
N ILE A 189 -2.82 -23.03 29.85
CA ILE A 189 -2.57 -23.07 28.42
C ILE A 189 -2.37 -21.64 27.95
N ASN A 190 -1.22 -21.41 27.29
CA ASN A 190 -0.92 -20.14 26.64
C ASN A 190 -1.69 -20.08 25.33
N VAL A 191 -2.86 -19.43 25.38
CA VAL A 191 -3.69 -19.25 24.18
C VAL A 191 -3.07 -18.21 23.26
N ASN A 192 -2.30 -17.26 23.82
CA ASN A 192 -1.81 -16.16 23.00
C ASN A 192 -0.94 -16.66 21.85
N ASP A 193 -0.15 -17.71 22.08
CA ASP A 193 0.87 -18.11 21.11
C ASP A 193 0.41 -19.20 20.11
N SER A 194 -0.87 -19.56 20.07
CA SER A 194 -1.40 -20.13 18.84
C SER A 194 -1.20 -19.12 17.73
N VAL A 195 -0.84 -19.58 16.54
CA VAL A 195 -0.66 -18.63 15.44
C VAL A 195 -1.99 -17.97 15.08
N THR A 196 -3.10 -18.74 15.12
CA THR A 196 -4.43 -18.16 14.90
C THR A 196 -4.89 -17.24 16.01
N LYS A 197 -4.11 -17.08 17.07
CA LYS A 197 -4.32 -16.00 18.02
C LYS A 197 -3.27 -14.91 17.80
N SER A 198 -2.03 -15.14 18.23
CA SER A 198 -1.01 -14.09 18.23
C SER A 198 -0.90 -13.38 16.88
N LYS A 199 -0.82 -14.15 15.79
CA LYS A 199 -0.54 -13.63 14.46
CA LYS A 199 -0.53 -13.57 14.48
C LYS A 199 -1.79 -13.27 13.70
N ASN A 200 -2.91 -13.15 14.39
CA ASN A 200 -4.20 -12.84 13.81
C ASN A 200 -4.75 -11.69 14.64
N ASP A 201 -5.12 -11.99 15.88
CA ASP A 201 -5.52 -11.04 16.90
C ASP A 201 -4.51 -9.91 17.13
N ASN A 202 -3.32 -10.22 17.67
CA ASN A 202 -2.42 -9.17 18.14
C ASN A 202 -2.02 -8.23 17.00
N LYS A 203 -1.75 -8.79 15.83
CA LYS A 203 -1.34 -7.98 14.68
C LYS A 203 -2.56 -7.44 13.93
N TYR A 204 -3.34 -8.32 13.28
CA TYR A 204 -4.42 -7.81 12.43
C TYR A 204 -5.52 -7.12 13.22
N GLY A 205 -5.79 -7.55 14.46
CA GLY A 205 -6.80 -6.86 15.25
C GLY A 205 -6.45 -5.39 15.45
N CYS A 206 -5.18 -5.11 15.78
CA CYS A 206 -4.79 -3.73 15.99
C CYS A 206 -4.74 -2.93 14.69
N ARG A 207 -4.39 -3.58 13.58
CA ARG A 207 -4.51 -2.93 12.28
C ARG A 207 -5.93 -2.39 12.06
N HIS A 208 -6.93 -3.23 12.36
CA HIS A 208 -8.31 -2.80 12.18
C HIS A 208 -8.70 -1.73 13.19
N SER A 209 -8.34 -1.89 14.46
CA SER A 209 -9.02 -1.13 15.50
C SER A 209 -8.24 0.08 16.03
N LEU A 210 -6.94 0.21 15.72
CA LEU A 210 -6.23 1.40 16.20
C LEU A 210 -6.71 2.66 15.49
N ASN A 211 -6.65 2.69 14.15
CA ASN A 211 -7.10 3.90 13.49
CA ASN A 211 -7.11 3.88 13.45
C ASN A 211 -8.59 4.12 13.72
N ASP A 212 -9.36 3.05 13.92
CA ASP A 212 -10.78 3.15 14.28
C ASP A 212 -10.96 3.98 15.54
N ALA A 213 -10.22 3.63 16.60
CA ALA A 213 -10.36 4.32 17.87
C ALA A 213 -9.88 5.77 17.79
N ILE A 214 -8.81 6.03 17.04
CA ILE A 214 -8.33 7.40 16.92
C ILE A 214 -9.37 8.25 16.21
N LYS A 215 -9.98 7.70 15.15
CA LYS A 215 -11.02 8.45 14.44
C LYS A 215 -12.23 8.71 15.33
N ARG A 216 -12.68 7.69 16.08
CA ARG A 216 -13.85 7.91 16.92
C ARG A 216 -13.54 8.93 18.03
N GLY A 217 -12.33 8.87 18.59
CA GLY A 217 -12.01 9.77 19.67
C GLY A 217 -11.76 11.22 19.25
N THR A 218 -11.11 11.42 18.12
CA THR A 218 -10.66 12.75 17.72
C THR A 218 -11.21 13.22 16.40
N ASP A 219 -11.62 12.32 15.52
CA ASP A 219 -11.99 12.65 14.14
C ASP A 219 -10.87 13.42 13.42
N HIS A 220 -9.62 13.23 13.86
CA HIS A 220 -8.50 13.86 13.16
C HIS A 220 -8.19 13.17 11.83
N LEU A 221 -7.92 13.98 10.81
CA LEU A 221 -7.21 13.46 9.64
C LEU A 221 -5.89 12.86 10.07
N LEU A 222 -5.59 11.66 9.59
CA LEU A 222 -4.29 11.05 9.84
C LEU A 222 -3.34 11.17 8.66
N SER A 223 -3.87 11.17 7.43
CA SER A 223 -3.01 11.27 6.25
C SER A 223 -2.12 12.51 6.32
N GLY A 224 -0.83 12.32 6.03
CA GLY A 224 0.10 13.44 5.94
C GLY A 224 0.73 13.85 7.26
N LYS A 225 0.26 13.29 8.37
CA LYS A 225 0.74 13.64 9.70
C LYS A 225 1.79 12.63 10.16
N GLN A 226 2.51 13.00 11.22
CA GLN A 226 3.67 12.24 11.70
C GLN A 226 3.31 11.44 12.94
N ALA A 227 3.61 10.14 12.92
CA ALA A 227 3.32 9.27 14.05
C ALA A 227 4.61 8.63 14.53
N LEU A 228 4.67 8.39 15.85
CA LEU A 228 5.72 7.58 16.46
C LEU A 228 5.07 6.39 17.14
N VAL A 229 5.39 5.18 16.67
CA VAL A 229 4.92 3.94 17.28
C VAL A 229 6.06 3.39 18.14
N ILE A 230 5.81 3.25 19.43
CA ILE A 230 6.81 2.69 20.33
C ILE A 230 6.58 1.19 20.38
N GLY A 231 7.51 0.43 19.82
CA GLY A 231 7.37 -1.01 19.81
C GLY A 231 7.04 -1.50 18.42
N TYR A 232 7.60 -2.67 18.06
CA TYR A 232 7.34 -3.30 16.76
C TYR A 232 7.25 -4.83 16.91
N GLY A 233 6.60 -5.28 17.99
CA GLY A 233 6.20 -6.65 18.13
C GLY A 233 4.93 -6.88 17.33
N ASP A 234 4.13 -7.84 17.75
CA ASP A 234 2.91 -8.11 16.97
C ASP A 234 1.96 -6.91 16.99
N VAL A 235 1.72 -6.34 18.18
CA VAL A 235 0.83 -5.17 18.29
C VAL A 235 1.45 -3.97 17.58
N GLY A 236 2.74 -3.74 17.75
CA GLY A 236 3.39 -2.64 17.06
C GLY A 236 3.36 -2.79 15.55
N LYS A 237 3.54 -4.01 15.05
CA LYS A 237 3.43 -4.27 13.62
C LYS A 237 2.04 -3.88 13.11
N GLY A 238 0.99 -4.36 13.78
CA GLY A 238 -0.37 -4.07 13.33
C GLY A 238 -0.72 -2.61 13.49
N SER A 239 -0.24 -1.98 14.59
CA SER A 239 -0.50 -0.55 14.82
C SER A 239 0.16 0.32 13.77
N SER A 240 1.43 0.04 13.45
CA SER A 240 2.14 0.78 12.42
C SER A 240 1.41 0.70 11.09
N GLN A 241 0.89 -0.49 10.76
CA GLN A 241 0.17 -0.64 9.49
C GLN A 241 -1.15 0.12 9.52
N SER A 242 -1.84 0.11 10.68
CA SER A 242 -3.10 0.84 10.82
C SER A 242 -2.92 2.29 10.45
N LEU A 243 -1.77 2.86 10.83
CA LEU A 243 -1.49 4.27 10.62
C LEU A 243 -0.93 4.52 9.22
N ARG A 244 0.02 3.68 8.80
CA ARG A 244 0.64 3.86 7.49
C ARG A 244 -0.39 3.71 6.37
N GLN A 245 -1.34 2.80 6.52
CA GLN A 245 -2.32 2.63 5.44
C GLN A 245 -3.26 3.82 5.33
N GLU A 246 -3.38 4.63 6.38
CA GLU A 246 -4.13 5.90 6.34
C GLU A 246 -3.32 7.04 5.76
N GLY A 247 -2.05 6.81 5.47
CA GLY A 247 -1.17 7.83 4.94
C GLY A 247 -0.35 8.57 5.97
N MET A 248 -0.27 8.06 7.20
CA MET A 248 0.62 8.71 8.14
C MET A 248 2.07 8.45 7.77
N ILE A 249 2.94 9.39 8.13
CA ILE A 249 4.38 9.17 8.05
C ILE A 249 4.77 8.58 9.39
N VAL A 250 5.05 7.28 9.41
CA VAL A 250 5.23 6.53 10.65
C VAL A 250 6.70 6.28 10.92
N LYS A 251 7.13 6.62 12.12
CA LYS A 251 8.44 6.25 12.64
C LYS A 251 8.25 5.24 13.76
N VAL A 252 9.25 4.36 13.93
CA VAL A 252 9.11 3.22 14.84
C VAL A 252 10.31 3.23 15.80
N ALA A 253 10.03 3.05 17.10
CA ALA A 253 11.07 2.84 18.09
C ALA A 253 11.06 1.38 18.54
N GLU A 254 12.24 0.83 18.80
CA GLU A 254 12.36 -0.53 19.29
C GLU A 254 13.62 -0.68 20.12
N VAL A 255 13.59 -1.63 21.06
CA VAL A 255 14.80 -2.08 21.73
C VAL A 255 15.34 -3.38 21.12
N ASP A 256 14.53 -4.10 20.35
CA ASP A 256 14.90 -5.40 19.81
C ASP A 256 15.42 -5.21 18.40
N PRO A 257 16.70 -5.43 18.11
CA PRO A 257 17.21 -5.15 16.77
C PRO A 257 16.57 -5.98 15.68
N ILE A 258 16.10 -7.19 15.99
CA ILE A 258 15.44 -8.01 14.97
C ILE A 258 14.10 -7.36 14.58
N CYS A 259 13.32 -6.96 15.58
CA CYS A 259 12.09 -6.24 15.29
C CYS A 259 12.38 -4.93 14.56
N ALA A 260 13.45 -4.24 14.94
CA ALA A 260 13.81 -3.00 14.25
C ALA A 260 14.17 -3.28 12.79
N MET A 261 14.89 -4.37 12.53
N MET A 261 14.89 -4.37 12.53
CA MET A 261 15.21 -4.74 11.16
CA MET A 261 15.21 -4.74 11.16
C MET A 261 13.94 -4.93 10.33
C MET A 261 13.94 -4.92 10.34
N GLN A 262 12.94 -5.59 10.92
CA GLN A 262 11.68 -5.76 10.19
C GLN A 262 11.03 -4.43 9.87
N ALA A 263 11.08 -3.49 10.82
CA ALA A 263 10.46 -2.18 10.58
C ALA A 263 11.14 -1.45 9.42
N CYS A 264 12.48 -1.50 9.38
CA CYS A 264 13.20 -0.91 8.25
C CYS A 264 12.76 -1.54 6.95
N MET A 265 12.75 -2.87 6.90
CA MET A 265 12.40 -3.55 5.66
C MET A 265 10.94 -3.32 5.28
N ASP A 266 10.07 -3.08 6.28
CA ASP A 266 8.67 -2.78 6.04
C ASP A 266 8.45 -1.33 5.59
N GLY A 267 9.51 -0.53 5.48
CA GLY A 267 9.42 0.82 4.98
C GLY A 267 9.30 1.91 6.02
N PHE A 268 9.69 1.65 7.26
CA PHE A 268 9.65 2.65 8.32
C PHE A 268 11.05 3.11 8.71
N GLU A 269 11.12 4.37 9.10
CA GLU A 269 12.31 4.92 9.73
C GLU A 269 12.33 4.53 11.21
N VAL A 270 13.44 3.97 11.68
CA VAL A 270 13.57 3.58 13.09
C VAL A 270 14.34 4.65 13.86
N VAL A 271 13.72 5.16 14.92
CA VAL A 271 14.23 6.31 15.68
C VAL A 271 14.06 6.00 17.15
N SER A 272 14.78 6.76 17.98
CA SER A 272 14.64 6.69 19.43
C SER A 272 14.20 8.03 19.99
N PRO A 273 13.28 8.05 20.96
CA PRO A 273 13.01 9.31 21.66
C PRO A 273 14.24 9.91 22.32
N TYR A 274 15.27 9.09 22.60
CA TYR A 274 16.46 9.54 23.28
C TYR A 274 17.63 9.65 22.32
N LYS A 275 18.43 10.71 22.50
CA LYS A 275 19.64 10.87 21.71
C LYS A 275 20.53 9.65 21.83
N ASN A 276 20.88 9.06 20.69
CA ASN A 276 21.72 7.87 20.61
C ASN A 276 21.07 6.67 21.28
N GLY A 277 19.77 6.76 21.54
CA GLY A 277 19.00 5.71 22.19
C GLY A 277 19.23 5.56 23.69
N ILE A 278 19.91 6.51 24.34
CA ILE A 278 20.30 6.38 25.74
C ILE A 278 19.44 7.31 26.58
N ASN A 279 18.66 6.73 27.49
CA ASN A 279 17.89 7.53 28.47
C ASN A 279 18.73 7.68 29.74
N ASP A 280 19.29 8.87 29.94
CA ASP A 280 20.12 9.12 31.12
C ASP A 280 19.33 9.82 32.23
N GLY A 281 18.01 9.85 32.13
CA GLY A 281 17.17 10.46 33.15
C GLY A 281 16.99 11.96 33.04
N THR A 282 17.69 12.63 32.13
CA THR A 282 17.65 14.09 32.05
C THR A 282 16.86 14.54 30.82
N GLU A 283 16.34 15.76 30.91
CA GLU A 283 15.66 16.34 29.75
C GLU A 283 16.59 16.45 28.55
N ALA A 284 17.89 16.64 28.82
CA ALA A 284 18.86 16.84 27.74
C ALA A 284 19.02 15.59 26.87
N SER A 285 18.68 14.40 27.37
CA SER A 285 18.78 13.23 26.53
C SER A 285 17.60 13.08 25.58
N ILE A 286 16.54 13.86 25.74
CA ILE A 286 15.38 13.76 24.84
C ILE A 286 15.71 14.37 23.50
N ASP A 287 15.34 13.68 22.43
CA ASP A 287 15.48 14.22 21.07
C ASP A 287 14.30 15.18 20.87
N ALA A 288 14.48 16.42 21.33
CA ALA A 288 13.41 17.40 21.28
C ALA A 288 13.00 17.75 19.85
N ALA A 289 13.97 17.78 18.92
CA ALA A 289 13.62 18.08 17.53
C ALA A 289 12.70 17.02 16.95
N LEU A 290 12.98 15.76 17.25
CA LEU A 290 12.12 14.67 16.81
C LEU A 290 10.73 14.75 17.44
N LEU A 291 10.69 14.83 18.77
CA LEU A 291 9.39 14.80 19.44
C LEU A 291 8.57 16.03 19.10
N GLY A 292 9.21 17.18 18.86
CA GLY A 292 8.47 18.37 18.47
C GLY A 292 7.82 18.31 17.10
N LYS A 293 8.06 17.23 16.35
CA LYS A 293 7.44 17.05 15.05
C LYS A 293 6.36 15.97 15.04
N ILE A 294 6.15 15.29 16.16
CA ILE A 294 5.25 14.13 16.19
C ILE A 294 3.82 14.56 16.51
N ASP A 295 2.85 14.15 15.66
CA ASP A 295 1.44 14.46 15.89
C ASP A 295 0.70 13.39 16.68
N LEU A 296 1.26 12.19 16.77
CA LEU A 296 0.58 11.04 17.37
C LEU A 296 1.63 10.09 17.88
N ILE A 297 1.54 9.71 19.16
CA ILE A 297 2.38 8.66 19.72
C ILE A 297 1.51 7.52 20.22
N VAL A 298 1.91 6.29 19.88
CA VAL A 298 1.17 5.09 20.26
C VAL A 298 2.14 4.14 20.92
N THR A 299 1.83 3.68 22.14
CA THR A 299 2.70 2.72 22.82
C THR A 299 2.16 1.31 22.65
N THR A 300 3.05 0.35 22.36
CA THR A 300 2.63 -1.01 22.01
C THR A 300 3.47 -2.09 22.69
N THR A 301 4.13 -1.78 23.80
CA THR A 301 5.27 -2.61 24.22
C THR A 301 4.96 -3.66 25.27
N GLY A 302 3.92 -3.49 26.09
CA GLY A 302 3.81 -4.31 27.27
C GLY A 302 4.85 -4.01 28.34
N ASN A 303 5.61 -2.94 28.18
CA ASN A 303 6.67 -2.52 29.10
C ASN A 303 6.21 -1.28 29.86
N VAL A 304 7.06 -0.79 30.76
CA VAL A 304 6.69 0.31 31.65
C VAL A 304 7.43 1.58 31.25
N ASN A 305 6.68 2.69 31.23
CA ASN A 305 7.22 4.04 31.08
C ASN A 305 8.01 4.20 29.79
N VAL A 306 7.41 3.75 28.68
CA VAL A 306 8.07 3.93 27.38
C VAL A 306 7.67 5.23 26.69
N CYS A 307 6.66 5.93 27.20
CA CYS A 307 6.40 7.32 26.82
C CYS A 307 6.43 8.08 28.13
N ASP A 308 7.61 8.63 28.49
CA ASP A 308 7.85 9.10 29.85
C ASP A 308 7.58 10.60 29.97
N ALA A 309 7.79 11.13 31.17
CA ALA A 309 7.38 12.52 31.44
C ALA A 309 8.16 13.50 30.57
N ASN A 310 9.46 13.25 30.39
CA ASN A 310 10.27 14.15 29.58
C ASN A 310 9.87 14.12 28.11
N MET A 311 9.48 12.93 27.61
CA MET A 311 8.94 12.84 26.26
C MET A 311 7.63 13.60 26.15
N LEU A 312 6.76 13.51 27.17
CA LEU A 312 5.49 14.21 27.12
C LEU A 312 5.69 15.72 27.12
N LYS A 313 6.69 16.19 27.87
CA LYS A 313 6.99 17.62 27.87
C LYS A 313 7.50 18.09 26.52
N ALA A 314 8.20 17.22 25.79
CA ALA A 314 8.81 17.59 24.52
C ALA A 314 7.86 17.47 23.34
N LEU A 315 6.76 16.73 23.48
CA LEU A 315 5.90 16.47 22.32
C LEU A 315 5.36 17.78 21.73
N LYS A 316 5.19 17.75 20.41
CA LYS A 316 4.52 18.83 19.69
C LYS A 316 3.18 19.22 20.34
N LYS A 317 2.89 20.52 20.37
CA LYS A 317 1.59 20.96 20.88
C LYS A 317 0.45 20.28 20.12
N ARG A 318 -0.55 19.82 20.87
CA ARG A 318 -1.80 19.24 20.36
C ARG A 318 -1.61 17.87 19.75
N ALA A 319 -0.47 17.22 20.00
CA ALA A 319 -0.31 15.82 19.65
C ALA A 319 -1.28 14.93 20.43
N VAL A 320 -1.65 13.82 19.81
CA VAL A 320 -2.48 12.79 20.44
C VAL A 320 -1.56 11.74 21.06
N VAL A 321 -1.89 11.30 22.27
CA VAL A 321 -1.12 10.31 23.01
C VAL A 321 -2.05 9.14 23.33
N CYS A 322 -1.66 7.91 22.99
CA CYS A 322 -2.52 6.78 23.35
C CYS A 322 -1.66 5.53 23.52
N ASN A 323 -2.28 4.52 24.13
CA ASN A 323 -1.64 3.27 24.47
C ASN A 323 -2.52 2.12 24.02
N ILE A 324 -1.95 1.14 23.31
CA ILE A 324 -2.69 -0.05 22.92
C ILE A 324 -2.08 -1.33 23.51
N GLY A 325 -1.05 -1.17 24.34
CA GLY A 325 -0.62 -2.27 25.20
C GLY A 325 -1.65 -2.54 26.30
N HIS A 326 -1.46 -3.63 27.03
CA HIS A 326 -2.51 -4.10 27.95
C HIS A 326 -2.72 -3.17 29.15
N PHE A 327 -1.66 -2.51 29.66
CA PHE A 327 -1.77 -1.78 30.92
C PHE A 327 -1.39 -0.32 30.70
N ASP A 328 -1.98 0.56 31.53
CA ASP A 328 -1.87 1.98 31.28
C ASP A 328 -0.53 2.59 31.69
N ASN A 329 0.37 1.83 32.33
CA ASN A 329 1.64 2.42 32.75
C ASN A 329 2.67 2.52 31.63
N GLU A 330 2.29 2.23 30.38
CA GLU A 330 3.21 2.48 29.27
C GLU A 330 3.51 3.95 29.15
N ILE A 331 2.51 4.78 29.42
CA ILE A 331 2.61 6.25 29.41
C ILE A 331 2.60 6.72 30.86
N ASP A 332 3.40 7.73 31.16
CA ASP A 332 3.42 8.28 32.52
C ASP A 332 2.23 9.21 32.70
N THR A 333 1.03 8.61 32.78
CA THR A 333 -0.16 9.42 33.04
C THR A 333 -0.16 9.97 34.46
N ALA A 334 0.50 9.29 35.40
CA ALA A 334 0.57 9.81 36.76
C ALA A 334 1.29 11.16 36.80
N PHE A 335 2.40 11.29 36.07
CA PHE A 335 3.02 12.60 35.94
C PHE A 335 2.02 13.64 35.44
N MET A 336 1.21 13.28 34.44
CA MET A 336 0.26 14.25 33.90
C MET A 336 -0.86 14.57 34.87
N ARG A 337 -1.32 13.58 35.65
CA ARG A 337 -2.29 13.89 36.70
C ARG A 337 -1.71 14.81 37.74
N LYS A 338 -0.41 14.65 38.03
CA LYS A 338 0.21 15.43 39.10
C LYS A 338 0.38 16.90 38.71
N ASN A 339 0.72 17.17 37.44
CA ASN A 339 1.28 18.46 37.05
C ASN A 339 0.42 19.30 36.11
N TRP A 340 -0.51 18.69 35.39
CA TRP A 340 -1.21 19.37 34.30
C TRP A 340 -2.72 19.25 34.51
N ALA A 341 -3.46 20.21 33.92
CA ALA A 341 -4.91 20.32 34.12
C ALA A 341 -5.64 19.54 33.03
N TRP A 342 -6.55 18.66 33.45
CA TRP A 342 -7.27 17.81 32.51
C TRP A 342 -8.63 18.42 32.21
N GLU A 343 -8.92 18.58 30.91
CA GLU A 343 -10.22 19.04 30.42
C GLU A 343 -10.88 17.89 29.66
N GLU A 344 -11.99 17.37 30.17
CA GLU A 344 -12.69 16.31 29.46
C GLU A 344 -13.37 16.86 28.21
N VAL A 345 -13.03 16.33 27.04
CA VAL A 345 -13.73 16.71 25.81
C VAL A 345 -15.06 15.97 25.71
N LYS A 346 -14.97 14.66 25.87
CA LYS A 346 -16.08 13.73 25.94
C LYS A 346 -15.53 12.47 26.60
N PRO A 347 -16.38 11.50 26.93
CA PRO A 347 -15.85 10.31 27.63
C PRO A 347 -14.65 9.69 26.91
N GLN A 348 -13.61 9.38 27.70
CA GLN A 348 -12.37 8.75 27.22
C GLN A 348 -11.57 9.64 26.26
N VAL A 349 -11.79 10.95 26.28
CA VAL A 349 -10.98 11.90 25.51
C VAL A 349 -10.70 13.10 26.42
N HIS A 350 -9.42 13.36 26.72
CA HIS A 350 -9.06 14.47 27.59
C HIS A 350 -8.01 15.33 26.92
N LYS A 351 -8.18 16.64 27.01
CA LYS A 351 -7.10 17.57 26.74
C LYS A 351 -6.30 17.76 28.02
N ILE A 352 -4.98 17.68 27.92
CA ILE A 352 -4.11 17.79 29.08
C ILE A 352 -3.30 19.06 28.88
N HIS A 353 -3.58 20.09 29.69
CA HIS A 353 -3.05 21.42 29.45
C HIS A 353 -1.70 21.55 30.16
N ARG A 354 -0.65 21.77 29.37
CA ARG A 354 0.71 21.80 29.90
C ARG A 354 1.08 23.14 30.51
N THR A 355 0.10 24.03 30.67
CA THR A 355 0.29 25.34 31.27
C THR A 355 0.28 25.31 32.79
N GLY A 356 0.01 24.17 33.41
CA GLY A 356 -0.04 24.10 34.85
C GLY A 356 -1.14 23.21 35.38
N LYS A 357 -1.16 23.05 36.70
CA LYS A 357 -2.05 22.13 37.37
C LYS A 357 -3.40 22.76 37.69
N ASP A 358 -3.40 24.03 38.11
CA ASP A 358 -4.57 24.66 38.69
C ASP A 358 -5.32 25.43 37.62
N GLY A 359 -6.27 24.76 37.00
CA GLY A 359 -7.12 25.38 36.00
C GLY A 359 -6.43 25.55 34.67
N PHE A 360 -7.23 25.94 33.68
CA PHE A 360 -6.73 26.07 32.31
C PHE A 360 -7.55 27.14 31.59
N ASP A 361 -6.91 27.72 30.59
CA ASP A 361 -7.59 28.61 29.64
C ASP A 361 -8.31 27.75 28.62
N ALA A 362 -9.62 27.99 28.43
CA ALA A 362 -10.39 27.20 27.48
C ALA A 362 -9.82 27.30 26.06
N HIS A 363 -9.09 28.37 25.75
CA HIS A 363 -8.50 28.53 24.43
C HIS A 363 -6.99 28.35 24.44
N ASN A 364 -6.43 27.75 25.49
CA ASN A 364 -5.01 27.43 25.52
C ASN A 364 -4.67 26.54 24.33
N ASP A 365 -3.55 26.84 23.68
CA ASP A 365 -3.08 26.06 22.54
C ASP A 365 -2.07 24.98 22.94
N ASP A 366 -1.58 25.01 24.17
CA ASP A 366 -0.53 24.08 24.61
C ASP A 366 -1.15 22.94 25.42
N TYR A 367 -1.74 21.99 24.72
CA TYR A 367 -2.30 20.81 25.35
C TYR A 367 -1.94 19.59 24.51
N LEU A 368 -2.08 18.43 25.12
CA LEU A 368 -2.03 17.14 24.44
C LEU A 368 -3.42 16.53 24.52
N ILE A 369 -3.75 15.64 23.59
CA ILE A 369 -5.00 14.90 23.65
C ILE A 369 -4.68 13.46 24.04
N LEU A 370 -5.18 13.05 25.20
CA LEU A 370 -4.98 11.71 25.73
C LEU A 370 -6.26 10.91 25.55
N LEU A 371 -6.14 9.71 25.00
CA LEU A 371 -7.28 8.83 24.75
C LEU A 371 -7.35 7.72 25.79
N ALA A 372 -8.59 7.41 26.21
CA ALA A 372 -8.91 6.35 27.17
C ALA A 372 -8.07 6.44 28.45
N GLU A 373 -7.67 7.65 28.84
CA GLU A 373 -6.83 7.86 30.02
C GLU A 373 -5.61 6.93 30.02
N GLY A 374 -5.08 6.65 28.82
CA GLY A 374 -3.92 5.79 28.70
C GLY A 374 -4.19 4.30 28.73
N ARG A 375 -5.45 3.88 28.87
CA ARG A 375 -5.81 2.46 28.82
C ARG A 375 -5.98 2.04 27.37
N LEU A 376 -6.07 0.72 27.16
CA LEU A 376 -6.12 0.13 25.82
C LEU A 376 -7.04 0.92 24.92
N VAL A 377 -6.49 1.59 23.91
CA VAL A 377 -7.26 2.62 23.20
C VAL A 377 -8.26 1.99 22.22
N ASN A 378 -7.93 0.84 21.62
CA ASN A 378 -8.86 0.26 20.65
C ASN A 378 -10.17 -0.14 21.31
N LEU A 379 -10.10 -0.68 22.53
CA LEU A 379 -11.29 -1.05 23.28
C LEU A 379 -11.91 0.15 23.99
N GLY A 380 -11.09 1.13 24.40
CA GLY A 380 -11.61 2.25 25.15
C GLY A 380 -12.33 3.27 24.30
N ASN A 381 -11.81 3.55 23.10
CA ASN A 381 -12.41 4.56 22.25
C ASN A 381 -13.13 3.98 21.04
N ALA A 382 -13.05 2.66 20.82
CA ALA A 382 -13.84 2.01 19.79
C ALA A 382 -14.41 0.70 20.34
N THR A 383 -14.38 -0.40 19.57
CA THR A 383 -14.95 -1.65 20.05
C THR A 383 -13.92 -2.77 20.01
N GLY A 384 -12.64 -2.42 19.99
CA GLY A 384 -11.60 -3.44 19.91
C GLY A 384 -11.66 -4.18 18.58
N HIS A 385 -11.12 -5.40 18.61
CA HIS A 385 -11.00 -6.18 17.38
C HIS A 385 -12.37 -6.57 16.83
N PRO A 386 -12.48 -6.79 15.52
CA PRO A 386 -13.75 -7.24 14.95
C PRO A 386 -13.99 -8.73 15.20
N SER A 387 -15.27 -9.12 15.12
CA SER A 387 -15.66 -10.49 15.40
C SER A 387 -14.86 -11.51 14.59
N ARG A 388 -14.68 -11.27 13.29
CA ARG A 388 -14.05 -12.31 12.46
C ARG A 388 -12.61 -12.55 12.86
N ILE A 389 -11.95 -11.58 13.50
CA ILE A 389 -10.61 -11.78 14.02
C ILE A 389 -10.67 -12.45 15.39
N MET A 390 -11.57 -11.99 16.27
CA MET A 390 -11.70 -12.60 17.60
C MET A 390 -12.15 -14.05 17.51
N ASP A 391 -12.78 -14.43 16.40
CA ASP A 391 -13.15 -15.83 16.15
C ASP A 391 -11.95 -16.76 16.38
N GLY A 392 -10.78 -16.39 15.85
CA GLY A 392 -9.62 -17.25 15.99
C GLY A 392 -9.18 -17.36 17.43
N SER A 393 -9.03 -16.23 18.11
CA SER A 393 -8.64 -16.23 19.51
C SER A 393 -9.60 -17.07 20.35
N PHE A 394 -10.89 -16.86 20.16
CA PHE A 394 -11.85 -17.43 21.09
C PHE A 394 -12.12 -18.90 20.79
N ALA A 395 -11.96 -19.32 19.53
CA ALA A 395 -11.96 -20.76 19.24
C ALA A 395 -10.85 -21.47 20.00
N ASN A 396 -9.65 -20.89 20.00
CA ASN A 396 -8.56 -21.44 20.79
C ASN A 396 -8.91 -21.48 22.27
N GLN A 397 -9.58 -20.44 22.77
CA GLN A 397 -9.99 -20.40 24.18
C GLN A 397 -10.90 -21.58 24.51
N VAL A 398 -11.90 -21.83 23.67
CA VAL A 398 -12.83 -22.93 23.93
C VAL A 398 -12.09 -24.26 23.92
N LEU A 399 -11.23 -24.47 22.93
CA LEU A 399 -10.47 -25.71 22.86
C LEU A 399 -9.56 -25.89 24.07
N ALA A 400 -8.98 -24.79 24.55
CA ALA A 400 -8.10 -24.88 25.72
C ALA A 400 -8.89 -25.21 26.97
N GLN A 401 -10.05 -24.59 27.13
CA GLN A 401 -10.92 -24.90 28.26
C GLN A 401 -11.33 -26.36 28.23
N ILE A 402 -11.72 -26.88 27.06
CA ILE A 402 -12.13 -28.28 26.99
C ILE A 402 -10.96 -29.18 27.38
N HIS A 403 -9.77 -28.86 26.88
CA HIS A 403 -8.62 -29.72 27.13
C HIS A 403 -8.28 -29.76 28.62
N LEU A 404 -8.22 -28.59 29.27
CA LEU A 404 -7.83 -28.58 30.67
C LEU A 404 -8.92 -29.13 31.57
N PHE A 405 -10.19 -28.85 31.24
CA PHE A 405 -11.29 -29.39 32.04
C PHE A 405 -11.35 -30.90 31.95
N GLU A 406 -11.09 -31.46 30.77
CA GLU A 406 -11.08 -32.91 30.64
C GLU A 406 -9.87 -33.56 31.32
N GLN A 407 -8.77 -32.80 31.49
CA GLN A 407 -7.58 -33.35 32.14
C GLN A 407 -7.78 -33.55 33.65
N LYS A 408 -8.60 -32.71 34.29
CA LYS A 408 -8.96 -32.82 35.71
C LYS A 408 -7.73 -32.79 36.62
N TYR A 409 -6.95 -31.71 36.50
CA TYR A 409 -5.73 -31.58 37.29
C TYR A 409 -6.01 -31.60 38.79
N ALA A 410 -7.08 -30.92 39.21
CA ALA A 410 -7.37 -30.80 40.64
C ALA A 410 -7.65 -32.14 41.31
N ASP A 411 -7.97 -33.17 40.54
CA ASP A 411 -8.26 -34.50 41.10
C ASP A 411 -7.07 -35.44 41.04
N LEU A 412 -5.91 -34.98 40.60
CA LEU A 412 -4.77 -35.85 40.47
C LEU A 412 -4.03 -35.97 41.81
N PRO A 413 -3.36 -37.10 42.04
CA PRO A 413 -2.46 -37.18 43.20
C PRO A 413 -1.32 -36.18 43.05
N ALA A 414 -0.76 -35.78 44.19
CA ALA A 414 0.24 -34.70 44.18
C ALA A 414 1.44 -35.03 43.31
N ALA A 415 1.80 -36.32 43.20
CA ALA A 415 2.88 -36.71 42.32
C ALA A 415 2.57 -36.37 40.86
N GLU A 416 1.41 -36.80 40.37
CA GLU A 416 1.02 -36.44 39.01
C GLU A 416 0.84 -34.93 38.85
N LYS A 417 0.53 -34.23 39.95
CA LYS A 417 0.36 -32.78 39.85
C LYS A 417 1.68 -32.09 39.52
N ALA A 418 2.78 -32.54 40.13
CA ALA A 418 4.08 -31.97 39.81
C ALA A 418 4.45 -32.23 38.34
N LYS A 419 4.06 -33.39 37.82
CA LYS A 419 4.38 -33.73 36.43
C LYS A 419 3.55 -32.93 35.44
N ARG A 420 2.40 -32.39 35.84
CA ARG A 420 1.52 -31.69 34.93
C ARG A 420 1.51 -30.18 35.12
N LEU A 421 2.12 -29.66 36.19
CA LEU A 421 2.12 -28.22 36.42
C LEU A 421 2.95 -27.50 35.36
N SER A 422 2.30 -27.03 34.30
CA SER A 422 3.03 -26.48 33.17
C SER A 422 2.22 -25.38 32.50
N VAL A 423 2.90 -24.61 31.67
CA VAL A 423 2.28 -23.66 30.76
C VAL A 423 2.52 -24.19 29.35
N GLU A 424 1.46 -24.64 28.69
CA GLU A 424 1.53 -25.31 27.40
C GLU A 424 0.78 -24.51 26.35
N VAL A 425 1.10 -24.78 25.09
CA VAL A 425 0.30 -24.30 23.98
C VAL A 425 -0.51 -25.46 23.42
N LEU A 426 -1.54 -25.12 22.65
CA LEU A 426 -2.31 -26.11 21.94
C LEU A 426 -1.49 -26.71 20.80
N PRO A 427 -1.74 -27.96 20.43
CA PRO A 427 -0.98 -28.57 19.34
C PRO A 427 -1.23 -27.87 18.01
N LYS A 428 -0.24 -27.95 17.12
CA LYS A 428 -0.34 -27.25 15.84
C LYS A 428 -1.50 -27.76 15.01
N LYS A 429 -1.84 -29.05 15.13
CA LYS A 429 -2.98 -29.57 14.38
C LYS A 429 -4.26 -28.79 14.69
N LEU A 430 -4.48 -28.48 15.97
CA LEU A 430 -5.67 -27.71 16.34
C LEU A 430 -5.59 -26.28 15.81
N ASP A 431 -4.41 -25.67 15.90
CA ASP A 431 -4.15 -24.34 15.34
C ASP A 431 -4.54 -24.31 13.86
N GLU A 432 -4.11 -25.34 13.12
CA GLU A 432 -4.45 -25.43 11.70
C GLU A 432 -5.94 -25.59 11.49
N GLU A 433 -6.61 -26.39 12.32
CA GLU A 433 -8.04 -26.60 12.14
C GLU A 433 -8.82 -25.31 12.40
N VAL A 434 -8.42 -24.51 13.40
CA VAL A 434 -9.02 -23.20 13.58
C VAL A 434 -8.82 -22.35 12.33
N ALA A 435 -7.59 -22.33 11.83
CA ALA A 435 -7.28 -21.51 10.65
C ALA A 435 -8.14 -21.90 9.45
N LEU A 436 -8.34 -23.21 9.24
CA LEU A 436 -9.12 -23.65 8.10
C LEU A 436 -10.54 -23.10 8.16
N GLU A 437 -11.15 -23.11 9.36
CA GLU A 437 -12.50 -22.57 9.47
C GLU A 437 -12.51 -21.07 9.20
N MET A 438 -11.46 -20.35 9.64
CA MET A 438 -11.37 -18.93 9.33
C MET A 438 -11.26 -18.70 7.83
N VAL A 439 -10.41 -19.48 7.15
CA VAL A 439 -10.24 -19.33 5.72
C VAL A 439 -11.55 -19.59 4.98
N LYS A 440 -12.27 -20.64 5.38
CA LYS A 440 -13.57 -20.91 4.77
C LYS A 440 -14.53 -19.75 4.99
N GLY A 441 -14.39 -19.03 6.10
CA GLY A 441 -15.27 -17.90 6.35
C GLY A 441 -15.07 -16.76 5.37
N PHE A 442 -13.86 -16.64 4.82
CA PHE A 442 -13.58 -15.70 3.74
C PHE A 442 -13.96 -16.26 2.37
N GLY A 443 -14.46 -17.49 2.29
CA GLY A 443 -14.63 -18.13 1.00
C GLY A 443 -13.36 -18.66 0.39
N GLY A 444 -12.27 -18.72 1.15
CA GLY A 444 -11.02 -19.24 0.60
C GLY A 444 -11.06 -20.75 0.42
N VAL A 445 -10.30 -21.23 -0.56
CA VAL A 445 -10.24 -22.66 -0.89
C VAL A 445 -8.80 -23.14 -0.69
N VAL A 446 -8.60 -24.02 0.29
CA VAL A 446 -7.29 -24.59 0.58
C VAL A 446 -7.08 -25.80 -0.31
N THR A 447 -5.92 -25.87 -0.96
CA THR A 447 -5.58 -27.02 -1.80
C THR A 447 -5.19 -28.21 -0.94
N GLN A 448 -5.55 -29.40 -1.40
CA GLN A 448 -5.16 -30.64 -0.74
C GLN A 448 -3.93 -31.23 -1.44
N LEU A 449 -2.91 -31.57 -0.66
CA LEU A 449 -1.73 -32.23 -1.22
C LEU A 449 -2.10 -33.57 -1.83
N THR A 450 -1.41 -33.92 -2.93
CA THR A 450 -1.46 -35.30 -3.38
C THR A 450 -0.60 -36.15 -2.46
N PRO A 451 -0.83 -37.46 -2.43
CA PRO A 451 0.08 -38.32 -1.65
C PRO A 451 1.55 -38.16 -2.04
N LYS A 452 1.85 -38.06 -3.34
CA LYS A 452 3.24 -37.89 -3.75
C LYS A 452 3.82 -36.57 -3.26
N GLN A 453 3.02 -35.49 -3.31
CA GLN A 453 3.50 -34.21 -2.80
C GLN A 453 3.73 -34.26 -1.30
N ALA A 454 2.81 -34.89 -0.56
CA ALA A 454 2.98 -34.96 0.89
C ALA A 454 4.21 -35.75 1.27
N GLU A 455 4.47 -36.84 0.55
CA GLU A 455 5.71 -37.58 0.76
C GLU A 455 6.93 -36.72 0.43
N TYR A 456 6.83 -35.90 -0.61
CA TYR A 456 7.99 -35.15 -1.09
C TYR A 456 8.47 -34.15 -0.05
N ILE A 457 7.55 -33.49 0.65
CA ILE A 457 7.91 -32.53 1.68
C ILE A 457 7.84 -33.11 3.07
N GLY A 458 7.51 -34.40 3.20
CA GLY A 458 7.54 -35.07 4.48
C GLY A 458 6.45 -34.69 5.47
N VAL A 459 5.22 -34.52 4.99
CA VAL A 459 4.08 -34.22 5.86
C VAL A 459 2.94 -35.20 5.54
N SER A 460 2.00 -35.30 6.48
CA SER A 460 0.74 -35.97 6.21
C SER A 460 -0.16 -35.08 5.36
N VAL A 461 -0.98 -35.71 4.52
CA VAL A 461 -1.91 -34.91 3.72
C VAL A 461 -2.84 -34.11 4.62
N GLU A 462 -3.14 -34.62 5.80
CA GLU A 462 -4.03 -33.91 6.71
C GLU A 462 -3.30 -32.93 7.62
N GLY A 463 -1.98 -32.82 7.50
CA GLY A 463 -1.22 -31.99 8.40
C GLY A 463 -0.86 -32.71 9.69
N PRO A 464 -0.05 -32.08 10.55
CA PRO A 464 0.42 -30.68 10.40
C PRO A 464 1.42 -30.48 9.26
N PHE A 465 1.47 -29.25 8.76
CA PHE A 465 2.23 -28.94 7.56
C PHE A 465 3.58 -28.31 7.85
N LYS A 466 3.83 -27.93 9.10
CA LYS A 466 5.03 -27.20 9.46
C LYS A 466 5.60 -27.79 10.75
N PRO A 467 6.92 -27.77 10.91
CA PRO A 467 7.48 -28.19 12.20
C PRO A 467 7.17 -27.15 13.27
N ASP A 468 7.28 -27.57 14.52
CA ASP A 468 6.94 -26.64 15.61
C ASP A 468 7.86 -25.43 15.66
N THR A 469 9.05 -25.50 15.06
CA THR A 469 9.95 -24.35 15.01
C THR A 469 9.52 -23.28 14.01
N TYR A 470 8.54 -23.56 13.15
CA TYR A 470 8.23 -22.64 12.06
C TYR A 470 7.61 -21.35 12.58
N ARG A 471 8.01 -20.21 12.01
CA ARG A 471 7.60 -18.92 12.54
C ARG A 471 6.51 -18.22 11.76
N TYR A 472 6.17 -18.69 10.55
CA TYR A 472 5.12 -18.07 9.74
C TYR A 472 5.45 -16.60 9.46
N GLY B 12 -32.72 35.55 25.71
CA GLY B 12 -34.02 35.12 25.23
C GLY B 12 -34.05 34.75 23.76
N PHE B 13 -32.92 34.28 23.24
CA PHE B 13 -32.83 33.88 21.84
C PHE B 13 -33.57 32.57 21.63
N THR B 14 -34.56 32.58 20.72
CA THR B 14 -35.40 31.43 20.48
C THR B 14 -35.49 31.04 19.01
N ASP B 15 -34.75 31.72 18.13
CA ASP B 15 -34.90 31.59 16.69
C ASP B 15 -34.03 30.44 16.19
N TYR B 16 -34.38 29.23 16.63
CA TYR B 16 -33.63 28.03 16.24
C TYR B 16 -34.46 26.80 16.54
N LYS B 17 -34.00 25.65 16.06
CA LYS B 17 -34.55 24.38 16.52
C LYS B 17 -33.47 23.31 16.38
N VAL B 18 -33.06 22.75 17.52
CA VAL B 18 -32.04 21.72 17.55
C VAL B 18 -32.51 20.61 18.47
N ALA B 19 -31.77 19.49 18.45
CA ALA B 19 -32.17 18.33 19.24
C ALA B 19 -32.10 18.63 20.75
N ASP B 20 -31.04 19.29 21.20
CA ASP B 20 -30.80 19.43 22.64
C ASP B 20 -29.80 20.55 22.84
N ILE B 21 -30.27 21.70 23.30
CA ILE B 21 -29.42 22.86 23.45
C ILE B 21 -28.35 22.64 24.53
N THR B 22 -28.58 21.72 25.46
CA THR B 22 -27.60 21.47 26.53
C THR B 22 -26.34 20.77 26.03
N LEU B 23 -26.31 20.35 24.78
CA LEU B 23 -25.09 19.82 24.18
C LEU B 23 -24.12 20.91 23.75
N ALA B 24 -24.46 22.18 24.00
CA ALA B 24 -23.72 23.30 23.40
C ALA B 24 -22.29 23.37 23.91
N ALA B 25 -22.08 23.15 25.22
CA ALA B 25 -20.71 23.23 25.75
C ALA B 25 -19.82 22.18 25.12
N TRP B 26 -20.34 20.96 24.93
CA TRP B 26 -19.59 19.91 24.25
C TRP B 26 -19.28 20.30 22.81
N GLY B 27 -20.28 20.83 22.10
CA GLY B 27 -20.03 21.32 20.75
C GLY B 27 -18.93 22.37 20.71
N ARG B 28 -18.91 23.27 21.70
CA ARG B 28 -17.92 24.34 21.73
C ARG B 28 -16.51 23.79 21.95
N ARG B 29 -16.37 22.78 22.82
CA ARG B 29 -15.06 22.15 22.99
C ARG B 29 -14.57 21.58 21.67
N GLU B 30 -15.46 20.93 20.91
CA GLU B 30 -15.07 20.33 19.63
C GLU B 30 -14.81 21.39 18.56
N LEU B 31 -15.55 22.52 18.58
CA LEU B 31 -15.24 23.62 17.67
C LEU B 31 -13.84 24.19 17.94
N ILE B 32 -13.47 24.32 19.21
CA ILE B 32 -12.17 24.89 19.56
C ILE B 32 -11.04 23.96 19.07
N ILE B 33 -11.24 22.65 19.20
CA ILE B 33 -10.28 21.70 18.62
C ILE B 33 -10.27 21.83 17.10
N ALA B 34 -11.45 21.85 16.49
CA ALA B 34 -11.51 21.89 15.02
C ALA B 34 -10.82 23.13 14.45
N GLU B 35 -10.94 24.27 15.13
CA GLU B 35 -10.25 25.48 14.67
C GLU B 35 -8.75 25.24 14.50
N SER B 36 -8.15 24.46 15.42
CA SER B 36 -6.72 24.17 15.33
C SER B 36 -6.38 23.24 14.17
N GLU B 37 -7.38 22.58 13.60
CA GLU B 37 -7.20 21.69 12.46
C GLU B 37 -7.55 22.35 11.12
N MET B 38 -7.95 23.62 11.13
CA MET B 38 -8.46 24.29 9.92
C MET B 38 -7.70 25.59 9.70
N PRO B 39 -6.41 25.52 9.33
CA PRO B 39 -5.59 26.73 9.25
C PRO B 39 -5.94 27.65 8.08
N ALA B 40 -6.40 27.10 6.96
CA ALA B 40 -6.80 27.98 5.86
C ALA B 40 -8.00 28.81 6.24
N LEU B 41 -9.00 28.18 6.84
CA LEU B 41 -10.23 28.86 7.21
C LEU B 41 -9.97 29.87 8.33
N MET B 42 -9.19 29.47 9.34
CA MET B 42 -8.89 30.40 10.42
C MET B 42 -7.95 31.50 9.95
N GLY B 43 -7.09 31.19 8.98
CA GLY B 43 -6.29 32.25 8.36
C GLY B 43 -7.16 33.32 7.73
N LEU B 44 -8.26 32.92 7.08
CA LEU B 44 -9.15 33.91 6.48
C LEU B 44 -9.81 34.75 7.55
N ARG B 45 -10.19 34.12 8.66
CA ARG B 45 -10.73 34.84 9.80
C ARG B 45 -9.78 35.94 10.25
N ARG B 46 -8.51 35.61 10.47
CA ARG B 46 -7.57 36.61 10.96
C ARG B 46 -7.24 37.64 9.89
N LYS B 47 -7.23 37.24 8.62
CA LYS B 47 -6.86 38.15 7.55
C LYS B 47 -7.95 39.20 7.30
N TYR B 48 -9.21 38.80 7.35
CA TYR B 48 -10.32 39.65 6.90
C TYR B 48 -11.18 40.20 8.03
N ALA B 49 -10.94 39.81 9.28
CA ALA B 49 -11.84 40.24 10.36
C ALA B 49 -11.91 41.76 10.46
N GLY B 50 -10.77 42.45 10.29
CA GLY B 50 -10.77 43.90 10.40
C GLY B 50 -11.52 44.58 9.26
N GLN B 51 -11.44 44.01 8.06
CA GLN B 51 -12.06 44.61 6.89
C GLN B 51 -13.57 44.36 6.84
N GLN B 52 -14.06 43.31 7.50
CA GLN B 52 -15.48 42.96 7.50
C GLN B 52 -16.03 42.89 6.07
N PRO B 53 -15.47 42.02 5.22
CA PRO B 53 -15.91 42.00 3.81
C PRO B 53 -17.32 41.49 3.62
N LEU B 54 -17.92 40.84 4.63
CA LEU B 54 -19.28 40.32 4.52
C LEU B 54 -20.27 41.14 5.34
N LYS B 55 -19.87 42.34 5.78
CA LYS B 55 -20.83 43.23 6.45
C LYS B 55 -21.96 43.57 5.50
N GLY B 56 -23.19 43.29 5.92
CA GLY B 56 -24.36 43.47 5.08
C GLY B 56 -24.80 42.20 4.36
N ALA B 57 -23.95 41.18 4.32
CA ALA B 57 -24.34 39.90 3.75
C ALA B 57 -25.33 39.20 4.66
N LYS B 58 -26.36 38.62 4.06
CA LYS B 58 -27.37 37.86 4.79
CA LYS B 58 -27.39 37.88 4.78
C LYS B 58 -27.53 36.54 4.06
N ILE B 59 -26.94 35.50 4.62
CA ILE B 59 -26.69 34.24 3.91
C ILE B 59 -27.68 33.17 4.37
N LEU B 60 -28.43 32.62 3.42
CA LEU B 60 -29.13 31.36 3.62
C LEU B 60 -28.15 30.23 3.38
N GLY B 61 -27.92 29.39 4.39
CA GLY B 61 -26.98 28.29 4.27
C GLY B 61 -27.67 26.95 4.44
N CYS B 62 -27.37 25.99 3.54
CA CYS B 62 -27.94 24.65 3.64
C CYS B 62 -26.80 23.65 3.39
N ILE B 63 -26.22 23.13 4.47
CA ILE B 63 -25.15 22.16 4.37
C ILE B 63 -25.02 21.46 5.72
N HIS B 64 -24.74 20.15 5.66
CA HIS B 64 -24.50 19.28 6.81
C HIS B 64 -24.06 20.04 8.05
N MET B 65 -24.88 20.04 9.11
CA MET B 65 -24.59 20.82 10.32
C MET B 65 -23.66 20.03 11.25
N THR B 66 -22.42 19.88 10.77
CA THR B 66 -21.30 19.24 11.47
C THR B 66 -20.48 20.27 12.23
N ILE B 67 -19.54 19.78 13.02
CA ILE B 67 -18.56 20.66 13.67
C ILE B 67 -17.81 21.48 12.63
N GLN B 68 -17.45 20.86 11.51
CA GLN B 68 -16.73 21.59 10.46
C GLN B 68 -17.56 22.72 9.88
N THR B 69 -18.84 22.47 9.62
CA THR B 69 -19.74 23.53 9.19
C THR B 69 -19.87 24.61 10.25
N GLY B 70 -19.81 24.25 11.54
CA GLY B 70 -19.81 25.26 12.58
C GLY B 70 -18.67 26.26 12.44
N VAL B 71 -17.47 25.76 12.13
CA VAL B 71 -16.33 26.66 11.96
C VAL B 71 -16.52 27.55 10.73
N LEU B 72 -17.10 26.99 9.65
CA LEU B 72 -17.46 27.79 8.49
C LEU B 72 -18.44 28.91 8.85
N ILE B 73 -19.55 28.55 9.51
CA ILE B 73 -20.56 29.53 9.92
C ILE B 73 -19.92 30.65 10.74
N GLU B 74 -19.13 30.28 11.73
CA GLU B 74 -18.58 31.31 12.60
C GLU B 74 -17.52 32.13 11.89
N THR B 75 -16.89 31.59 10.83
CA THR B 75 -16.00 32.41 10.00
C THR B 75 -16.80 33.44 9.21
N LEU B 76 -17.93 33.03 8.63
CA LEU B 76 -18.76 33.98 7.87
C LEU B 76 -19.27 35.09 8.78
N VAL B 77 -19.73 34.72 9.97
CA VAL B 77 -20.20 35.71 10.94
C VAL B 77 -19.06 36.62 11.39
N ALA B 78 -17.88 36.05 11.64
CA ALA B 78 -16.73 36.84 12.06
C ALA B 78 -16.34 37.87 11.01
N LEU B 79 -16.61 37.59 9.74
CA LEU B 79 -16.33 38.52 8.66
C LEU B 79 -17.48 39.49 8.39
N GLY B 80 -18.55 39.41 9.19
CA GLY B 80 -19.64 40.39 9.14
C GLY B 80 -20.98 39.85 8.69
N ALA B 81 -21.08 38.59 8.26
CA ALA B 81 -22.34 38.12 7.73
C ALA B 81 -23.34 37.84 8.85
N GLU B 82 -24.63 37.90 8.50
CA GLU B 82 -25.65 37.20 9.25
C GLU B 82 -26.07 35.99 8.44
N VAL B 83 -26.48 34.92 9.12
CA VAL B 83 -26.84 33.67 8.45
C VAL B 83 -28.11 33.10 9.07
N ARG B 84 -28.79 32.26 8.29
CA ARG B 84 -29.85 31.37 8.79
C ARG B 84 -29.58 30.00 8.18
N TRP B 85 -29.46 28.97 9.01
CA TRP B 85 -28.83 27.73 8.58
C TRP B 85 -29.72 26.50 8.71
N SER B 86 -29.59 25.57 7.75
CA SER B 86 -30.19 24.25 7.88
C SER B 86 -29.19 23.22 7.34
N SER B 87 -29.44 21.95 7.64
CA SER B 87 -28.64 20.85 7.09
C SER B 87 -29.19 20.46 5.72
N CYS B 88 -28.30 19.92 4.86
CA CYS B 88 -28.76 19.41 3.58
C CYS B 88 -28.97 17.91 3.57
N ASN B 89 -28.98 17.27 4.75
CA ASN B 89 -29.28 15.84 4.83
C ASN B 89 -29.92 15.55 6.17
N ILE B 90 -30.88 14.61 6.18
CA ILE B 90 -31.62 14.32 7.40
C ILE B 90 -30.80 13.63 8.47
N PHE B 91 -29.67 12.99 8.12
CA PHE B 91 -28.87 12.22 9.08
C PHE B 91 -27.49 12.83 9.35
N SER B 92 -27.12 13.93 8.71
CA SER B 92 -25.73 14.35 8.74
C SER B 92 -25.40 15.34 9.85
N THR B 93 -26.39 15.91 10.52
CA THR B 93 -26.11 16.86 11.59
C THR B 93 -25.43 16.18 12.76
N GLN B 94 -24.44 16.88 13.35
CA GLN B 94 -23.91 16.56 14.67
C GLN B 94 -24.65 17.43 15.67
N ASP B 95 -25.47 16.82 16.52
CA ASP B 95 -26.34 17.61 17.38
C ASP B 95 -25.54 18.54 18.30
N GLN B 96 -24.32 18.17 18.68
CA GLN B 96 -23.57 19.11 19.52
C GLN B 96 -23.09 20.31 18.73
N ALA B 97 -22.84 20.13 17.43
CA ALA B 97 -22.50 21.26 16.58
C ALA B 97 -23.70 22.21 16.44
N ALA B 98 -24.86 21.64 16.12
CA ALA B 98 -26.06 22.47 16.01
C ALA B 98 -26.32 23.23 17.31
N ALA B 99 -26.18 22.57 18.46
CA ALA B 99 -26.43 23.23 19.74
C ALA B 99 -25.47 24.39 19.96
N ALA B 100 -24.18 24.19 19.64
CA ALA B 100 -23.20 25.24 19.87
C ALA B 100 -23.51 26.45 19.01
N ILE B 101 -23.94 26.23 17.77
CA ILE B 101 -24.28 27.35 16.90
C ILE B 101 -25.51 28.10 17.43
N ALA B 102 -26.55 27.36 17.81
CA ALA B 102 -27.76 27.99 18.34
C ALA B 102 -27.46 28.75 19.63
N ALA B 103 -26.61 28.20 20.49
CA ALA B 103 -26.30 28.86 21.75
C ALA B 103 -25.47 30.12 21.54
N ALA B 104 -24.86 30.27 20.36
CA ALA B 104 -24.14 31.48 20.01
C ALA B 104 -25.07 32.55 19.43
N GLY B 105 -26.38 32.29 19.41
CA GLY B 105 -27.31 33.27 18.88
C GLY B 105 -27.48 33.24 17.38
N ILE B 106 -27.12 32.14 16.73
CA ILE B 106 -27.18 32.03 15.28
C ILE B 106 -28.38 31.15 14.93
N PRO B 107 -29.32 31.61 14.08
CA PRO B 107 -30.46 30.75 13.71
C PRO B 107 -30.01 29.49 12.96
N VAL B 108 -30.31 28.33 13.55
CA VAL B 108 -30.02 27.05 12.91
C VAL B 108 -31.19 26.11 13.19
N PHE B 109 -31.59 25.37 12.17
CA PHE B 109 -32.72 24.44 12.25
C PHE B 109 -32.20 23.10 11.72
N ALA B 110 -31.79 22.22 12.63
CA ALA B 110 -31.09 21.02 12.18
C ALA B 110 -30.94 20.04 13.34
N TRP B 111 -31.18 18.76 13.05
CA TRP B 111 -30.88 17.71 14.01
C TRP B 111 -30.67 16.40 13.26
N LYS B 112 -30.03 15.48 13.95
CA LYS B 112 -29.75 14.17 13.36
C LYS B 112 -31.03 13.34 13.45
N GLY B 113 -31.44 12.77 12.33
CA GLY B 113 -32.64 11.95 12.31
C GLY B 113 -33.92 12.68 11.97
N GLU B 114 -33.86 13.68 11.11
CA GLU B 114 -35.08 14.37 10.65
C GLU B 114 -35.93 13.44 9.80
N THR B 115 -37.25 13.69 9.81
CA THR B 115 -38.10 13.15 8.77
C THR B 115 -37.98 14.03 7.53
N GLU B 116 -38.51 13.54 6.40
CA GLU B 116 -38.47 14.37 5.19
C GLU B 116 -39.32 15.62 5.35
N GLU B 117 -40.44 15.54 6.06
CA GLU B 117 -41.24 16.74 6.31
C GLU B 117 -40.46 17.72 7.19
N GLU B 118 -39.79 17.23 8.23
CA GLU B 118 -38.97 18.10 9.08
C GLU B 118 -37.85 18.75 8.29
N TYR B 119 -37.23 17.98 7.38
CA TYR B 119 -36.16 18.51 6.54
C TYR B 119 -36.63 19.72 5.74
N GLU B 120 -37.78 19.60 5.09
CA GLU B 120 -38.33 20.71 4.32
C GLU B 120 -38.66 21.89 5.23
N TRP B 121 -39.24 21.60 6.40
CA TRP B 121 -39.60 22.67 7.33
C TRP B 121 -38.36 23.42 7.79
N CYS B 122 -37.24 22.71 8.03
CA CYS B 122 -36.02 23.39 8.44
C CYS B 122 -35.52 24.37 7.38
N ILE B 123 -35.53 23.96 6.11
CA ILE B 123 -35.11 24.89 5.06
C ILE B 123 -36.03 26.11 5.06
N GLU B 124 -37.33 25.88 5.18
CA GLU B 124 -38.30 26.98 5.17
C GLU B 124 -38.08 27.93 6.35
N GLN B 125 -37.62 27.41 7.50
CA GLN B 125 -37.35 28.30 8.64
C GLN B 125 -36.16 29.21 8.39
N THR B 126 -35.23 28.81 7.53
CA THR B 126 -34.16 29.76 7.19
C THR B 126 -34.68 30.81 6.21
N ILE B 127 -35.52 30.40 5.25
CA ILE B 127 -36.03 31.30 4.23
C ILE B 127 -36.94 32.37 4.83
N LEU B 128 -37.79 31.98 5.79
CA LEU B 128 -38.75 32.87 6.41
C LEU B 128 -38.25 33.32 7.76
N LYS B 129 -38.47 34.59 8.08
CA LYS B 129 -38.26 35.07 9.43
C LYS B 129 -39.50 35.83 9.88
N ASP B 130 -40.07 35.42 11.02
CA ASP B 130 -41.32 35.99 11.50
C ASP B 130 -42.43 35.84 10.47
N GLY B 131 -42.41 34.73 9.75
CA GLY B 131 -43.46 34.39 8.82
C GLY B 131 -43.39 35.10 7.49
N GLN B 132 -42.34 35.86 7.23
CA GLN B 132 -42.21 36.61 5.98
C GLN B 132 -40.82 36.34 5.44
N PRO B 133 -40.62 36.49 4.14
CA PRO B 133 -39.29 36.29 3.56
C PRO B 133 -38.21 37.09 4.29
N TRP B 134 -37.13 36.40 4.67
CA TRP B 134 -35.97 37.06 5.23
C TRP B 134 -35.34 37.98 4.17
N ASP B 135 -34.63 39.00 4.62
CA ASP B 135 -33.97 39.88 3.65
C ASP B 135 -32.63 39.29 3.21
N ALA B 136 -32.71 38.07 2.70
CA ALA B 136 -31.52 37.34 2.25
C ALA B 136 -30.91 38.00 1.02
N ASN B 137 -29.60 37.86 0.88
CA ASN B 137 -28.96 38.34 -0.35
C ASN B 137 -27.82 37.43 -0.79
N MET B 138 -27.58 36.31 -0.10
CA MET B 138 -26.57 35.34 -0.51
C MET B 138 -27.09 33.95 -0.19
N VAL B 139 -26.61 32.95 -0.96
CA VAL B 139 -27.01 31.56 -0.76
C VAL B 139 -25.76 30.71 -0.73
N LEU B 140 -25.66 29.81 0.26
CA LEU B 140 -24.63 28.78 0.33
C LEU B 140 -25.34 27.44 0.40
N ASP B 141 -25.05 26.54 -0.56
CA ASP B 141 -25.85 25.34 -0.74
C ASP B 141 -24.93 24.16 -0.97
N ASP B 142 -25.42 22.96 -0.62
CA ASP B 142 -24.71 21.71 -0.81
C ASP B 142 -25.76 20.73 -1.35
N GLY B 143 -25.82 20.62 -2.66
CA GLY B 143 -26.69 19.66 -3.31
C GLY B 143 -27.83 20.28 -4.06
N GLY B 144 -28.11 21.56 -3.82
CA GLY B 144 -29.09 22.28 -4.59
C GLY B 144 -30.52 22.30 -4.08
N ASP B 145 -30.82 21.71 -2.91
CA ASP B 145 -32.22 21.69 -2.44
C ASP B 145 -32.72 23.09 -2.07
N LEU B 146 -31.91 23.85 -1.33
CA LEU B 146 -32.30 25.23 -1.02
C LEU B 146 -32.44 26.05 -2.30
N THR B 147 -31.49 25.89 -3.23
CA THR B 147 -31.54 26.60 -4.51
C THR B 147 -32.83 26.29 -5.26
N GLU B 148 -33.23 25.02 -5.28
CA GLU B 148 -34.44 24.61 -5.99
C GLU B 148 -35.69 25.24 -5.35
N ILE B 149 -35.78 25.22 -4.02
CA ILE B 149 -36.95 25.77 -3.34
C ILE B 149 -37.06 27.27 -3.59
N LEU B 150 -35.92 27.97 -3.59
CA LEU B 150 -35.95 29.40 -3.89
C LEU B 150 -36.46 29.67 -5.30
N HIS B 151 -35.98 28.92 -6.29
CA HIS B 151 -36.41 29.18 -7.66
C HIS B 151 -37.88 28.81 -7.87
N LYS B 152 -38.32 27.72 -7.25
CA LYS B 152 -39.68 27.25 -7.45
C LYS B 152 -40.70 28.07 -6.68
N LYS B 153 -40.36 28.42 -5.43
CA LYS B 153 -41.35 28.95 -4.51
C LYS B 153 -41.12 30.41 -4.12
N TYR B 154 -39.89 30.92 -4.20
CA TYR B 154 -39.60 32.28 -3.76
C TYR B 154 -38.83 33.09 -4.82
N PRO B 155 -39.33 33.16 -6.04
CA PRO B 155 -38.61 33.96 -7.06
C PRO B 155 -38.40 35.41 -6.65
N GLN B 156 -39.34 36.02 -5.90
CA GLN B 156 -39.14 37.42 -5.54
C GLN B 156 -37.93 37.60 -4.62
N MET B 157 -37.59 36.58 -3.82
CA MET B 157 -36.37 36.67 -3.02
C MET B 157 -35.14 36.63 -3.90
N LEU B 158 -35.15 35.86 -4.97
CA LEU B 158 -33.96 35.75 -5.80
C LEU B 158 -33.61 37.08 -6.47
N GLU B 159 -34.60 37.97 -6.69
CA GLU B 159 -34.29 39.27 -7.27
C GLU B 159 -33.27 40.04 -6.45
N ARG B 160 -33.21 39.79 -5.14
CA ARG B 160 -32.35 40.54 -4.23
C ARG B 160 -31.13 39.72 -3.80
N ILE B 161 -30.91 38.57 -4.40
CA ILE B 161 -29.80 37.71 -4.04
C ILE B 161 -28.68 37.85 -5.06
N HIS B 162 -27.45 38.02 -4.56
CA HIS B 162 -26.29 38.30 -5.40
C HIS B 162 -25.64 37.04 -5.95
N GLY B 163 -25.92 35.88 -5.38
CA GLY B 163 -25.32 34.69 -5.93
C GLY B 163 -25.45 33.51 -4.99
N ILE B 164 -25.04 32.37 -5.53
CA ILE B 164 -25.09 31.07 -4.87
C ILE B 164 -23.67 30.51 -4.89
N THR B 165 -23.21 29.99 -3.75
CA THR B 165 -21.94 29.24 -3.75
C THR B 165 -22.26 27.79 -3.43
N GLU B 166 -22.03 26.90 -4.40
CA GLU B 166 -22.51 25.53 -4.37
C GLU B 166 -21.37 24.55 -4.12
N GLU B 167 -21.57 23.66 -3.15
CA GLU B 167 -20.49 22.83 -2.61
C GLU B 167 -20.18 21.61 -3.48
N THR B 168 -21.17 20.98 -4.09
CA THR B 168 -20.97 19.59 -4.46
C THR B 168 -21.35 19.30 -5.90
N THR B 169 -20.78 18.19 -6.41
CA THR B 169 -20.93 17.82 -7.81
C THR B 169 -22.39 17.79 -8.24
N THR B 170 -23.24 17.15 -7.44
CA THR B 170 -24.66 17.04 -7.80
C THR B 170 -25.32 18.41 -7.88
N GLY B 171 -25.03 19.29 -6.92
CA GLY B 171 -25.61 20.62 -6.96
C GLY B 171 -25.14 21.42 -8.15
N VAL B 172 -23.87 21.28 -8.53
CA VAL B 172 -23.39 22.01 -9.71
C VAL B 172 -24.09 21.53 -10.97
N HIS B 173 -24.28 20.21 -11.09
CA HIS B 173 -25.05 19.70 -12.23
C HIS B 173 -26.43 20.33 -12.29
N ARG B 174 -27.11 20.44 -11.13
CA ARG B 174 -28.43 21.05 -11.11
C ARG B 174 -28.37 22.52 -11.53
N LEU B 175 -27.31 23.23 -11.12
CA LEU B 175 -27.14 24.62 -11.55
C LEU B 175 -26.94 24.71 -13.05
N LEU B 176 -26.12 23.82 -13.61
CA LEU B 176 -25.84 23.90 -15.04
C LEU B 176 -27.07 23.56 -15.87
N ASP B 177 -27.93 22.68 -15.35
CA ASP B 177 -29.20 22.42 -16.02
C ASP B 177 -30.07 23.68 -16.05
N MET B 178 -30.17 24.37 -14.92
CA MET B 178 -30.92 25.62 -14.90
C MET B 178 -30.33 26.64 -15.86
N LEU B 179 -29.00 26.76 -15.88
CA LEU B 179 -28.37 27.71 -16.80
C LEU B 179 -28.73 27.37 -18.24
N LYS B 180 -28.61 26.09 -18.60
CA LYS B 180 -28.96 25.62 -19.93
C LYS B 180 -30.41 25.95 -20.29
N ASN B 181 -31.33 25.74 -19.34
CA ASN B 181 -32.75 25.96 -19.58
C ASN B 181 -33.14 27.44 -19.46
N GLY B 182 -32.20 28.30 -19.12
CA GLY B 182 -32.56 29.69 -18.87
C GLY B 182 -33.44 29.92 -17.67
N THR B 183 -33.41 29.03 -16.67
CA THR B 183 -34.20 29.20 -15.45
C THR B 183 -33.37 29.63 -14.25
N LEU B 184 -32.04 29.67 -14.37
CA LEU B 184 -31.19 30.13 -13.26
C LEU B 184 -31.29 31.64 -13.13
N LYS B 185 -31.59 32.13 -11.92
CA LYS B 185 -31.92 33.54 -11.71
C LYS B 185 -30.76 34.37 -11.18
N VAL B 186 -29.74 33.73 -10.59
CA VAL B 186 -28.59 34.45 -10.03
C VAL B 186 -27.33 33.67 -10.36
N PRO B 187 -26.18 34.34 -10.41
CA PRO B 187 -24.94 33.63 -10.74
C PRO B 187 -24.47 32.75 -9.61
N ALA B 188 -23.57 31.83 -9.95
CA ALA B 188 -23.08 30.89 -8.95
C ALA B 188 -21.58 30.71 -9.07
N ILE B 189 -20.96 30.35 -7.96
CA ILE B 189 -19.59 29.82 -7.98
C ILE B 189 -19.67 28.33 -7.68
N ASN B 190 -19.12 27.56 -8.60
CA ASN B 190 -18.85 26.13 -8.46
C ASN B 190 -17.66 25.95 -7.52
N VAL B 191 -17.94 25.80 -6.22
CA VAL B 191 -16.88 25.57 -5.24
C VAL B 191 -16.30 24.17 -5.41
N ASN B 192 -17.11 23.23 -5.90
CA ASN B 192 -16.67 21.84 -6.02
C ASN B 192 -15.40 21.72 -6.84
N ASP B 193 -15.27 22.50 -7.90
CA ASP B 193 -14.19 22.23 -8.84
C ASP B 193 -12.90 23.01 -8.57
N SER B 194 -12.77 23.66 -7.41
CA SER B 194 -11.42 23.99 -6.95
C SER B 194 -10.67 22.70 -6.72
N VAL B 195 -9.35 22.71 -6.99
CA VAL B 195 -8.60 21.47 -6.76
C VAL B 195 -8.54 21.18 -5.27
N THR B 196 -8.45 22.23 -4.45
CA THR B 196 -8.47 22.09 -2.99
C THR B 196 -9.85 21.73 -2.47
N LYS B 197 -10.83 21.54 -3.34
CA LYS B 197 -12.10 20.93 -2.96
C LYS B 197 -12.22 19.55 -3.62
N SER B 198 -12.41 19.50 -4.95
CA SER B 198 -12.71 18.24 -5.61
C SER B 198 -11.66 17.15 -5.32
N LYS B 199 -10.37 17.49 -5.44
CA LYS B 199 -9.32 16.47 -5.30
C LYS B 199 -8.72 16.45 -3.90
N ASN B 200 -9.46 16.94 -2.93
CA ASN B 200 -9.12 16.96 -1.51
C ASN B 200 -10.30 16.34 -0.76
N ASP B 201 -11.40 17.08 -0.74
CA ASP B 201 -12.65 16.66 -0.12
C ASP B 201 -13.24 15.41 -0.79
N ASN B 202 -13.55 15.49 -2.09
CA ASN B 202 -14.31 14.39 -2.71
C ASN B 202 -13.53 13.08 -2.66
N LYS B 203 -12.22 13.16 -2.87
CA LYS B 203 -11.37 11.95 -2.91
C LYS B 203 -10.84 11.59 -1.52
N TYR B 204 -9.94 12.41 -0.97
CA TYR B 204 -9.30 12.03 0.29
C TYR B 204 -10.28 12.07 1.47
N GLY B 205 -11.30 12.92 1.41
CA GLY B 205 -12.28 12.91 2.48
C GLY B 205 -13.01 11.59 2.55
N CYS B 206 -13.42 11.05 1.40
CA CYS B 206 -14.06 9.74 1.40
C CYS B 206 -13.08 8.62 1.75
N ARG B 207 -11.79 8.80 1.42
CA ARG B 207 -10.79 7.82 1.86
CA ARG B 207 -10.81 7.81 1.86
C ARG B 207 -10.79 7.69 3.38
N HIS B 208 -10.81 8.82 4.08
CA HIS B 208 -10.85 8.81 5.54
C HIS B 208 -12.18 8.28 6.07
N SER B 209 -13.30 8.73 5.49
CA SER B 209 -14.55 8.58 6.21
C SER B 209 -15.43 7.41 5.75
N LEU B 210 -15.14 6.77 4.62
CA LEU B 210 -15.98 5.63 4.22
C LEU B 210 -15.71 4.43 5.12
N ASN B 211 -14.45 3.99 5.23
CA ASN B 211 -14.22 2.85 6.12
CA ASN B 211 -14.18 2.87 6.13
C ASN B 211 -14.54 3.21 7.56
N ASP B 212 -14.41 4.49 7.93
CA ASP B 212 -14.83 4.96 9.26
C ASP B 212 -16.30 4.66 9.53
N ALA B 213 -17.20 5.10 8.62
CA ALA B 213 -18.62 4.86 8.80
C ALA B 213 -18.96 3.38 8.78
N ILE B 214 -18.30 2.59 7.91
CA ILE B 214 -18.63 1.16 7.87
C ILE B 214 -18.25 0.50 9.19
N LYS B 215 -17.09 0.86 9.76
CA LYS B 215 -16.69 0.29 11.05
C LYS B 215 -17.65 0.70 12.16
N ARG B 216 -18.04 1.99 12.20
CA ARG B 216 -18.94 2.42 13.26
C ARG B 216 -20.30 1.75 13.14
N GLY B 217 -20.78 1.56 11.91
CA GLY B 217 -22.07 0.95 11.71
C GLY B 217 -22.12 -0.56 11.94
N THR B 218 -21.09 -1.29 11.52
CA THR B 218 -21.13 -2.74 11.55
C THR B 218 -20.03 -3.39 12.39
N ASP B 219 -18.93 -2.67 12.63
CA ASP B 219 -17.72 -3.26 13.25
C ASP B 219 -17.24 -4.51 12.50
N HIS B 220 -17.58 -4.63 11.21
CA HIS B 220 -17.11 -5.77 10.41
C HIS B 220 -15.63 -5.65 10.08
N LEU B 221 -14.91 -6.77 10.19
CA LEU B 221 -13.61 -6.87 9.55
C LEU B 221 -13.77 -6.63 8.04
N LEU B 222 -12.88 -5.81 7.48
CA LEU B 222 -12.91 -5.56 6.03
C LEU B 222 -11.80 -6.30 5.29
N SER B 223 -10.62 -6.46 5.92
CA SER B 223 -9.52 -7.20 5.30
C SER B 223 -9.96 -8.58 4.83
N GLY B 224 -9.56 -8.94 3.61
CA GLY B 224 -9.84 -10.25 3.06
C GLY B 224 -11.21 -10.42 2.44
N LYS B 225 -12.10 -9.43 2.57
CA LYS B 225 -13.45 -9.52 2.04
C LYS B 225 -13.56 -8.81 0.69
N GLN B 226 -14.65 -9.11 -0.04
CA GLN B 226 -14.84 -8.62 -1.39
CA GLN B 226 -14.82 -8.61 -1.39
C GLN B 226 -15.77 -7.42 -1.42
N ALA B 227 -15.32 -6.34 -2.07
CA ALA B 227 -16.10 -5.12 -2.21
C ALA B 227 -16.33 -4.81 -3.69
N LEU B 228 -17.49 -4.23 -3.98
CA LEU B 228 -17.78 -3.67 -5.30
C LEU B 228 -18.07 -2.19 -5.14
N VAL B 229 -17.25 -1.35 -5.76
CA VAL B 229 -17.45 0.10 -5.73
C VAL B 229 -18.05 0.49 -7.08
N ILE B 230 -19.24 1.09 -7.07
CA ILE B 230 -19.88 1.56 -8.30
C ILE B 230 -19.46 3.00 -8.52
N GLY B 231 -18.63 3.23 -9.53
CA GLY B 231 -18.12 4.55 -9.86
C GLY B 231 -16.65 4.71 -9.50
N TYR B 232 -15.94 5.52 -10.30
CA TYR B 232 -14.52 5.77 -10.10
C TYR B 232 -14.18 7.20 -10.50
N GLY B 233 -15.08 8.12 -10.17
CA GLY B 233 -14.80 9.55 -10.19
C GLY B 233 -14.05 9.90 -8.93
N ASP B 234 -14.16 11.16 -8.48
CA ASP B 234 -13.38 11.55 -7.32
C ASP B 234 -13.80 10.79 -6.07
N VAL B 235 -15.11 10.64 -5.86
CA VAL B 235 -15.59 9.91 -4.69
C VAL B 235 -15.30 8.42 -4.81
N GLY B 236 -15.51 7.84 -6.00
CA GLY B 236 -15.20 6.43 -6.17
C GLY B 236 -13.72 6.11 -6.05
N LYS B 237 -12.86 7.03 -6.48
CA LYS B 237 -11.42 6.84 -6.29
C LYS B 237 -11.08 6.79 -4.80
N GLY B 238 -11.57 7.77 -4.03
CA GLY B 238 -11.29 7.81 -2.61
C GLY B 238 -11.93 6.65 -1.86
N SER B 239 -13.14 6.26 -2.28
CA SER B 239 -13.83 5.15 -1.64
C SER B 239 -13.10 3.84 -1.89
N SER B 240 -12.69 3.60 -3.13
CA SER B 240 -11.92 2.40 -3.46
C SER B 240 -10.63 2.33 -2.63
N GLN B 241 -9.95 3.45 -2.47
CA GLN B 241 -8.74 3.46 -1.65
C GLN B 241 -9.07 3.20 -0.18
N SER B 242 -10.17 3.79 0.32
CA SER B 242 -10.59 3.56 1.71
C SER B 242 -10.72 2.08 2.02
N LEU B 243 -11.24 1.32 1.06
CA LEU B 243 -11.45 -0.11 1.27
C LEU B 243 -10.19 -0.92 1.00
N ARG B 244 -9.47 -0.59 -0.07
CA ARG B 244 -8.28 -1.36 -0.42
C ARG B 244 -7.21 -1.24 0.65
N GLN B 245 -7.08 -0.04 1.26
CA GLN B 245 -6.03 0.17 2.26
C GLN B 245 -6.32 -0.61 3.53
N GLU B 246 -7.57 -0.99 3.74
CA GLU B 246 -7.96 -1.89 4.83
C GLU B 246 -7.73 -3.35 4.48
N GLY B 247 -7.35 -3.67 3.24
CA GLY B 247 -7.16 -5.06 2.83
C GLY B 247 -8.34 -5.68 2.11
N MET B 248 -9.36 -4.91 1.73
CA MET B 248 -10.41 -5.51 0.93
C MET B 248 -9.88 -5.83 -0.47
N ILE B 249 -10.50 -6.84 -1.08
CA ILE B 249 -10.34 -7.12 -2.51
C ILE B 249 -11.42 -6.32 -3.21
N VAL B 250 -11.03 -5.24 -3.88
CA VAL B 250 -11.97 -4.24 -4.41
C VAL B 250 -12.10 -4.39 -5.92
N LYS B 251 -13.34 -4.51 -6.39
CA LYS B 251 -13.69 -4.44 -7.80
C LYS B 251 -14.44 -3.15 -8.04
N VAL B 252 -14.31 -2.60 -9.24
CA VAL B 252 -14.81 -1.27 -9.57
C VAL B 252 -15.66 -1.39 -10.82
N ALA B 253 -16.83 -0.75 -10.80
CA ALA B 253 -17.65 -0.64 -11.99
C ALA B 253 -17.65 0.80 -12.46
N GLU B 254 -17.74 1.01 -13.77
CA GLU B 254 -17.75 2.36 -14.34
C GLU B 254 -18.46 2.35 -15.68
N VAL B 255 -19.08 3.48 -16.02
CA VAL B 255 -19.56 3.69 -17.38
C VAL B 255 -18.59 4.53 -18.21
N ASP B 256 -17.63 5.21 -17.58
CA ASP B 256 -16.70 6.10 -18.25
C ASP B 256 -15.42 5.32 -18.53
N PRO B 257 -15.06 5.06 -19.79
CA PRO B 257 -13.87 4.22 -20.04
C PRO B 257 -12.58 4.84 -19.55
N ILE B 258 -12.49 6.17 -19.46
CA ILE B 258 -11.26 6.79 -18.98
C ILE B 258 -11.11 6.54 -17.48
N CYS B 259 -12.19 6.73 -16.73
CA CYS B 259 -12.17 6.41 -15.30
C CYS B 259 -11.91 4.92 -15.08
N ALA B 260 -12.49 4.05 -15.90
CA ALA B 260 -12.21 2.62 -15.79
C ALA B 260 -10.73 2.32 -16.07
N MET B 261 -10.15 2.98 -17.08
N MET B 261 -10.14 2.98 -17.07
CA MET B 261 -8.71 2.82 -17.33
CA MET B 261 -8.71 2.80 -17.32
C MET B 261 -7.90 3.16 -16.09
C MET B 261 -7.90 3.16 -16.09
N GLN B 262 -8.27 4.24 -15.40
CA GLN B 262 -7.56 4.62 -14.19
C GLN B 262 -7.66 3.54 -13.12
N ALA B 263 -8.86 2.96 -12.96
CA ALA B 263 -9.04 1.89 -11.98
C ALA B 263 -8.14 0.71 -12.30
N CYS B 264 -8.08 0.32 -13.57
CA CYS B 264 -7.18 -0.79 -13.94
C CYS B 264 -5.75 -0.44 -13.60
N MET B 265 -5.29 0.73 -14.03
CA MET B 265 -3.90 1.11 -13.79
C MET B 265 -3.60 1.28 -12.31
N ASP B 266 -4.61 1.65 -11.52
CA ASP B 266 -4.44 1.73 -10.06
C ASP B 266 -4.50 0.37 -9.38
N GLY B 267 -4.68 -0.71 -10.12
CA GLY B 267 -4.59 -2.04 -9.55
C GLY B 267 -5.90 -2.68 -9.16
N PHE B 268 -7.01 -2.24 -9.72
CA PHE B 268 -8.32 -2.78 -9.44
C PHE B 268 -8.81 -3.59 -10.63
N GLU B 269 -9.60 -4.62 -10.36
CA GLU B 269 -10.32 -5.31 -11.41
C GLU B 269 -11.60 -4.54 -11.73
N VAL B 270 -11.84 -4.27 -13.01
CA VAL B 270 -13.03 -3.53 -13.44
C VAL B 270 -14.08 -4.51 -13.94
N VAL B 271 -15.25 -4.51 -13.29
CA VAL B 271 -16.33 -5.45 -13.58
C VAL B 271 -17.64 -4.69 -13.75
N SER B 272 -18.62 -5.37 -14.35
CA SER B 272 -19.97 -4.80 -14.42
C SER B 272 -20.94 -5.71 -13.67
N PRO B 273 -21.92 -5.15 -12.96
CA PRO B 273 -22.99 -5.99 -12.41
C PRO B 273 -23.76 -6.74 -13.48
N TYR B 274 -23.69 -6.31 -14.73
CA TYR B 274 -24.48 -6.86 -15.82
C TYR B 274 -23.57 -7.60 -16.78
N LYS B 275 -24.07 -8.72 -17.31
CA LYS B 275 -23.29 -9.50 -18.26
C LYS B 275 -23.00 -8.65 -19.48
N ASN B 276 -21.72 -8.55 -19.83
CA ASN B 276 -21.24 -7.70 -20.93
C ASN B 276 -21.60 -6.23 -20.73
N GLY B 277 -21.88 -5.82 -19.49
CA GLY B 277 -22.20 -4.44 -19.17
C GLY B 277 -23.55 -3.95 -19.64
N ILE B 278 -24.45 -4.83 -20.09
CA ILE B 278 -25.72 -4.43 -20.70
C ILE B 278 -26.81 -4.50 -19.64
N ASN B 279 -27.35 -3.33 -19.27
CA ASN B 279 -28.35 -3.22 -18.21
C ASN B 279 -29.71 -3.11 -18.89
N ASP B 280 -30.30 -4.28 -19.20
CA ASP B 280 -31.57 -4.31 -19.90
C ASP B 280 -32.77 -4.47 -18.97
N GLY B 281 -32.57 -4.47 -17.66
CA GLY B 281 -33.66 -4.53 -16.73
C GLY B 281 -34.13 -5.92 -16.35
N THR B 282 -33.51 -6.96 -16.88
CA THR B 282 -33.91 -8.33 -16.60
C THR B 282 -33.03 -8.91 -15.49
N GLU B 283 -33.62 -9.81 -14.69
CA GLU B 283 -32.83 -10.58 -13.74
C GLU B 283 -31.75 -11.38 -14.44
N ALA B 284 -32.04 -11.84 -15.66
CA ALA B 284 -31.09 -12.67 -16.40
C ALA B 284 -29.83 -11.91 -16.73
N SER B 285 -29.90 -10.58 -16.82
CA SER B 285 -28.71 -9.81 -17.16
C SER B 285 -27.73 -9.71 -15.99
N ILE B 286 -28.13 -10.07 -14.77
CA ILE B 286 -27.25 -9.91 -13.61
C ILE B 286 -26.19 -10.99 -13.63
N ASP B 287 -24.94 -10.59 -13.42
CA ASP B 287 -23.86 -11.52 -13.17
C ASP B 287 -24.02 -12.07 -11.74
N ALA B 288 -24.84 -13.11 -11.59
CA ALA B 288 -25.15 -13.64 -10.26
C ALA B 288 -23.92 -14.24 -9.57
N ALA B 289 -23.00 -14.81 -10.34
CA ALA B 289 -21.76 -15.34 -9.77
C ALA B 289 -20.96 -14.22 -9.11
N LEU B 290 -20.81 -13.09 -9.80
CA LEU B 290 -20.12 -11.94 -9.22
C LEU B 290 -20.84 -11.41 -8.00
N LEU B 291 -22.13 -11.07 -8.13
CA LEU B 291 -22.85 -10.47 -7.02
C LEU B 291 -22.89 -11.38 -5.81
N GLY B 292 -22.92 -12.70 -6.03
CA GLY B 292 -22.97 -13.67 -4.95
C GLY B 292 -21.68 -13.80 -4.16
N LYS B 293 -20.59 -13.15 -4.60
CA LYS B 293 -19.31 -13.14 -3.92
C LYS B 293 -19.03 -11.84 -3.18
N ILE B 294 -19.88 -10.84 -3.32
CA ILE B 294 -19.60 -9.50 -2.84
C ILE B 294 -20.08 -9.34 -1.42
N ASP B 295 -19.19 -8.91 -0.53
CA ASP B 295 -19.53 -8.68 0.87
C ASP B 295 -19.97 -7.25 1.14
N LEU B 296 -19.65 -6.32 0.25
CA LEU B 296 -19.89 -4.90 0.49
C LEU B 296 -20.05 -4.22 -0.86
N ILE B 297 -21.13 -3.47 -1.05
CA ILE B 297 -21.28 -2.64 -2.24
C ILE B 297 -21.42 -1.18 -1.80
N VAL B 298 -20.69 -0.30 -2.49
CA VAL B 298 -20.72 1.13 -2.22
C VAL B 298 -21.00 1.88 -3.51
N THR B 299 -22.02 2.75 -3.50
CA THR B 299 -22.34 3.55 -4.67
C THR B 299 -21.77 4.96 -4.51
N THR B 300 -21.17 5.48 -5.60
CA THR B 300 -20.44 6.75 -5.56
C THR B 300 -20.72 7.65 -6.76
N THR B 301 -21.87 7.50 -7.43
CA THR B 301 -22.00 7.99 -8.80
C THR B 301 -22.69 9.34 -8.94
N GLY B 302 -23.57 9.71 -8.01
CA GLY B 302 -24.48 10.80 -8.29
C GLY B 302 -25.53 10.50 -9.34
N ASN B 303 -25.68 9.23 -9.71
CA ASN B 303 -26.64 8.79 -10.72
C ASN B 303 -27.80 8.09 -10.00
N VAL B 304 -28.74 7.56 -10.78
CA VAL B 304 -29.95 6.96 -10.23
C VAL B 304 -29.92 5.46 -10.44
N ASN B 305 -30.23 4.70 -9.39
CA ASN B 305 -30.52 3.27 -9.51
C ASN B 305 -29.33 2.48 -10.02
N VAL B 306 -28.14 2.78 -9.46
CA VAL B 306 -26.95 2.04 -9.86
C VAL B 306 -26.72 0.82 -8.98
N CYS B 307 -27.48 0.68 -7.91
CA CYS B 307 -27.55 -0.57 -7.15
C CYS B 307 -29.03 -0.93 -7.16
N ASP B 308 -29.45 -1.66 -8.20
CA ASP B 308 -30.87 -1.79 -8.49
C ASP B 308 -31.47 -3.02 -7.81
N ALA B 309 -32.77 -3.23 -8.04
CA ALA B 309 -33.47 -4.29 -7.34
C ALA B 309 -32.93 -5.67 -7.69
N ASN B 310 -32.54 -5.88 -8.95
CA ASN B 310 -32.05 -7.19 -9.35
C ASN B 310 -30.65 -7.45 -8.78
N MET B 311 -29.82 -6.41 -8.67
CA MET B 311 -28.56 -6.54 -7.95
C MET B 311 -28.82 -6.87 -6.47
N LEU B 312 -29.78 -6.18 -5.85
CA LEU B 312 -30.05 -6.44 -4.43
C LEU B 312 -30.52 -7.87 -4.22
N LYS B 313 -31.28 -8.41 -5.17
CA LYS B 313 -31.75 -9.79 -5.05
C LYS B 313 -30.61 -10.78 -5.21
N ALA B 314 -29.60 -10.45 -5.99
CA ALA B 314 -28.51 -11.37 -6.27
C ALA B 314 -27.37 -11.29 -5.27
N LEU B 315 -27.33 -10.25 -4.42
CA LEU B 315 -26.18 -10.08 -3.55
C LEU B 315 -26.02 -11.25 -2.59
N LYS B 316 -24.76 -11.51 -2.24
CA LYS B 316 -24.44 -12.47 -1.20
C LYS B 316 -25.24 -12.21 0.06
N LYS B 317 -25.69 -13.29 0.71
CA LYS B 317 -26.35 -13.15 2.01
C LYS B 317 -25.47 -12.36 2.96
N ARG B 318 -26.08 -11.42 3.68
CA ARG B 318 -25.50 -10.62 4.75
C ARG B 318 -24.48 -9.59 4.26
N ALA B 319 -24.45 -9.31 2.97
CA ALA B 319 -23.63 -8.23 2.45
C ALA B 319 -24.10 -6.88 2.99
N VAL B 320 -23.17 -5.93 3.06
CA VAL B 320 -23.45 -4.56 3.47
C VAL B 320 -23.65 -3.71 2.21
N VAL B 321 -24.70 -2.88 2.23
CA VAL B 321 -25.07 -1.99 1.14
C VAL B 321 -25.04 -0.56 1.65
N CYS B 322 -24.31 0.33 0.97
CA CYS B 322 -24.31 1.72 1.39
C CYS B 322 -24.04 2.63 0.20
N ASN B 323 -24.31 3.92 0.42
CA ASN B 323 -24.20 4.94 -0.61
C ASN B 323 -23.45 6.12 -0.02
N ILE B 324 -22.47 6.63 -0.77
CA ILE B 324 -21.70 7.81 -0.39
C ILE B 324 -21.84 8.93 -1.43
N GLY B 325 -22.70 8.72 -2.46
CA GLY B 325 -23.14 9.84 -3.28
C GLY B 325 -24.14 10.72 -2.55
N HIS B 326 -24.48 11.86 -3.17
CA HIS B 326 -25.25 12.85 -2.43
C HIS B 326 -26.67 12.39 -2.07
N PHE B 327 -27.38 11.72 -2.98
CA PHE B 327 -28.79 11.40 -2.77
C PHE B 327 -28.98 9.88 -2.64
N ASP B 328 -30.06 9.48 -1.95
CA ASP B 328 -30.32 8.07 -1.61
C ASP B 328 -30.97 7.26 -2.72
N ASN B 329 -31.17 7.81 -3.90
CA ASN B 329 -31.74 7.02 -5.00
C ASN B 329 -30.68 6.27 -5.80
N GLU B 330 -29.41 6.30 -5.38
CA GLU B 330 -28.42 5.45 -6.02
C GLU B 330 -28.74 3.99 -5.80
N ILE B 331 -29.32 3.68 -4.64
CA ILE B 331 -29.78 2.35 -4.28
C ILE B 331 -31.30 2.35 -4.37
N ASP B 332 -31.87 1.27 -4.90
CA ASP B 332 -33.33 1.15 -4.97
C ASP B 332 -33.86 0.72 -3.60
N THR B 333 -33.80 1.65 -2.65
CA THR B 333 -34.37 1.36 -1.34
C THR B 333 -35.91 1.34 -1.37
N ALA B 334 -36.52 2.01 -2.34
CA ALA B 334 -37.98 1.94 -2.46
C ALA B 334 -38.42 0.50 -2.69
N PHE B 335 -37.71 -0.21 -3.57
CA PHE B 335 -37.98 -1.62 -3.77
C PHE B 335 -37.87 -2.39 -2.45
N MET B 336 -36.83 -2.09 -1.65
CA MET B 336 -36.67 -2.83 -0.41
C MET B 336 -37.77 -2.49 0.59
N ARG B 337 -38.21 -1.22 0.63
CA ARG B 337 -39.33 -0.90 1.52
C ARG B 337 -40.59 -1.64 1.12
N LYS B 338 -40.80 -1.82 -0.19
CA LYS B 338 -42.06 -2.39 -0.65
C LYS B 338 -42.11 -3.91 -0.49
N ASN B 339 -40.97 -4.58 -0.50
CA ASN B 339 -40.93 -6.03 -0.64
C ASN B 339 -40.34 -6.77 0.55
N TRP B 340 -39.47 -6.13 1.34
CA TRP B 340 -38.71 -6.83 2.35
C TRP B 340 -38.92 -6.20 3.72
N ALA B 341 -38.67 -7.00 4.76
CA ALA B 341 -38.90 -6.59 6.13
C ALA B 341 -37.64 -5.95 6.69
N TRP B 342 -37.79 -4.78 7.31
CA TRP B 342 -36.67 -4.04 7.86
C TRP B 342 -36.60 -4.24 9.37
N GLU B 343 -35.43 -4.61 9.87
CA GLU B 343 -35.17 -4.75 11.29
C GLU B 343 -34.08 -3.77 11.68
N GLU B 344 -34.41 -2.80 12.53
CA GLU B 344 -33.41 -1.84 12.96
C GLU B 344 -32.44 -2.49 13.94
N VAL B 345 -31.16 -2.45 13.62
CA VAL B 345 -30.12 -2.91 14.55
C VAL B 345 -29.84 -1.84 15.60
N LYS B 346 -29.65 -0.62 15.15
CA LYS B 346 -29.40 0.55 15.96
C LYS B 346 -29.59 1.72 15.00
N PRO B 347 -29.58 2.97 15.45
CA PRO B 347 -29.87 4.07 14.51
C PRO B 347 -28.97 4.02 13.28
N GLN B 348 -29.58 4.20 12.10
CA GLN B 348 -28.90 4.21 10.81
C GLN B 348 -28.28 2.86 10.44
N VAL B 349 -28.74 1.76 11.03
CA VAL B 349 -28.29 0.42 10.64
C VAL B 349 -29.51 -0.48 10.62
N HIS B 350 -29.86 -1.02 9.44
CA HIS B 350 -31.02 -1.89 9.31
C HIS B 350 -30.63 -3.20 8.63
N LYS B 351 -31.13 -4.31 9.16
CA LYS B 351 -31.13 -5.56 8.42
C LYS B 351 -32.38 -5.62 7.54
N ILE B 352 -32.20 -5.95 6.26
CA ILE B 352 -33.29 -6.06 5.31
C ILE B 352 -33.48 -7.54 5.00
N HIS B 353 -34.60 -8.11 5.47
CA HIS B 353 -34.83 -9.55 5.37
C HIS B 353 -35.50 -9.87 4.04
N ARG B 354 -34.79 -10.60 3.18
CA ARG B 354 -35.28 -10.91 1.85
C ARG B 354 -36.25 -12.07 1.84
N THR B 355 -36.65 -12.55 3.01
CA THR B 355 -37.63 -13.62 3.15
C THR B 355 -39.06 -13.13 2.95
N GLY B 356 -39.28 -11.82 2.86
CA GLY B 356 -40.63 -11.33 2.65
C GLY B 356 -40.90 -10.04 3.40
N LYS B 357 -42.13 -9.53 3.29
CA LYS B 357 -42.46 -8.24 3.88
C LYS B 357 -43.12 -8.36 5.24
N ASP B 358 -43.92 -9.41 5.47
CA ASP B 358 -44.74 -9.52 6.67
C ASP B 358 -43.92 -10.14 7.78
N GLY B 359 -43.18 -9.30 8.50
CA GLY B 359 -42.37 -9.76 9.62
C GLY B 359 -41.15 -10.52 9.16
N PHE B 360 -40.35 -10.95 10.14
CA PHE B 360 -39.11 -11.66 9.87
C PHE B 360 -38.81 -12.60 11.02
N ASP B 361 -38.00 -13.63 10.73
CA ASP B 361 -37.40 -14.45 11.77
C ASP B 361 -36.19 -13.71 12.33
N ALA B 362 -36.13 -13.59 13.66
CA ALA B 362 -34.99 -12.89 14.26
C ALA B 362 -33.67 -13.57 13.93
N HIS B 363 -33.69 -14.87 13.62
CA HIS B 363 -32.50 -15.64 13.29
C HIS B 363 -32.42 -15.98 11.80
N ASN B 364 -33.18 -15.27 10.97
CA ASN B 364 -33.07 -15.42 9.52
C ASN B 364 -31.65 -15.12 9.07
N ASP B 365 -31.12 -15.94 8.16
CA ASP B 365 -29.77 -15.73 7.64
C ASP B 365 -29.75 -14.96 6.34
N ASP B 366 -30.91 -14.79 5.68
CA ASP B 366 -30.98 -14.16 4.37
C ASP B 366 -31.41 -12.71 4.54
N TYR B 367 -30.45 -11.85 4.87
CA TYR B 367 -30.69 -10.43 5.02
C TYR B 367 -29.52 -9.66 4.42
N LEU B 368 -29.75 -8.38 4.12
CA LEU B 368 -28.69 -7.42 3.80
C LEU B 368 -28.61 -6.41 4.94
N ILE B 369 -27.45 -5.77 5.09
CA ILE B 369 -27.30 -4.68 6.05
C ILE B 369 -27.21 -3.39 5.26
N LEU B 370 -28.19 -2.51 5.46
CA LEU B 370 -28.23 -1.21 4.81
C LEU B 370 -27.83 -0.15 5.82
N LEU B 371 -26.92 0.74 5.42
CA LEU B 371 -26.45 1.79 6.30
C LEU B 371 -27.13 3.10 5.93
N ALA B 372 -27.51 3.86 6.96
CA ALA B 372 -28.07 5.21 6.82
C ALA B 372 -29.26 5.26 5.87
N GLU B 373 -29.99 4.14 5.76
CA GLU B 373 -31.18 4.07 4.91
C GLU B 373 -30.84 4.51 3.49
N GLY B 374 -29.58 4.25 3.08
CA GLY B 374 -29.12 4.59 1.76
C GLY B 374 -28.72 6.04 1.57
N ARG B 375 -28.76 6.86 2.61
CA ARG B 375 -28.28 8.23 2.56
C ARG B 375 -26.77 8.26 2.75
N LEU B 376 -26.15 9.41 2.45
CA LEU B 376 -24.69 9.56 2.53
C LEU B 376 -24.10 8.88 3.76
N VAL B 377 -23.36 7.80 3.56
CA VAL B 377 -23.00 6.93 4.67
C VAL B 377 -21.94 7.53 5.57
N ASN B 378 -20.99 8.31 5.02
CA ASN B 378 -19.93 8.83 5.86
C ASN B 378 -20.48 9.82 6.88
N LEU B 379 -21.47 10.63 6.48
CA LEU B 379 -22.09 11.59 7.39
C LEU B 379 -23.19 10.95 8.23
N GLY B 380 -23.88 9.94 7.68
CA GLY B 380 -24.97 9.27 8.40
C GLY B 380 -24.50 8.35 9.51
N ASN B 381 -23.42 7.62 9.27
CA ASN B 381 -22.93 6.61 10.23
C ASN B 381 -21.62 7.01 10.91
N ALA B 382 -21.02 8.12 10.51
CA ALA B 382 -19.87 8.65 11.24
C ALA B 382 -19.97 10.17 11.27
N THR B 383 -18.89 10.90 11.01
CA THR B 383 -18.93 12.37 11.11
C THR B 383 -18.49 13.04 9.81
N GLY B 384 -18.62 12.36 8.68
CA GLY B 384 -18.14 12.97 7.46
C GLY B 384 -16.64 13.17 7.44
N HIS B 385 -16.23 14.08 6.55
CA HIS B 385 -14.81 14.33 6.36
C HIS B 385 -14.22 14.98 7.61
N PRO B 386 -12.91 14.82 7.84
CA PRO B 386 -12.29 15.46 9.00
C PRO B 386 -12.03 16.94 8.77
N SER B 387 -11.85 17.64 9.89
CA SER B 387 -11.67 19.09 9.87
C SER B 387 -10.57 19.52 8.90
N ARG B 388 -9.41 18.84 8.96
CA ARG B 388 -8.28 19.32 8.17
C ARG B 388 -8.55 19.20 6.67
N ILE B 389 -9.43 18.29 6.25
CA ILE B 389 -9.84 18.22 4.85
C ILE B 389 -10.92 19.27 4.54
N MET B 390 -11.92 19.40 5.41
CA MET B 390 -12.98 20.40 5.15
C MET B 390 -12.43 21.81 5.18
N ASP B 391 -11.28 22.01 5.82
CA ASP B 391 -10.59 23.29 5.79
C ASP B 391 -10.49 23.83 4.36
N GLY B 392 -10.09 22.98 3.42
CA GLY B 392 -9.95 23.41 2.04
C GLY B 392 -11.29 23.78 1.40
N SER B 393 -12.29 22.90 1.49
CA SER B 393 -13.59 23.21 0.90
C SER B 393 -14.14 24.50 1.49
N PHE B 394 -13.99 24.68 2.80
CA PHE B 394 -14.70 25.79 3.42
C PHE B 394 -13.94 27.10 3.31
N ALA B 395 -12.61 27.08 3.18
CA ALA B 395 -11.91 28.29 2.77
C ALA B 395 -12.38 28.74 1.39
N ASN B 396 -12.55 27.80 0.45
CA ASN B 396 -13.13 28.14 -0.85
C ASN B 396 -14.53 28.75 -0.70
N GLN B 397 -15.38 28.17 0.15
CA GLN B 397 -16.73 28.72 0.36
C GLN B 397 -16.68 30.18 0.81
N VAL B 398 -15.88 30.46 1.83
CA VAL B 398 -15.78 31.83 2.33
C VAL B 398 -15.32 32.77 1.23
N LEU B 399 -14.29 32.37 0.49
CA LEU B 399 -13.77 33.20 -0.58
C LEU B 399 -14.80 33.38 -1.70
N ALA B 400 -15.58 32.33 -1.99
CA ALA B 400 -16.64 32.46 -3.00
C ALA B 400 -17.75 33.39 -2.53
N GLN B 401 -18.15 33.28 -1.27
CA GLN B 401 -19.14 34.21 -0.71
C GLN B 401 -18.67 35.65 -0.81
N ILE B 402 -17.41 35.91 -0.44
CA ILE B 402 -16.88 37.27 -0.55
C ILE B 402 -16.94 37.74 -2.00
N HIS B 403 -16.52 36.90 -2.94
CA HIS B 403 -16.47 37.33 -4.32
C HIS B 403 -17.85 37.71 -4.86
N LEU B 404 -18.84 36.83 -4.72
CA LEU B 404 -20.16 37.15 -5.28
C LEU B 404 -20.83 38.29 -4.52
N PHE B 405 -20.64 38.34 -3.19
CA PHE B 405 -21.26 39.44 -2.45
C PHE B 405 -20.70 40.79 -2.88
N GLU B 406 -19.39 40.85 -3.12
CA GLU B 406 -18.79 42.11 -3.55
C GLU B 406 -19.22 42.48 -4.96
N GLN B 407 -19.54 41.49 -5.81
CA GLN B 407 -19.95 41.79 -7.18
CA GLN B 407 -19.94 41.80 -7.17
C GLN B 407 -21.31 42.48 -7.21
N LYS B 408 -22.19 42.17 -6.26
CA LYS B 408 -23.47 42.87 -6.13
C LYS B 408 -24.36 42.69 -7.37
N TYR B 409 -24.46 41.45 -7.87
CA TYR B 409 -25.26 41.16 -9.05
C TYR B 409 -26.69 41.68 -8.95
N ALA B 410 -27.34 41.51 -7.80
CA ALA B 410 -28.75 41.94 -7.68
C ALA B 410 -28.94 43.43 -7.94
N ASP B 411 -27.89 44.23 -7.79
CA ASP B 411 -28.00 45.68 -7.97
C ASP B 411 -27.60 46.13 -9.37
N LEU B 412 -27.23 45.21 -10.26
CA LEU B 412 -26.79 45.56 -11.60
C LEU B 412 -27.98 45.81 -12.52
N PRO B 413 -27.81 46.64 -13.55
CA PRO B 413 -28.83 46.75 -14.59
C PRO B 413 -29.07 45.43 -15.31
N ALA B 414 -30.27 45.33 -15.91
CA ALA B 414 -30.66 44.10 -16.59
C ALA B 414 -29.63 43.67 -17.63
N ALA B 415 -29.15 44.62 -18.44
CA ALA B 415 -28.18 44.27 -19.47
C ALA B 415 -26.90 43.73 -18.87
N GLU B 416 -26.46 44.28 -17.73
CA GLU B 416 -25.24 43.78 -17.10
C GLU B 416 -25.46 42.47 -16.38
N LYS B 417 -26.64 42.25 -15.81
CA LYS B 417 -26.96 40.94 -15.24
C LYS B 417 -26.81 39.85 -16.28
N ALA B 418 -27.35 40.08 -17.48
CA ALA B 418 -27.27 39.08 -18.53
C ALA B 418 -25.83 38.70 -18.84
N LYS B 419 -24.91 39.66 -18.74
CA LYS B 419 -23.50 39.38 -19.03
C LYS B 419 -22.81 38.63 -17.90
N ARG B 420 -23.38 38.64 -16.69
CA ARG B 420 -22.75 38.03 -15.53
C ARG B 420 -23.44 36.77 -15.05
N LEU B 421 -24.53 36.36 -15.69
CA LEU B 421 -25.27 35.18 -15.26
C LEU B 421 -24.51 33.95 -15.74
N SER B 422 -23.75 33.34 -14.82
CA SER B 422 -22.87 32.25 -15.18
C SER B 422 -22.67 31.35 -13.96
N VAL B 423 -22.11 30.16 -14.21
CA VAL B 423 -21.60 29.28 -13.16
C VAL B 423 -20.09 29.22 -13.36
N GLU B 424 -19.32 29.79 -12.44
CA GLU B 424 -17.88 29.91 -12.59
C GLU B 424 -17.15 29.26 -11.42
N VAL B 425 -15.85 29.02 -11.62
CA VAL B 425 -14.99 28.55 -10.55
C VAL B 425 -14.14 29.70 -10.05
N LEU B 426 -13.52 29.51 -8.88
CA LEU B 426 -12.58 30.50 -8.37
C LEU B 426 -11.30 30.45 -9.20
N PRO B 427 -10.60 31.58 -9.32
CA PRO B 427 -9.30 31.61 -10.03
C PRO B 427 -8.24 30.74 -9.37
N LYS B 428 -7.28 30.31 -10.19
CA LYS B 428 -6.28 29.35 -9.73
C LYS B 428 -5.38 29.94 -8.64
N LYS B 429 -5.11 31.26 -8.66
CA LYS B 429 -4.29 31.85 -7.60
C LYS B 429 -4.90 31.63 -6.22
N LEU B 430 -6.24 31.76 -6.11
CA LEU B 430 -6.92 31.46 -4.85
C LEU B 430 -6.77 29.99 -4.46
N ASP B 431 -7.08 29.09 -5.40
CA ASP B 431 -6.89 27.65 -5.18
C ASP B 431 -5.49 27.36 -4.62
N GLU B 432 -4.46 27.97 -5.22
CA GLU B 432 -3.10 27.73 -4.77
C GLU B 432 -2.85 28.30 -3.37
N GLU B 433 -3.41 29.47 -3.06
CA GLU B 433 -3.20 30.06 -1.73
C GLU B 433 -3.90 29.26 -0.64
N VAL B 434 -5.08 28.70 -0.94
CA VAL B 434 -5.70 27.76 -0.01
C VAL B 434 -4.79 26.55 0.21
N ALA B 435 -4.28 25.97 -0.88
CA ALA B 435 -3.42 24.80 -0.78
C ALA B 435 -2.18 25.09 0.05
N LEU B 436 -1.60 26.29 -0.13
CA LEU B 436 -0.40 26.62 0.63
C LEU B 436 -0.68 26.61 2.12
N GLU B 437 -1.83 27.16 2.54
CA GLU B 437 -2.13 27.13 3.97
C GLU B 437 -2.35 25.70 4.44
N MET B 438 -2.94 24.85 3.60
CA MET B 438 -3.10 23.45 4.00
C MET B 438 -1.74 22.77 4.17
N VAL B 439 -0.84 23.01 3.24
CA VAL B 439 0.49 22.37 3.30
C VAL B 439 1.24 22.83 4.54
N LYS B 440 1.16 24.13 4.86
CA LYS B 440 1.78 24.62 6.09
C LYS B 440 1.18 23.96 7.34
N GLY B 441 -0.09 23.58 7.28
CA GLY B 441 -0.71 22.90 8.41
C GLY B 441 -0.12 21.52 8.65
N PHE B 442 0.40 20.88 7.61
CA PHE B 442 1.13 19.62 7.76
C PHE B 442 2.60 19.82 8.14
N GLY B 443 3.06 21.07 8.22
CA GLY B 443 4.48 21.35 8.39
C GLY B 443 5.28 21.27 7.11
N GLY B 444 4.62 21.13 5.95
CA GLY B 444 5.34 21.06 4.70
C GLY B 444 5.97 22.39 4.31
N VAL B 445 7.08 22.31 3.59
CA VAL B 445 7.84 23.49 3.17
C VAL B 445 7.85 23.52 1.65
N VAL B 446 7.14 24.48 1.06
CA VAL B 446 7.14 24.65 -0.39
C VAL B 446 8.41 25.40 -0.81
N THR B 447 9.02 24.96 -1.90
CA THR B 447 10.22 25.63 -2.42
C THR B 447 9.82 26.84 -3.26
N GLN B 448 10.64 27.89 -3.21
CA GLN B 448 10.42 29.07 -4.04
C GLN B 448 11.32 29.02 -5.27
N LEU B 449 10.73 29.20 -6.45
CA LEU B 449 11.51 29.25 -7.69
C LEU B 449 12.52 30.41 -7.66
N THR B 450 13.70 30.18 -8.25
CA THR B 450 14.56 31.30 -8.56
C THR B 450 14.00 32.08 -9.75
N PRO B 451 14.41 33.33 -9.93
CA PRO B 451 14.03 34.05 -11.17
C PRO B 451 14.37 33.28 -12.44
N LYS B 452 15.56 32.67 -12.50
CA LYS B 452 15.94 31.90 -13.68
C LYS B 452 15.01 30.71 -13.92
N GLN B 453 14.66 30.00 -12.84
CA GLN B 453 13.76 28.86 -12.98
C GLN B 453 12.35 29.29 -13.40
N ALA B 454 11.86 30.38 -12.82
CA ALA B 454 10.54 30.88 -13.18
C ALA B 454 10.50 31.26 -14.66
N GLU B 455 11.51 31.98 -15.14
CA GLU B 455 11.61 32.29 -16.56
C GLU B 455 11.70 31.01 -17.39
N TYR B 456 12.42 30.01 -16.90
CA TYR B 456 12.66 28.80 -17.69
C TYR B 456 11.37 28.05 -17.99
N ILE B 457 10.48 27.93 -16.99
CA ILE B 457 9.20 27.26 -17.22
C ILE B 457 8.08 28.23 -17.52
N GLY B 458 8.35 29.53 -17.56
CA GLY B 458 7.36 30.52 -17.95
C GLY B 458 6.25 30.78 -16.96
N VAL B 459 6.58 30.86 -15.68
CA VAL B 459 5.60 31.24 -14.66
C VAL B 459 6.17 32.38 -13.82
N SER B 460 5.27 33.05 -13.10
CA SER B 460 5.67 34.00 -12.08
C SER B 460 6.11 33.25 -10.83
N VAL B 461 7.06 33.85 -10.10
CA VAL B 461 7.54 33.18 -8.90
C VAL B 461 6.43 32.94 -7.89
N GLU B 462 5.43 33.82 -7.87
CA GLU B 462 4.32 33.65 -6.92
C GLU B 462 3.19 32.81 -7.49
N GLY B 463 3.31 32.35 -8.73
CA GLY B 463 2.26 31.61 -9.38
C GLY B 463 1.24 32.53 -10.06
N PRO B 464 0.21 31.94 -10.68
CA PRO B 464 -0.10 30.51 -10.74
C PRO B 464 0.96 29.71 -11.48
N PHE B 465 1.12 28.46 -11.06
CA PHE B 465 2.20 27.61 -11.56
C PHE B 465 1.78 26.70 -12.71
N LYS B 466 0.48 26.60 -12.99
CA LYS B 466 -0.06 25.69 -14.01
C LYS B 466 -1.07 26.44 -14.87
N PRO B 467 -1.20 26.06 -16.14
CA PRO B 467 -2.30 26.60 -16.96
C PRO B 467 -3.64 26.08 -16.46
N ASP B 468 -4.70 26.81 -16.81
CA ASP B 468 -6.04 26.42 -16.37
C ASP B 468 -6.44 25.04 -16.87
N THR B 469 -5.82 24.55 -17.95
CA THR B 469 -6.10 23.21 -18.46
C THR B 469 -5.48 22.09 -17.62
N TYR B 470 -4.61 22.40 -16.65
CA TYR B 470 -3.89 21.35 -15.94
C TYR B 470 -4.83 20.54 -15.04
N ARG B 471 -4.65 19.21 -15.06
CA ARG B 471 -5.59 18.32 -14.37
C ARG B 471 -5.09 17.82 -13.01
N TYR B 472 -3.81 17.98 -12.68
CA TYR B 472 -3.24 17.51 -11.42
C TYR B 472 -3.47 16.02 -11.25
N PHE C 13 18.77 -2.47 -49.45
CA PHE C 13 18.41 -1.39 -48.54
C PHE C 13 19.58 -1.04 -47.61
N THR C 14 20.03 0.21 -47.69
CA THR C 14 21.15 0.71 -46.88
C THR C 14 20.84 2.07 -46.25
N ASP C 15 19.59 2.51 -46.29
CA ASP C 15 19.22 3.87 -45.88
C ASP C 15 18.87 3.85 -44.38
N TYR C 16 19.90 3.59 -43.57
CA TYR C 16 19.71 3.45 -42.13
C TYR C 16 21.07 3.44 -41.46
N LYS C 17 21.07 3.64 -40.14
CA LYS C 17 22.27 3.37 -39.37
C LYS C 17 21.86 2.93 -37.97
N VAL C 18 22.23 1.70 -37.62
CA VAL C 18 21.88 1.11 -36.35
C VAL C 18 23.14 0.46 -35.78
N ALA C 19 23.06 0.03 -34.52
CA ALA C 19 24.23 -0.56 -33.88
C ALA C 19 24.62 -1.92 -34.50
N ASP C 20 23.62 -2.75 -34.81
CA ASP C 20 23.90 -4.11 -35.28
C ASP C 20 22.63 -4.65 -35.93
N ILE C 21 22.64 -4.74 -37.26
CA ILE C 21 21.47 -5.22 -37.99
C ILE C 21 21.16 -6.67 -37.68
N THR C 22 22.13 -7.45 -37.19
CA THR C 22 21.85 -8.85 -36.89
C THR C 22 20.99 -9.03 -35.65
N LEU C 23 20.71 -7.97 -34.90
CA LEU C 23 19.75 -8.06 -33.80
C LEU C 23 18.31 -8.03 -34.29
N ALA C 24 18.08 -7.99 -35.60
CA ALA C 24 16.74 -7.76 -36.14
C ALA C 24 15.78 -8.87 -35.77
N ALA C 25 16.21 -10.13 -35.89
CA ALA C 25 15.33 -11.24 -35.55
C ALA C 25 14.87 -11.16 -34.09
N TRP C 26 15.79 -10.81 -33.19
CA TRP C 26 15.44 -10.62 -31.79
C TRP C 26 14.43 -9.49 -31.62
N GLY C 27 14.69 -8.34 -32.26
CA GLY C 27 13.72 -7.26 -32.21
C GLY C 27 12.36 -7.66 -32.73
N ARG C 28 12.32 -8.46 -33.81
CA ARG C 28 11.04 -8.87 -34.37
C ARG C 28 10.27 -9.79 -33.42
N ARG C 29 10.99 -10.69 -32.72
CA ARG C 29 10.31 -11.49 -31.70
C ARG C 29 9.69 -10.59 -30.63
N GLU C 30 10.40 -9.54 -30.22
CA GLU C 30 9.86 -8.67 -29.18
C GLU C 30 8.74 -7.78 -29.71
N LEU C 31 8.78 -7.41 -31.00
CA LEU C 31 7.67 -6.65 -31.58
C LEU C 31 6.40 -7.49 -31.61
N ILE C 32 6.53 -8.78 -31.93
CA ILE C 32 5.36 -9.66 -31.99
C ILE C 32 4.73 -9.80 -30.60
N ILE C 33 5.56 -9.89 -29.56
CA ILE C 33 5.02 -9.89 -28.20
C ILE C 33 4.37 -8.56 -27.87
N ALA C 34 5.04 -7.44 -28.20
CA ALA C 34 4.54 -6.13 -27.83
C ALA C 34 3.18 -5.85 -28.48
N GLU C 35 3.00 -6.28 -29.73
CA GLU C 35 1.70 -6.12 -30.39
C GLU C 35 0.57 -6.70 -29.55
N SER C 36 0.80 -7.85 -28.92
CA SER C 36 -0.22 -8.47 -28.08
C SER C 36 -0.47 -7.67 -26.80
N GLU C 37 0.42 -6.73 -26.47
CA GLU C 37 0.27 -5.88 -25.29
C GLU C 37 -0.29 -4.50 -25.60
N MET C 38 -0.56 -4.21 -26.88
CA MET C 38 -0.96 -2.87 -27.32
C MET C 38 -2.27 -2.94 -28.09
N PRO C 39 -3.39 -3.21 -27.39
CA PRO C 39 -4.67 -3.39 -28.10
C PRO C 39 -5.23 -2.13 -28.72
N ALA C 40 -5.03 -0.95 -28.13
CA ALA C 40 -5.56 0.26 -28.75
C ALA C 40 -4.87 0.53 -30.08
N LEU C 41 -3.54 0.39 -30.11
CA LEU C 41 -2.77 0.63 -31.32
C LEU C 41 -3.07 -0.44 -32.36
N MET C 42 -3.08 -1.72 -31.95
N MET C 42 -3.10 -1.71 -31.96
CA MET C 42 -3.47 -2.79 -32.86
CA MET C 42 -3.45 -2.75 -32.95
C MET C 42 -4.87 -2.58 -33.42
C MET C 42 -4.89 -2.63 -33.42
N GLY C 43 -5.80 -2.17 -32.55
CA GLY C 43 -7.15 -1.92 -33.02
C GLY C 43 -7.20 -0.83 -34.09
N LEU C 44 -6.31 0.17 -33.98
CA LEU C 44 -6.26 1.19 -35.03
C LEU C 44 -5.77 0.61 -36.34
N ARG C 45 -4.77 -0.27 -36.29
CA ARG C 45 -4.38 -1.00 -37.50
C ARG C 45 -5.58 -1.67 -38.15
N ARG C 46 -6.34 -2.42 -37.36
CA ARG C 46 -7.43 -3.19 -37.96
C ARG C 46 -8.51 -2.28 -38.51
N LYS C 47 -8.83 -1.19 -37.81
CA LYS C 47 -9.99 -0.41 -38.21
C LYS C 47 -9.67 0.56 -39.34
N TYR C 48 -8.42 0.98 -39.49
CA TYR C 48 -8.07 1.95 -40.53
C TYR C 48 -7.29 1.35 -41.68
N ALA C 49 -6.92 0.06 -41.62
CA ALA C 49 -6.16 -0.55 -42.69
C ALA C 49 -6.90 -0.44 -44.03
N GLY C 50 -8.21 -0.65 -44.02
CA GLY C 50 -8.97 -0.55 -45.25
C GLY C 50 -8.93 0.86 -45.83
N GLN C 51 -9.11 1.88 -44.99
CA GLN C 51 -9.18 3.25 -45.50
C GLN C 51 -7.82 3.75 -45.98
N GLN C 52 -6.73 3.28 -45.36
CA GLN C 52 -5.40 3.81 -45.62
C GLN C 52 -5.38 5.34 -45.47
N PRO C 53 -5.73 5.86 -44.27
CA PRO C 53 -5.84 7.31 -44.11
C PRO C 53 -4.53 8.06 -44.23
N LEU C 54 -3.39 7.39 -44.10
CA LEU C 54 -2.08 8.02 -44.19
C LEU C 54 -1.40 7.78 -45.52
N LYS C 55 -2.13 7.27 -46.52
CA LYS C 55 -1.57 7.15 -47.86
C LYS C 55 -1.12 8.52 -48.36
N GLY C 56 0.15 8.64 -48.74
CA GLY C 56 0.71 9.90 -49.14
C GLY C 56 1.43 10.65 -48.03
N ALA C 57 1.23 10.25 -46.78
CA ALA C 57 1.94 10.88 -45.68
C ALA C 57 3.41 10.51 -45.71
N LYS C 58 4.27 11.50 -45.44
CA LYS C 58 5.71 11.30 -45.36
C LYS C 58 6.12 11.93 -44.04
N ILE C 59 6.32 11.09 -43.03
CA ILE C 59 6.41 11.53 -41.64
C ILE C 59 7.87 11.50 -41.19
N LEU C 60 8.37 12.66 -40.76
CA LEU C 60 9.59 12.73 -39.97
C LEU C 60 9.24 12.43 -38.51
N GLY C 61 9.84 11.39 -37.95
CA GLY C 61 9.56 11.03 -36.58
C GLY C 61 10.81 11.08 -35.71
N CYS C 62 10.67 11.64 -34.50
CA CYS C 62 11.80 11.73 -33.56
C CYS C 62 11.30 11.35 -32.17
N ILE C 63 11.45 10.07 -31.83
CA ILE C 63 11.06 9.59 -30.51
C ILE C 63 11.84 8.32 -30.22
N HIS C 64 12.22 8.16 -28.95
CA HIS C 64 12.93 7.01 -28.40
C HIS C 64 12.70 5.75 -29.21
N MET C 65 13.76 5.21 -29.80
CA MET C 65 13.62 4.08 -30.72
C MET C 65 13.57 2.78 -29.91
N THR C 66 12.45 2.60 -29.23
CA THR C 66 12.18 1.43 -28.41
C THR C 66 11.34 0.42 -29.19
N ILE C 67 11.10 -0.74 -28.57
CA ILE C 67 10.18 -1.71 -29.14
C ILE C 67 8.79 -1.11 -29.28
N GLN C 68 8.40 -0.28 -28.31
CA GLN C 68 7.07 0.33 -28.34
C GLN C 68 6.94 1.31 -29.49
N THR C 69 7.98 2.10 -29.72
CA THR C 69 8.01 2.97 -30.90
C THR C 69 8.02 2.17 -32.20
N GLY C 70 8.59 0.96 -32.20
CA GLY C 70 8.52 0.14 -33.39
C GLY C 70 7.08 -0.22 -33.76
N VAL C 71 6.26 -0.51 -32.75
CA VAL C 71 4.86 -0.84 -33.03
C VAL C 71 4.12 0.40 -33.54
N LEU C 72 4.45 1.58 -33.00
CA LEU C 72 3.91 2.84 -33.52
C LEU C 72 4.31 3.06 -34.98
N ILE C 73 5.61 2.91 -35.27
CA ILE C 73 6.09 3.11 -36.64
C ILE C 73 5.37 2.17 -37.59
N GLU C 74 5.27 0.90 -37.21
CA GLU C 74 4.68 -0.04 -38.16
C GLU C 74 3.17 0.14 -38.27
N THR C 75 2.53 0.76 -37.28
CA THR C 75 1.12 1.13 -37.42
C THR C 75 0.97 2.26 -38.44
N LEU C 76 1.78 3.32 -38.33
CA LEU C 76 1.74 4.39 -39.32
C LEU C 76 1.96 3.85 -40.73
N VAL C 77 2.94 2.94 -40.88
CA VAL C 77 3.20 2.35 -42.18
C VAL C 77 2.02 1.49 -42.64
N ALA C 78 1.43 0.72 -41.72
CA ALA C 78 0.29 -0.11 -42.10
C ALA C 78 -0.90 0.72 -42.59
N LEU C 79 -0.99 1.97 -42.16
CA LEU C 79 -2.09 2.84 -42.57
C LEU C 79 -1.73 3.69 -43.78
N GLY C 80 -0.56 3.47 -44.38
CA GLY C 80 -0.20 4.08 -45.65
C GLY C 80 1.00 5.01 -45.63
N ALA C 81 1.56 5.34 -44.47
CA ALA C 81 2.61 6.36 -44.43
C ALA C 81 3.97 5.81 -44.84
N GLU C 82 4.82 6.72 -45.35
CA GLU C 82 6.27 6.58 -45.33
C GLU C 82 6.84 7.38 -44.17
N VAL C 83 7.90 6.88 -43.56
CA VAL C 83 8.52 7.55 -42.42
C VAL C 83 10.05 7.54 -42.58
N ARG C 84 10.69 8.47 -41.87
CA ARG C 84 12.13 8.45 -41.63
C ARG C 84 12.34 8.81 -40.16
N TRP C 85 13.11 8.01 -39.42
CA TRP C 85 13.00 7.97 -37.96
C TRP C 85 14.32 8.14 -37.25
N SER C 86 14.27 8.80 -36.08
CA SER C 86 15.43 8.94 -35.21
C SER C 86 14.95 8.90 -33.76
N SER C 87 15.88 8.64 -32.84
CA SER C 87 15.53 8.69 -31.42
C SER C 87 15.61 10.13 -30.93
N CYS C 88 14.84 10.43 -29.88
CA CYS C 88 14.92 11.74 -29.25
C CYS C 88 15.80 11.74 -28.00
N ASN C 89 16.59 10.69 -27.78
CA ASN C 89 17.53 10.68 -26.68
C ASN C 89 18.70 9.77 -27.02
N ILE C 90 19.91 10.16 -26.62
CA ILE C 90 21.10 9.42 -26.98
C ILE C 90 21.17 8.04 -26.32
N PHE C 91 20.44 7.81 -25.22
CA PHE C 91 20.54 6.56 -24.47
C PHE C 91 19.29 5.71 -24.53
N SER C 92 18.23 6.17 -25.20
CA SER C 92 16.94 5.51 -25.06
C SER C 92 16.67 4.42 -26.09
N THR C 93 17.43 4.37 -27.17
CA THR C 93 17.19 3.36 -28.20
C THR C 93 17.40 1.95 -27.66
N GLN C 94 16.51 1.04 -28.05
CA GLN C 94 16.73 -0.39 -27.91
C GLN C 94 17.28 -0.88 -29.24
N ASP C 95 18.53 -1.33 -29.23
CA ASP C 95 19.20 -1.61 -30.50
C ASP C 95 18.48 -2.71 -31.29
N GLN C 96 17.85 -3.68 -30.61
CA GLN C 96 17.15 -4.71 -31.35
C GLN C 96 15.88 -4.15 -32.02
N ALA C 97 15.29 -3.11 -31.44
CA ALA C 97 14.12 -2.50 -32.08
C ALA C 97 14.52 -1.74 -33.34
N ALA C 98 15.57 -0.91 -33.24
CA ALA C 98 16.07 -0.20 -34.41
C ALA C 98 16.44 -1.17 -35.53
N ALA C 99 17.12 -2.26 -35.17
CA ALA C 99 17.49 -3.26 -36.17
C ALA C 99 16.25 -3.83 -36.86
N ALA C 100 15.23 -4.19 -36.09
CA ALA C 100 14.04 -4.80 -36.69
C ALA C 100 13.34 -3.82 -37.64
N ILE C 101 13.32 -2.53 -37.27
CA ILE C 101 12.71 -1.53 -38.14
C ILE C 101 13.54 -1.34 -39.40
N ALA C 102 14.87 -1.26 -39.26
CA ALA C 102 15.73 -1.14 -40.44
C ALA C 102 15.60 -2.36 -41.33
N ALA C 103 15.55 -3.56 -40.73
CA ALA C 103 15.43 -4.77 -41.53
C ALA C 103 14.11 -4.83 -42.28
N ALA C 104 13.11 -4.12 -41.80
CA ALA C 104 11.83 -4.07 -42.49
C ALA C 104 11.83 -3.09 -43.65
N GLY C 105 12.97 -2.48 -43.96
CA GLY C 105 13.04 -1.52 -45.05
C GLY C 105 12.64 -0.10 -44.69
N ILE C 106 12.64 0.23 -43.41
CA ILE C 106 12.21 1.54 -42.93
C ILE C 106 13.44 2.34 -42.52
N PRO C 107 13.65 3.53 -43.07
CA PRO C 107 14.84 4.32 -42.69
C PRO C 107 14.79 4.73 -41.23
N VAL C 108 15.79 4.31 -40.46
CA VAL C 108 15.91 4.67 -39.06
C VAL C 108 17.38 4.91 -38.75
N PHE C 109 17.67 5.92 -37.96
CA PHE C 109 19.03 6.28 -37.58
C PHE C 109 19.05 6.45 -36.06
N ALA C 110 19.59 5.46 -35.34
CA ALA C 110 19.42 5.40 -33.90
C ALA C 110 20.17 4.24 -33.28
N TRP C 111 20.91 4.49 -32.20
CA TRP C 111 21.52 3.42 -31.42
C TRP C 111 21.67 3.89 -29.97
N LYS C 112 21.81 2.92 -29.07
CA LYS C 112 22.00 3.23 -27.66
C LYS C 112 23.43 3.69 -27.44
N GLY C 113 23.58 4.86 -26.83
CA GLY C 113 24.91 5.38 -26.56
C GLY C 113 25.46 6.30 -27.63
N GLU C 114 24.62 7.09 -28.28
CA GLU C 114 25.09 8.11 -29.21
C GLU C 114 25.83 9.23 -28.47
N THR C 115 26.75 9.88 -29.17
CA THR C 115 27.23 11.17 -28.71
C THR C 115 26.24 12.26 -29.09
N GLU C 116 26.43 13.45 -28.50
CA GLU C 116 25.58 14.58 -28.85
C GLU C 116 25.68 14.90 -30.33
N GLU C 117 26.88 14.76 -30.90
CA GLU C 117 27.09 15.04 -32.31
C GLU C 117 26.39 13.99 -33.17
N GLU C 118 26.45 12.72 -32.76
CA GLU C 118 25.77 11.67 -33.51
C GLU C 118 24.27 11.81 -33.43
N TYR C 119 23.78 12.26 -32.28
CA TYR C 119 22.35 12.52 -32.10
C TYR C 119 21.83 13.51 -33.13
N GLU C 120 22.55 14.62 -33.31
CA GLU C 120 22.14 15.63 -34.27
C GLU C 120 22.25 15.09 -35.70
N TRP C 121 23.33 14.37 -35.99
CA TRP C 121 23.50 13.76 -37.30
C TRP C 121 22.34 12.83 -37.63
N CYS C 122 21.88 12.05 -36.64
CA CYS C 122 20.77 11.13 -36.87
C CYS C 122 19.50 11.88 -37.27
N ILE C 123 19.19 12.99 -36.59
CA ILE C 123 18.02 13.77 -36.97
C ILE C 123 18.19 14.30 -38.39
N GLU C 124 19.40 14.76 -38.72
CA GLU C 124 19.67 15.28 -40.05
CA GLU C 124 19.63 15.29 -40.06
C GLU C 124 19.50 14.20 -41.12
N GLN C 125 19.80 12.94 -40.80
CA GLN C 125 19.62 11.86 -41.76
C GLN C 125 18.16 11.57 -42.06
N THR C 126 17.26 11.84 -41.10
CA THR C 126 15.84 11.73 -41.44
C THR C 126 15.41 12.90 -42.30
N ILE C 127 15.95 14.10 -42.03
CA ILE C 127 15.53 15.29 -42.76
C ILE C 127 16.00 15.23 -44.21
N LEU C 128 17.22 14.78 -44.44
CA LEU C 128 17.79 14.69 -45.77
C LEU C 128 17.69 13.26 -46.29
N LYS C 129 17.38 13.13 -47.58
CA LYS C 129 17.46 11.87 -48.29
C LYS C 129 18.29 12.11 -49.53
N ASP C 130 19.39 11.37 -49.67
CA ASP C 130 20.33 11.54 -50.78
C ASP C 130 20.79 13.00 -50.89
N GLY C 131 21.18 13.56 -49.74
CA GLY C 131 21.78 14.87 -49.71
C GLY C 131 20.82 16.02 -49.93
N GLN C 132 19.54 15.75 -50.13
CA GLN C 132 18.57 16.80 -50.34
C GLN C 132 17.44 16.65 -49.32
N PRO C 133 16.75 17.74 -49.00
CA PRO C 133 15.61 17.63 -48.09
C PRO C 133 14.58 16.65 -48.63
N TRP C 134 14.21 15.68 -47.79
CA TRP C 134 13.11 14.79 -48.12
C TRP C 134 11.84 15.60 -48.33
N ASP C 135 10.93 15.07 -49.14
CA ASP C 135 9.64 15.73 -49.33
C ASP C 135 8.66 15.33 -48.21
N ALA C 136 9.08 15.62 -46.98
CA ALA C 136 8.25 15.33 -45.81
C ALA C 136 7.03 16.26 -45.79
N ASN C 137 5.92 15.73 -45.23
CA ASN C 137 4.73 16.56 -45.05
C ASN C 137 4.07 16.40 -43.68
N MET C 138 4.65 15.62 -42.77
CA MET C 138 4.15 15.44 -41.40
C MET C 138 5.33 15.33 -40.45
N VAL C 139 5.12 15.73 -39.20
CA VAL C 139 6.15 15.69 -38.16
C VAL C 139 5.57 15.02 -36.93
N LEU C 140 6.27 13.99 -36.42
CA LEU C 140 5.97 13.39 -35.13
C LEU C 140 7.20 13.59 -34.24
N ASP C 141 7.02 14.28 -33.11
CA ASP C 141 8.15 14.72 -32.29
C ASP C 141 7.94 14.40 -30.82
N ASP C 142 9.04 14.23 -30.07
CA ASP C 142 8.99 13.95 -28.63
C ASP C 142 10.08 14.80 -27.97
N GLY C 143 9.71 16.00 -27.52
CA GLY C 143 10.65 16.90 -26.86
C GLY C 143 10.91 18.19 -27.61
N GLY C 144 10.60 18.24 -28.90
CA GLY C 144 10.69 19.46 -29.67
C GLY C 144 12.00 19.68 -30.40
N ASP C 145 12.94 18.74 -30.36
CA ASP C 145 14.24 18.97 -31.00
C ASP C 145 14.11 19.00 -32.52
N LEU C 146 13.39 18.03 -33.09
CA LEU C 146 13.17 18.01 -34.54
C LEU C 146 12.39 19.23 -34.99
N THR C 147 11.35 19.60 -34.22
CA THR C 147 10.58 20.80 -34.50
C THR C 147 11.48 22.02 -34.53
N GLU C 148 12.39 22.13 -33.55
CA GLU C 148 13.31 23.25 -33.48
C GLU C 148 14.25 23.28 -34.69
N ILE C 149 14.83 22.12 -35.04
CA ILE C 149 15.77 22.09 -36.16
C ILE C 149 15.09 22.49 -37.46
N LEU C 150 13.84 22.05 -37.66
CA LEU C 150 13.11 22.39 -38.87
C LEU C 150 12.85 23.90 -38.96
N HIS C 151 12.42 24.51 -37.85
CA HIS C 151 12.13 25.95 -37.89
C HIS C 151 13.39 26.78 -38.07
N LYS C 152 14.49 26.39 -37.40
CA LYS C 152 15.70 27.21 -37.43
C LYS C 152 16.53 26.98 -38.68
N LYS C 153 16.71 25.71 -39.08
CA LYS C 153 17.66 25.36 -40.13
C LYS C 153 17.03 25.03 -41.47
N TYR C 154 15.83 24.45 -41.49
CA TYR C 154 15.16 24.08 -42.74
C TYR C 154 13.78 24.71 -42.80
N PRO C 155 13.66 26.04 -42.69
CA PRO C 155 12.33 26.63 -42.63
C PRO C 155 11.50 26.44 -43.90
N GLN C 156 12.15 26.32 -45.06
CA GLN C 156 11.41 26.10 -46.30
C GLN C 156 10.76 24.72 -46.33
N MET C 157 11.32 23.74 -45.62
CA MET C 157 10.66 22.45 -45.55
C MET C 157 9.29 22.56 -44.89
N LEU C 158 9.13 23.51 -43.97
CA LEU C 158 7.88 23.65 -43.24
C LEU C 158 6.73 24.12 -44.13
N GLU C 159 7.04 24.65 -45.31
CA GLU C 159 5.98 25.09 -46.19
C GLU C 159 5.22 23.92 -46.82
N ARG C 160 5.73 22.70 -46.70
CA ARG C 160 5.06 21.53 -47.25
C ARG C 160 4.46 20.62 -46.18
N ILE C 161 4.65 20.94 -44.91
CA ILE C 161 4.26 20.07 -43.81
C ILE C 161 2.88 20.48 -43.31
N HIS C 162 1.98 19.50 -43.15
CA HIS C 162 0.62 19.77 -42.72
C HIS C 162 0.47 19.89 -41.20
N GLY C 163 1.38 19.35 -40.42
CA GLY C 163 1.20 19.42 -38.98
C GLY C 163 2.32 18.74 -38.22
N ILE C 164 2.33 19.00 -36.91
CA ILE C 164 3.24 18.40 -35.94
C ILE C 164 2.39 17.75 -34.86
N THR C 165 2.76 16.53 -34.44
CA THR C 165 2.17 15.92 -33.26
C THR C 165 3.26 15.72 -32.22
N GLU C 166 3.12 16.41 -31.08
CA GLU C 166 4.14 16.44 -30.06
C GLU C 166 3.74 15.59 -28.85
N GLU C 167 4.69 14.79 -28.36
CA GLU C 167 4.44 13.72 -27.40
C GLU C 167 4.45 14.19 -25.94
N THR C 168 5.33 15.11 -25.57
CA THR C 168 5.67 15.22 -24.15
C THR C 168 5.48 16.64 -23.62
N THR C 169 5.44 16.71 -22.29
CA THR C 169 5.12 17.96 -21.62
C THR C 169 6.09 19.06 -22.01
N THR C 170 7.41 18.78 -21.96
CA THR C 170 8.40 19.76 -22.35
C THR C 170 8.20 20.24 -23.80
N GLY C 171 7.93 19.31 -24.72
CA GLY C 171 7.78 19.72 -26.12
C GLY C 171 6.58 20.60 -26.34
N VAL C 172 5.47 20.31 -25.65
CA VAL C 172 4.29 21.15 -25.75
C VAL C 172 4.60 22.55 -25.26
N HIS C 173 5.30 22.66 -24.13
CA HIS C 173 5.70 23.97 -23.64
C HIS C 173 6.43 24.76 -24.73
N ARG C 174 7.39 24.12 -25.41
CA ARG C 174 8.13 24.81 -26.46
C ARG C 174 7.22 25.24 -27.61
N LEU C 175 6.25 24.38 -27.97
CA LEU C 175 5.30 24.75 -29.03
C LEU C 175 4.48 25.97 -28.65
N LEU C 176 4.06 26.05 -27.38
CA LEU C 176 3.25 27.18 -26.96
C LEU C 176 4.06 28.47 -26.95
N ASP C 177 5.32 28.42 -26.52
CA ASP C 177 6.17 29.61 -26.58
CA ASP C 177 6.14 29.62 -26.57
C ASP C 177 6.29 30.11 -28.01
N MET C 178 6.45 29.19 -28.97
CA MET C 178 6.55 29.59 -30.36
C MET C 178 5.24 30.20 -30.86
N LEU C 179 4.11 29.60 -30.49
CA LEU C 179 2.83 30.15 -30.92
C LEU C 179 2.61 31.53 -30.35
N LYS C 180 2.94 31.72 -29.06
CA LYS C 180 2.87 33.03 -28.45
C LYS C 180 3.78 34.04 -29.14
N ASN C 181 4.92 33.58 -29.65
CA ASN C 181 5.88 34.47 -30.30
C ASN C 181 5.64 34.64 -31.80
N GLY C 182 4.62 33.97 -32.35
CA GLY C 182 4.36 34.09 -33.77
C GLY C 182 5.37 33.36 -34.64
N THR C 183 6.13 32.42 -34.09
CA THR C 183 7.18 31.73 -34.81
C THR C 183 6.85 30.28 -35.16
N LEU C 184 5.69 29.78 -34.76
CA LEU C 184 5.22 28.47 -35.19
C LEU C 184 4.64 28.56 -36.60
N LYS C 185 5.07 27.66 -37.48
CA LYS C 185 4.73 27.77 -38.90
C LYS C 185 3.67 26.76 -39.37
N VAL C 186 3.42 25.71 -38.60
CA VAL C 186 2.39 24.74 -38.96
C VAL C 186 1.58 24.40 -37.71
N PRO C 187 0.35 23.93 -37.89
CA PRO C 187 -0.46 23.57 -36.73
C PRO C 187 0.06 22.32 -36.03
N ALA C 188 -0.31 22.18 -34.76
CA ALA C 188 0.15 21.05 -33.97
C ALA C 188 -0.98 20.51 -33.12
N ILE C 189 -0.89 19.23 -32.79
CA ILE C 189 -1.76 18.61 -31.82
C ILE C 189 -0.94 18.29 -30.58
N ASN C 190 -1.45 18.71 -29.42
CA ASN C 190 -0.89 18.40 -28.12
C ASN C 190 -1.41 17.02 -27.73
N VAL C 191 -0.61 16.00 -28.02
CA VAL C 191 -0.91 14.61 -27.68
C VAL C 191 -0.79 14.38 -26.18
N ASN C 192 0.11 15.13 -25.53
CA ASN C 192 0.41 14.87 -24.12
C ASN C 192 -0.85 14.94 -23.26
N ASP C 193 -1.75 15.86 -23.57
CA ASP C 193 -2.86 16.16 -22.68
C ASP C 193 -4.18 15.45 -23.01
N SER C 194 -4.18 14.48 -23.92
CA SER C 194 -5.18 13.43 -23.83
C SER C 194 -5.02 12.77 -22.46
N VAL C 195 -6.13 12.39 -21.83
CA VAL C 195 -6.01 11.74 -20.53
C VAL C 195 -5.33 10.38 -20.68
N THR C 196 -5.63 9.67 -21.77
CA THR C 196 -4.99 8.39 -22.00
C THR C 196 -3.52 8.53 -22.38
N LYS C 197 -3.03 9.76 -22.55
CA LYS C 197 -1.59 9.98 -22.62
C LYS C 197 -1.10 10.44 -21.26
N SER C 198 -1.43 11.67 -20.87
CA SER C 198 -0.82 12.28 -19.69
C SER C 198 -1.03 11.46 -18.43
N LYS C 199 -2.28 11.06 -18.16
CA LYS C 199 -2.64 10.40 -16.92
C LYS C 199 -2.48 8.90 -17.00
N ASN C 200 -1.63 8.44 -17.90
CA ASN C 200 -1.42 7.02 -18.12
C ASN C 200 0.08 6.83 -18.23
N ASP C 201 0.63 7.36 -19.32
CA ASP C 201 2.06 7.48 -19.56
C ASP C 201 2.83 8.20 -18.46
N ASN C 202 2.63 9.52 -18.33
CA ASN C 202 3.50 10.34 -17.48
C ASN C 202 3.53 9.84 -16.04
N LYS C 203 2.38 9.39 -15.55
CA LYS C 203 2.29 8.91 -14.17
C LYS C 203 2.58 7.42 -14.06
N TYR C 204 1.72 6.59 -14.66
CA TYR C 204 1.83 5.15 -14.46
C TYR C 204 3.07 4.57 -15.12
N GLY C 205 3.50 5.16 -16.24
CA GLY C 205 4.72 4.70 -16.89
C GLY C 205 5.93 4.84 -15.98
N CYS C 206 6.05 5.99 -15.31
CA CYS C 206 7.17 6.20 -14.41
C CYS C 206 7.06 5.33 -13.16
N ARG C 207 5.84 5.02 -12.73
CA ARG C 207 5.68 4.10 -11.61
CA ARG C 207 5.68 4.10 -11.61
C ARG C 207 6.28 2.75 -11.95
N HIS C 208 6.02 2.25 -13.17
CA HIS C 208 6.59 0.98 -13.59
C HIS C 208 8.10 1.07 -13.77
N SER C 209 8.59 2.14 -14.38
CA SER C 209 9.94 2.09 -14.93
C SER C 209 11.01 2.80 -14.09
N LEU C 210 10.65 3.62 -13.10
CA LEU C 210 11.71 4.27 -12.33
C LEU C 210 12.42 3.26 -11.42
N ASN C 211 11.68 2.51 -10.61
CA ASN C 211 12.37 1.55 -9.76
CA ASN C 211 12.36 1.54 -9.76
C ASN C 211 13.04 0.46 -10.59
N ASP C 212 12.46 0.13 -11.74
CA ASP C 212 13.07 -0.80 -12.70
C ASP C 212 14.48 -0.32 -13.07
N ALA C 213 14.60 0.93 -13.50
CA ALA C 213 15.91 1.44 -13.92
C ALA C 213 16.90 1.51 -12.76
N ILE C 214 16.43 1.89 -11.57
CA ILE C 214 17.35 1.98 -10.44
C ILE C 214 17.89 0.60 -10.08
N LYS C 215 17.02 -0.41 -10.09
CA LYS C 215 17.46 -1.78 -9.81
C LYS C 215 18.45 -2.27 -10.86
N ARG C 216 18.14 -2.06 -12.15
CA ARG C 216 19.06 -2.52 -13.18
C ARG C 216 20.42 -1.82 -13.08
N GLY C 217 20.41 -0.52 -12.75
CA GLY C 217 21.66 0.22 -12.73
C GLY C 217 22.51 -0.01 -11.49
N THR C 218 21.90 -0.24 -10.33
CA THR C 218 22.63 -0.37 -9.07
C THR C 218 22.40 -1.68 -8.34
N ASP C 219 21.26 -2.34 -8.56
CA ASP C 219 20.83 -3.50 -7.77
C ASP C 219 20.77 -3.17 -6.28
N HIS C 220 20.59 -1.89 -5.94
CA HIS C 220 20.43 -1.48 -4.54
C HIS C 220 19.06 -1.88 -3.99
N LEU C 221 19.07 -2.38 -2.75
CA LEU C 221 17.84 -2.42 -1.97
C LEU C 221 17.30 -1.01 -1.83
N LEU C 222 16.00 -0.83 -2.09
CA LEU C 222 15.33 0.44 -1.87
C LEU C 222 14.58 0.50 -0.56
N SER C 223 14.01 -0.63 -0.12
CA SER C 223 13.25 -0.68 1.12
C SER C 223 14.05 -0.13 2.29
N GLY C 224 13.40 0.73 3.10
CA GLY C 224 14.03 1.24 4.30
C GLY C 224 14.96 2.42 4.10
N LYS C 225 15.23 2.79 2.85
CA LYS C 225 16.14 3.88 2.57
C LYS C 225 15.36 5.16 2.29
N GLN C 226 16.06 6.29 2.31
CA GLN C 226 15.42 7.60 2.21
C GLN C 226 15.56 8.16 0.80
N ALA C 227 14.45 8.56 0.21
CA ALA C 227 14.43 9.18 -1.11
C ALA C 227 13.92 10.61 -1.04
N LEU C 228 14.42 11.45 -1.94
CA LEU C 228 13.86 12.78 -2.15
C LEU C 228 13.47 12.89 -3.61
N VAL C 229 12.17 13.07 -3.87
CA VAL C 229 11.67 13.27 -5.23
C VAL C 229 11.42 14.75 -5.40
N ILE C 230 12.08 15.35 -6.38
CA ILE C 230 11.92 16.78 -6.66
C ILE C 230 10.82 16.90 -7.72
N GLY C 231 9.69 17.43 -7.33
CA GLY C 231 8.57 17.56 -8.25
C GLY C 231 7.46 16.58 -7.91
N TYR C 232 6.21 17.02 -8.10
CA TYR C 232 5.06 16.16 -7.83
C TYR C 232 3.94 16.47 -8.84
N GLY C 233 4.32 16.68 -10.10
CA GLY C 233 3.38 16.67 -11.21
C GLY C 233 3.13 15.22 -11.57
N ASP C 234 2.77 14.97 -12.82
CA ASP C 234 2.41 13.61 -13.18
C ASP C 234 3.60 12.66 -13.04
N VAL C 235 4.78 13.09 -13.53
CA VAL C 235 5.98 12.25 -13.42
C VAL C 235 6.40 12.10 -11.96
N GLY C 236 6.32 13.17 -11.18
CA GLY C 236 6.68 13.07 -9.77
C GLY C 236 5.73 12.20 -8.97
N LYS C 237 4.44 12.24 -9.31
CA LYS C 237 3.48 11.36 -8.66
C LYS C 237 3.79 9.90 -8.92
N GLY C 238 4.01 9.55 -10.19
CA GLY C 238 4.33 8.16 -10.51
C GLY C 238 5.68 7.74 -9.96
N SER C 239 6.64 8.65 -9.97
CA SER C 239 7.97 8.36 -9.43
C SER C 239 7.90 8.11 -7.93
N SER C 240 7.21 8.99 -7.21
CA SER C 240 7.08 8.83 -5.77
C SER C 240 6.44 7.49 -5.42
N GLN C 241 5.44 7.07 -6.20
CA GLN C 241 4.79 5.79 -5.95
C GLN C 241 5.73 4.63 -6.26
N SER C 242 6.50 4.73 -7.35
CA SER C 242 7.47 3.70 -7.72
C SER C 242 8.39 3.40 -6.56
N LEU C 243 8.79 4.43 -5.82
CA LEU C 243 9.71 4.28 -4.69
C LEU C 243 8.98 3.87 -3.41
N ARG C 244 7.84 4.49 -3.11
CA ARG C 244 7.15 4.20 -1.86
C ARG C 244 6.64 2.75 -1.83
N GLN C 245 6.20 2.24 -2.98
CA GLN C 245 5.72 0.86 -3.02
C GLN C 245 6.85 -0.15 -2.79
N GLU C 246 8.10 0.23 -3.05
CA GLU C 246 9.26 -0.59 -2.71
C GLU C 246 9.63 -0.49 -1.24
N GLY C 247 8.95 0.36 -0.48
CA GLY C 247 9.30 0.56 0.92
C GLY C 247 10.27 1.68 1.19
N MET C 248 10.54 2.57 0.23
CA MET C 248 11.38 3.73 0.54
C MET C 248 10.61 4.69 1.43
N ILE C 249 11.35 5.43 2.26
CA ILE C 249 10.77 6.58 2.97
C ILE C 249 10.97 7.77 2.04
N VAL C 250 9.87 8.21 1.43
CA VAL C 250 9.92 9.20 0.35
C VAL C 250 9.51 10.57 0.88
N LYS C 251 10.37 11.56 0.65
CA LYS C 251 10.04 12.97 0.86
C LYS C 251 9.89 13.65 -0.51
N VAL C 252 9.00 14.64 -0.59
CA VAL C 252 8.66 15.30 -1.85
C VAL C 252 8.96 16.78 -1.73
N ALA C 253 9.56 17.35 -2.78
CA ALA C 253 9.72 18.79 -2.90
C ALA C 253 8.86 19.33 -4.04
N GLU C 254 8.33 20.55 -3.85
CA GLU C 254 7.47 21.16 -4.86
C GLU C 254 7.54 22.67 -4.73
N VAL C 255 7.32 23.35 -5.86
CA VAL C 255 7.06 24.78 -5.85
C VAL C 255 5.58 25.08 -5.96
N ASP C 256 4.77 24.11 -6.41
CA ASP C 256 3.34 24.31 -6.64
C ASP C 256 2.61 23.85 -5.39
N PRO C 257 1.95 24.74 -4.63
CA PRO C 257 1.33 24.28 -3.38
C PRO C 257 0.17 23.32 -3.57
N ILE C 258 -0.53 23.35 -4.71
CA ILE C 258 -1.59 22.37 -4.92
C ILE C 258 -0.99 20.98 -5.06
N CYS C 259 0.05 20.85 -5.89
CA CYS C 259 0.75 19.57 -5.99
C CYS C 259 1.33 19.16 -4.64
N ALA C 260 1.84 20.12 -3.88
CA ALA C 260 2.35 19.81 -2.54
C ALA C 260 1.24 19.30 -1.62
N MET C 261 0.04 19.88 -1.72
N MET C 261 0.04 19.88 -1.72
CA MET C 261 -1.08 19.40 -0.93
CA MET C 261 -1.08 19.40 -0.93
C MET C 261 -1.41 17.95 -1.26
C MET C 261 -1.41 17.95 -1.26
N GLN C 262 -1.39 17.60 -2.54
CA GLN C 262 -1.61 16.22 -2.95
C GLN C 262 -0.57 15.29 -2.35
N ALA C 263 0.69 15.74 -2.31
CA ALA C 263 1.74 14.87 -1.76
C ALA C 263 1.48 14.60 -0.28
N CYS C 264 1.10 15.64 0.46
CA CYS C 264 0.77 15.47 1.88
C CYS C 264 -0.35 14.46 2.04
N MET C 265 -1.47 14.68 1.34
CA MET C 265 -2.61 13.78 1.43
C MET C 265 -2.27 12.36 0.98
N ASP C 266 -1.36 12.24 0.02
CA ASP C 266 -0.91 10.93 -0.42
C ASP C 266 0.04 10.27 0.58
N GLY C 267 0.37 10.91 1.68
CA GLY C 267 1.16 10.28 2.71
C GLY C 267 2.65 10.56 2.67
N PHE C 268 3.08 11.65 2.03
CA PHE C 268 4.48 12.01 1.97
C PHE C 268 4.74 13.26 2.78
N GLU C 269 5.96 13.35 3.33
CA GLU C 269 6.44 14.57 3.96
C GLU C 269 6.98 15.50 2.87
N VAL C 270 6.54 16.76 2.89
CA VAL C 270 6.94 17.73 1.88
C VAL C 270 8.05 18.59 2.47
N VAL C 271 9.21 18.61 1.80
CA VAL C 271 10.39 19.28 2.31
C VAL C 271 11.00 20.10 1.17
N SER C 272 11.86 21.03 1.55
CA SER C 272 12.66 21.78 0.57
C SER C 272 14.15 21.52 0.80
N PRO C 273 14.95 21.42 -0.26
CA PRO C 273 16.41 21.38 -0.07
C PRO C 273 16.96 22.63 0.57
N TYR C 274 16.22 23.75 0.54
CA TYR C 274 16.63 25.04 1.04
C TYR C 274 15.89 25.36 2.33
N LYS C 275 16.59 26.00 3.25
CA LYS C 275 15.98 26.47 4.49
C LYS C 275 14.83 27.43 4.18
N ASN C 276 13.66 27.12 4.71
CA ASN C 276 12.42 27.87 4.49
C ASN C 276 12.07 27.95 3.01
N GLY C 277 12.62 27.06 2.19
CA GLY C 277 12.32 27.03 0.78
C GLY C 277 13.03 28.09 -0.04
N ILE C 278 13.93 28.87 0.55
CA ILE C 278 14.51 30.03 -0.15
C ILE C 278 15.89 29.65 -0.71
N ASN C 279 15.96 29.58 -2.04
CA ASN C 279 17.14 29.23 -2.83
C ASN C 279 17.85 30.55 -3.15
N ASP C 280 18.76 30.99 -2.27
CA ASP C 280 19.45 32.27 -2.46
C ASP C 280 20.86 32.14 -3.04
N GLY C 281 21.26 30.95 -3.47
CA GLY C 281 22.54 30.78 -4.11
C GLY C 281 23.69 30.37 -3.22
N THR C 282 23.54 30.49 -1.90
CA THR C 282 24.64 30.24 -0.97
C THR C 282 24.57 28.80 -0.44
N GLU C 283 25.74 28.29 -0.03
CA GLU C 283 25.75 27.02 0.67
C GLU C 283 24.94 27.11 1.97
N ALA C 284 24.94 28.27 2.62
CA ALA C 284 24.26 28.42 3.90
C ALA C 284 22.76 28.17 3.79
N SER C 285 22.17 28.37 2.60
CA SER C 285 20.76 28.11 2.42
C SER C 285 20.42 26.63 2.29
N ILE C 286 21.42 25.76 2.10
CA ILE C 286 21.14 24.34 1.95
C ILE C 286 20.77 23.74 3.31
N ASP C 287 19.71 22.94 3.34
CA ASP C 287 19.38 22.16 4.53
C ASP C 287 20.31 20.95 4.51
N ALA C 288 21.50 21.13 5.09
CA ALA C 288 22.52 20.09 5.02
C ALA C 288 22.13 18.88 5.85
N ALA C 289 21.37 19.09 6.93
CA ALA C 289 20.94 17.94 7.74
C ALA C 289 19.99 17.04 6.95
N LEU C 290 19.05 17.66 6.23
CA LEU C 290 18.14 16.90 5.37
C LEU C 290 18.91 16.16 4.28
N LEU C 291 19.71 16.88 3.51
CA LEU C 291 20.38 16.26 2.37
C LEU C 291 21.38 15.19 2.81
N GLY C 292 21.96 15.33 4.00
CA GLY C 292 22.90 14.35 4.51
C GLY C 292 22.28 13.02 4.90
N LYS C 293 20.95 12.91 4.87
CA LYS C 293 20.24 11.68 5.18
C LYS C 293 19.62 11.04 3.95
N ILE C 294 19.76 11.64 2.76
CA ILE C 294 19.06 11.16 1.57
C ILE C 294 19.93 10.14 0.82
N ASP C 295 19.35 8.95 0.55
CA ASP C 295 20.04 7.90 -0.18
C ASP C 295 19.81 7.95 -1.68
N LEU C 296 18.78 8.68 -2.13
CA LEU C 296 18.38 8.68 -3.53
C LEU C 296 17.66 9.98 -3.81
N ILE C 297 18.08 10.69 -4.86
CA ILE C 297 17.37 11.89 -5.30
C ILE C 297 16.94 11.67 -6.74
N VAL C 298 15.69 11.99 -7.04
CA VAL C 298 15.13 11.82 -8.37
C VAL C 298 14.51 13.14 -8.78
N THR C 299 14.91 13.69 -9.93
CA THR C 299 14.30 14.93 -10.43
C THR C 299 13.22 14.62 -11.46
N THR C 300 12.09 15.36 -11.39
CA THR C 300 10.93 15.05 -12.21
C THR C 300 10.27 16.32 -12.78
N THR C 301 10.99 17.43 -12.87
CA THR C 301 10.35 18.74 -12.94
C THR C 301 10.15 19.29 -14.35
N GLY C 302 11.04 18.95 -15.30
CA GLY C 302 11.12 19.72 -16.52
C GLY C 302 11.69 21.10 -16.35
N ASN C 303 12.24 21.40 -15.17
CA ASN C 303 12.84 22.69 -14.88
C ASN C 303 14.37 22.55 -14.90
N VAL C 304 15.07 23.64 -14.61
CA VAL C 304 16.53 23.69 -14.71
C VAL C 304 17.14 23.77 -13.31
N ASN C 305 18.16 22.94 -13.07
CA ASN C 305 19.00 23.07 -11.88
C ASN C 305 18.20 22.92 -10.59
N VAL C 306 17.38 21.87 -10.52
CA VAL C 306 16.61 21.61 -9.32
C VAL C 306 17.35 20.67 -8.38
N CYS C 307 18.42 20.03 -8.86
CA CYS C 307 19.38 19.33 -8.00
C CYS C 307 20.70 20.01 -8.29
N ASP C 308 21.02 21.05 -7.53
CA ASP C 308 22.06 21.97 -7.92
C ASP C 308 23.39 21.60 -7.27
N ALA C 309 24.43 22.39 -7.60
CA ALA C 309 25.78 22.08 -7.14
C ALA C 309 25.87 22.00 -5.62
N ASN C 310 25.24 22.95 -4.93
CA ASN C 310 25.33 22.95 -3.47
C ASN C 310 24.57 21.78 -2.85
N MET C 311 23.47 21.35 -3.48
CA MET C 311 22.79 20.14 -3.05
C MET C 311 23.68 18.92 -3.25
N LEU C 312 24.34 18.83 -4.41
CA LEU C 312 25.21 17.70 -4.67
C LEU C 312 26.38 17.62 -3.68
N LYS C 313 26.88 18.78 -3.25
CA LYS C 313 27.97 18.77 -2.27
C LYS C 313 27.48 18.28 -0.91
N ALA C 314 26.20 18.53 -0.59
CA ALA C 314 25.67 18.21 0.72
C ALA C 314 25.09 16.80 0.83
N LEU C 315 24.88 16.12 -0.30
CA LEU C 315 24.23 14.82 -0.26
C LEU C 315 25.04 13.80 0.52
N LYS C 316 24.31 12.90 1.18
CA LYS C 316 24.90 11.75 1.86
C LYS C 316 25.86 11.01 0.93
N LYS C 317 27.00 10.59 1.49
CA LYS C 317 27.95 9.77 0.76
C LYS C 317 27.24 8.55 0.17
N ARG C 318 27.58 8.25 -1.09
CA ARG C 318 27.11 7.07 -1.83
C ARG C 318 25.64 7.14 -2.20
N ALA C 319 25.02 8.31 -2.10
CA ALA C 319 23.66 8.51 -2.61
C ALA C 319 23.62 8.33 -4.13
N VAL C 320 22.48 7.86 -4.61
CA VAL C 320 22.19 7.74 -6.03
C VAL C 320 21.48 9.00 -6.49
N VAL C 321 21.86 9.50 -7.66
CA VAL C 321 21.30 10.71 -8.26
C VAL C 321 20.79 10.36 -9.65
N CYS C 322 19.55 10.73 -9.96
CA CYS C 322 19.07 10.43 -11.30
C CYS C 322 17.95 11.39 -11.67
N ASN C 323 17.64 11.41 -12.95
CA ASN C 323 16.71 12.37 -13.53
C ASN C 323 15.75 11.61 -14.44
N ILE C 324 14.45 11.85 -14.27
CA ILE C 324 13.47 11.23 -15.15
C ILE C 324 12.65 12.28 -15.91
N GLY C 325 12.99 13.57 -15.77
CA GLY C 325 12.48 14.59 -16.66
C GLY C 325 13.14 14.49 -18.03
N HIS C 326 12.66 15.29 -18.97
CA HIS C 326 13.07 15.10 -20.37
C HIS C 326 14.54 15.43 -20.64
N PHE C 327 15.11 16.43 -19.96
CA PHE C 327 16.44 16.94 -20.31
C PHE C 327 17.36 16.86 -19.11
N ASP C 328 18.68 16.69 -19.39
CA ASP C 328 19.72 16.41 -18.40
C ASP C 328 20.25 17.65 -17.69
N ASN C 329 19.56 18.78 -17.74
CA ASN C 329 19.97 19.95 -16.97
C ASN C 329 19.17 20.10 -15.68
N GLU C 330 18.33 19.13 -15.33
CA GLU C 330 17.68 19.17 -14.01
C GLU C 330 18.71 19.02 -12.90
N ILE C 331 19.74 18.21 -13.14
CA ILE C 331 20.88 18.04 -12.23
C ILE C 331 22.03 18.84 -12.81
N ASP C 332 22.79 19.52 -11.95
CA ASP C 332 23.94 20.29 -12.44
C ASP C 332 25.09 19.32 -12.71
N THR C 333 24.94 18.55 -13.79
CA THR C 333 25.99 17.60 -14.16
C THR C 333 27.23 18.31 -14.68
N ALA C 334 27.09 19.52 -15.23
CA ALA C 334 28.25 20.26 -15.72
C ALA C 334 29.19 20.61 -14.56
N PHE C 335 28.63 20.97 -13.40
CA PHE C 335 29.46 21.20 -12.22
C PHE C 335 30.25 19.95 -11.86
N MET C 336 29.61 18.79 -11.93
CA MET C 336 30.29 17.55 -11.57
C MET C 336 31.35 17.18 -12.60
N ARG C 337 31.09 17.44 -13.88
CA ARG C 337 32.14 17.23 -14.88
C ARG C 337 33.32 18.14 -14.63
N LYS C 338 33.06 19.38 -14.23
CA LYS C 338 34.14 20.35 -14.05
C LYS C 338 35.00 20.02 -12.84
N ASN C 339 34.41 19.49 -11.77
CA ASN C 339 35.06 19.51 -10.47
C ASN C 339 35.38 18.13 -9.90
N TRP C 340 34.73 17.07 -10.37
CA TRP C 340 34.86 15.77 -9.72
C TRP C 340 35.24 14.70 -10.74
N ALA C 341 35.85 13.62 -10.24
CA ALA C 341 36.36 12.55 -11.10
C ALA C 341 35.31 11.47 -11.30
N TRP C 342 35.05 11.12 -12.57
CA TRP C 342 34.04 10.11 -12.90
C TRP C 342 34.70 8.75 -13.08
N GLU C 343 34.13 7.72 -12.44
CA GLU C 343 34.57 6.33 -12.57
C GLU C 343 33.39 5.56 -13.14
N GLU C 344 33.52 5.09 -14.38
CA GLU C 344 32.43 4.28 -14.93
C GLU C 344 32.37 2.93 -14.22
N VAL C 345 31.19 2.58 -13.71
CA VAL C 345 30.97 1.24 -13.17
C VAL C 345 30.67 0.27 -14.31
N LYS C 346 29.74 0.68 -15.15
CA LYS C 346 29.30 -0.02 -16.35
C LYS C 346 28.51 1.01 -17.17
N PRO C 347 28.14 0.70 -18.40
CA PRO C 347 27.45 1.72 -19.21
C PRO C 347 26.27 2.34 -18.48
N GLN C 348 26.21 3.69 -18.52
CA GLN C 348 25.17 4.50 -17.91
C GLN C 348 25.17 4.44 -16.39
N VAL C 349 26.28 4.04 -15.76
CA VAL C 349 26.40 4.08 -14.30
C VAL C 349 27.79 4.65 -13.99
N HIS C 350 27.84 5.80 -13.31
CA HIS C 350 29.13 6.39 -12.94
C HIS C 350 29.18 6.69 -11.45
N LYS C 351 30.30 6.34 -10.83
CA LYS C 351 30.63 6.89 -9.52
C LYS C 351 31.31 8.24 -9.71
N ILE C 352 30.80 9.26 -9.02
CA ILE C 352 31.34 10.61 -9.11
C ILE C 352 32.05 10.90 -7.78
N HIS C 353 33.38 10.99 -7.85
CA HIS C 353 34.23 11.08 -6.66
C HIS C 353 34.40 12.53 -6.24
N ARG C 354 33.89 12.87 -5.06
CA ARG C 354 33.88 14.24 -4.59
C ARG C 354 35.19 14.65 -3.96
N THR C 355 36.20 13.79 -4.03
CA THR C 355 37.52 14.07 -3.47
C THR C 355 38.35 14.99 -4.35
N GLY C 356 37.94 15.21 -5.58
CA GLY C 356 38.70 16.06 -6.48
C GLY C 356 38.47 15.65 -7.92
N LYS C 357 39.15 16.37 -8.80
CA LYS C 357 38.94 16.28 -10.26
C LYS C 357 39.89 15.33 -10.94
N ASP C 358 41.17 15.36 -10.58
CA ASP C 358 42.19 14.63 -11.31
C ASP C 358 42.49 13.33 -10.58
N GLY C 359 41.85 12.26 -11.00
CA GLY C 359 42.06 10.94 -10.42
C GLY C 359 41.19 10.70 -9.20
N PHE C 360 41.19 9.45 -8.76
CA PHE C 360 40.41 9.05 -7.60
C PHE C 360 41.03 7.80 -7.01
N ASP C 361 40.79 7.59 -5.73
CA ASP C 361 41.13 6.33 -5.07
C ASP C 361 40.03 5.32 -5.34
N ALA C 362 40.40 4.15 -5.89
CA ALA C 362 39.41 3.12 -6.20
C ALA C 362 38.60 2.70 -4.98
N HIS C 363 39.11 2.95 -3.78
CA HIS C 363 38.42 2.60 -2.55
C HIS C 363 37.89 3.82 -1.80
N ASN C 364 37.88 4.98 -2.46
CA ASN C 364 37.29 6.17 -1.84
C ASN C 364 35.83 5.91 -1.49
N ASP C 365 35.42 6.35 -0.30
CA ASP C 365 34.04 6.19 0.14
C ASP C 365 33.17 7.42 -0.16
N ASP C 366 33.76 8.54 -0.56
CA ASP C 366 33.02 9.79 -0.75
C ASP C 366 32.69 9.97 -2.22
N TYR C 367 31.64 9.27 -2.67
CA TYR C 367 31.22 9.36 -4.07
C TYR C 367 29.70 9.35 -4.12
N LEU C 368 29.18 9.83 -5.25
CA LEU C 368 27.77 9.71 -5.61
C LEU C 368 27.67 8.76 -6.80
N ILE C 369 26.51 8.10 -6.95
CA ILE C 369 26.26 7.27 -8.12
C ILE C 369 25.28 8.00 -9.01
N LEU C 370 25.71 8.36 -10.22
CA LEU C 370 24.86 9.03 -11.20
C LEU C 370 24.44 8.02 -12.24
N LEU C 371 23.14 7.98 -12.54
CA LEU C 371 22.61 7.10 -13.56
C LEU C 371 22.39 7.84 -14.88
N ALA C 372 22.74 7.17 -15.98
CA ALA C 372 22.49 7.65 -17.34
C ALA C 372 23.06 9.04 -17.60
N GLU C 373 24.11 9.43 -16.87
CA GLU C 373 24.74 10.75 -17.01
C GLU C 373 23.73 11.88 -16.85
N GLY C 374 22.73 11.66 -16.01
CA GLY C 374 21.70 12.64 -15.74
C GLY C 374 20.60 12.71 -16.77
N ARG C 375 20.59 11.84 -17.78
CA ARG C 375 19.55 11.76 -18.80
C ARG C 375 18.41 10.85 -18.33
N LEU C 376 17.29 10.89 -19.06
CA LEU C 376 16.08 10.14 -18.71
C LEU C 376 16.41 8.75 -18.21
N VAL C 377 16.25 8.51 -16.91
CA VAL C 377 16.84 7.30 -16.33
C VAL C 377 16.04 6.05 -16.68
N ASN C 378 14.71 6.17 -16.84
CA ASN C 378 13.93 4.97 -17.11
C ASN C 378 14.29 4.40 -18.48
N LEU C 379 14.51 5.27 -19.47
CA LEU C 379 14.92 4.82 -20.78
C LEU C 379 16.42 4.53 -20.84
N GLY C 380 17.22 5.25 -20.06
CA GLY C 380 18.66 5.09 -20.12
C GLY C 380 19.17 3.83 -19.45
N ASN C 381 18.59 3.47 -18.30
CA ASN C 381 19.07 2.33 -17.53
C ASN C 381 18.12 1.14 -17.56
N ALA C 382 16.95 1.28 -18.19
CA ALA C 382 16.06 0.16 -18.39
C ALA C 382 15.46 0.27 -19.79
N THR C 383 14.14 0.09 -19.94
CA THR C 383 13.53 0.13 -21.27
C THR C 383 12.36 1.11 -21.32
N GLY C 384 12.31 2.07 -20.41
CA GLY C 384 11.20 3.00 -20.39
C GLY C 384 9.88 2.32 -20.02
N HIS C 385 8.80 2.98 -20.41
CA HIS C 385 7.48 2.51 -20.07
C HIS C 385 7.18 1.18 -20.78
N PRO C 386 6.29 0.37 -20.21
CA PRO C 386 5.93 -0.90 -20.83
C PRO C 386 4.91 -0.73 -21.95
N SER C 387 4.86 -1.75 -22.81
CA SER C 387 4.03 -1.69 -24.02
C SER C 387 2.57 -1.32 -23.70
N ARG C 388 1.98 -1.96 -22.69
CA ARG C 388 0.57 -1.74 -22.43
C ARG C 388 0.28 -0.30 -21.99
N ILE C 389 1.27 0.40 -21.44
CA ILE C 389 1.10 1.82 -21.13
C ILE C 389 1.34 2.68 -22.37
N MET C 390 2.42 2.39 -23.11
CA MET C 390 2.70 3.18 -24.31
C MET C 390 1.60 3.07 -25.35
N ASP C 391 0.80 1.99 -25.27
CA ASP C 391 -0.37 1.81 -26.13
C ASP C 391 -1.27 3.03 -26.11
N GLY C 392 -1.52 3.61 -24.94
CA GLY C 392 -2.39 4.76 -24.86
C GLY C 392 -1.81 5.97 -25.57
N SER C 393 -0.56 6.30 -25.25
CA SER C 393 0.09 7.45 -25.87
C SER C 393 0.15 7.30 -27.38
N PHE C 394 0.50 6.12 -27.86
CA PHE C 394 0.78 5.97 -29.29
C PHE C 394 -0.51 5.82 -30.12
N ALA C 395 -1.59 5.29 -29.53
CA ALA C 395 -2.87 5.38 -30.24
C ALA C 395 -3.29 6.83 -30.45
N ASN C 396 -3.04 7.69 -29.45
CA ASN C 396 -3.32 9.11 -29.63
C ASN C 396 -2.46 9.71 -30.73
N GLN C 397 -1.17 9.34 -30.77
CA GLN C 397 -0.27 9.83 -31.82
C GLN C 397 -0.82 9.51 -33.21
N VAL C 398 -1.25 8.26 -33.40
CA VAL C 398 -1.74 7.84 -34.70
C VAL C 398 -2.98 8.64 -35.08
N LEU C 399 -3.92 8.78 -34.14
CA LEU C 399 -5.13 9.53 -34.42
C LEU C 399 -4.82 10.99 -34.75
N ALA C 400 -3.84 11.56 -34.05
CA ALA C 400 -3.49 12.95 -34.32
C ALA C 400 -2.81 13.09 -35.69
N GLN C 401 -1.98 12.11 -36.08
CA GLN C 401 -1.40 12.14 -37.41
C GLN C 401 -2.48 12.06 -38.49
N ILE C 402 -3.44 11.15 -38.31
CA ILE C 402 -4.54 11.06 -39.27
C ILE C 402 -5.26 12.39 -39.37
N HIS C 403 -5.55 13.01 -38.22
CA HIS C 403 -6.34 14.25 -38.26
C HIS C 403 -5.61 15.36 -38.99
N LEU C 404 -4.36 15.64 -38.62
CA LEU C 404 -3.67 16.75 -39.27
C LEU C 404 -3.37 16.46 -40.72
N PHE C 405 -3.07 15.21 -41.06
CA PHE C 405 -2.78 14.89 -42.45
C PHE C 405 -4.02 15.07 -43.32
N GLU C 406 -5.19 14.65 -42.82
CA GLU C 406 -6.41 14.81 -43.61
C GLU C 406 -6.83 16.26 -43.71
N GLN C 407 -6.43 17.09 -42.73
CA GLN C 407 -6.75 18.52 -42.79
C GLN C 407 -5.97 19.23 -43.90
N LYS C 408 -4.77 18.76 -44.24
CA LYS C 408 -3.98 19.31 -45.35
C LYS C 408 -3.75 20.83 -45.22
N TYR C 409 -3.20 21.24 -44.07
CA TYR C 409 -2.93 22.65 -43.82
C TYR C 409 -2.03 23.26 -44.88
N ALA C 410 -1.00 22.52 -45.30
CA ALA C 410 -0.02 23.08 -46.23
C ALA C 410 -0.64 23.43 -47.59
N ASP C 411 -1.84 22.91 -47.88
CA ASP C 411 -2.52 23.18 -49.12
C ASP C 411 -3.59 24.26 -49.01
N LEU C 412 -3.75 24.87 -47.84
CA LEU C 412 -4.82 25.84 -47.65
C LEU C 412 -4.42 27.22 -48.14
N PRO C 413 -5.38 28.06 -48.54
CA PRO C 413 -5.08 29.47 -48.83
C PRO C 413 -4.65 30.19 -47.55
N ALA C 414 -3.87 31.26 -47.76
CA ALA C 414 -3.22 31.94 -46.63
C ALA C 414 -4.24 32.40 -45.58
N ALA C 415 -5.42 32.83 -46.02
CA ALA C 415 -6.43 33.26 -45.06
C ALA C 415 -6.98 32.08 -44.27
N GLU C 416 -7.11 30.92 -44.91
CA GLU C 416 -7.57 29.73 -44.21
C GLU C 416 -6.50 29.18 -43.28
N LYS C 417 -5.23 29.40 -43.62
CA LYS C 417 -4.14 28.96 -42.75
C LYS C 417 -4.12 29.73 -41.44
N ALA C 418 -4.33 31.06 -41.50
CA ALA C 418 -4.23 31.90 -40.31
C ALA C 418 -5.22 31.47 -39.24
N LYS C 419 -6.43 31.06 -39.66
CA LYS C 419 -7.42 30.56 -38.71
C LYS C 419 -7.15 29.12 -38.30
N ARG C 420 -6.24 28.42 -38.97
CA ARG C 420 -5.92 27.03 -38.65
C ARG C 420 -4.65 26.86 -37.84
N LEU C 421 -3.84 27.90 -37.70
CA LEU C 421 -2.55 27.80 -37.01
C LEU C 421 -2.80 27.80 -35.50
N SER C 422 -2.92 26.60 -34.93
CA SER C 422 -3.18 26.48 -33.50
C SER C 422 -2.49 25.23 -32.97
N VAL C 423 -2.49 25.12 -31.63
CA VAL C 423 -2.08 23.91 -30.93
C VAL C 423 -3.33 23.36 -30.24
N GLU C 424 -3.83 22.24 -30.75
CA GLU C 424 -5.11 21.71 -30.30
C GLU C 424 -4.92 20.34 -29.66
N VAL C 425 -5.99 19.86 -29.02
CA VAL C 425 -6.03 18.52 -28.49
C VAL C 425 -7.11 17.73 -29.25
N LEU C 426 -7.06 16.42 -29.09
CA LEU C 426 -8.06 15.54 -29.68
C LEU C 426 -9.37 15.62 -28.90
N PRO C 427 -10.51 15.41 -29.56
CA PRO C 427 -11.79 15.44 -28.84
C PRO C 427 -11.89 14.34 -27.79
N LYS C 428 -12.68 14.61 -26.75
CA LYS C 428 -12.76 13.69 -25.63
C LYS C 428 -13.30 12.33 -26.06
N LYS C 429 -14.16 12.29 -27.08
CA LYS C 429 -14.70 11.01 -27.52
C LYS C 429 -13.58 10.08 -27.96
N LEU C 430 -12.57 10.61 -28.67
CA LEU C 430 -11.47 9.75 -29.11
C LEU C 430 -10.65 9.28 -27.91
N ASP C 431 -10.41 10.19 -26.95
CA ASP C 431 -9.74 9.85 -25.70
C ASP C 431 -10.45 8.67 -25.02
N GLU C 432 -11.78 8.77 -24.90
CA GLU C 432 -12.58 7.69 -24.33
C GLU C 432 -12.48 6.41 -25.15
N GLU C 433 -12.44 6.53 -26.48
CA GLU C 433 -12.33 5.31 -27.30
C GLU C 433 -10.99 4.62 -27.13
N VAL C 434 -9.90 5.39 -27.01
CA VAL C 434 -8.62 4.79 -26.67
C VAL C 434 -8.70 4.07 -25.32
N ALA C 435 -9.27 4.75 -24.32
CA ALA C 435 -9.38 4.17 -22.99
C ALA C 435 -10.17 2.86 -23.03
N LEU C 436 -11.24 2.81 -23.82
CA LEU C 436 -12.06 1.60 -23.86
C LEU C 436 -11.25 0.40 -24.32
N GLU C 437 -10.40 0.59 -25.33
CA GLU C 437 -9.58 -0.51 -25.82
C GLU C 437 -8.55 -0.92 -24.78
N MET C 438 -8.00 0.07 -24.05
CA MET C 438 -7.07 -0.28 -22.97
C MET C 438 -7.76 -1.10 -21.90
N VAL C 439 -8.98 -0.69 -21.50
CA VAL C 439 -9.69 -1.42 -20.45
C VAL C 439 -9.97 -2.85 -20.88
N LYS C 440 -10.41 -3.04 -22.13
CA LYS C 440 -10.63 -4.40 -22.61
C LYS C 440 -9.34 -5.23 -22.59
N GLY C 441 -8.19 -4.59 -22.79
CA GLY C 441 -6.93 -5.31 -22.71
C GLY C 441 -6.67 -5.93 -21.35
N PHE C 442 -7.22 -5.33 -20.29
CA PHE C 442 -7.16 -5.91 -18.95
C PHE C 442 -8.28 -6.89 -18.69
N GLY C 443 -9.16 -7.13 -19.67
CA GLY C 443 -10.34 -7.90 -19.39
C GLY C 443 -11.41 -7.16 -18.60
N GLY C 444 -11.29 -5.84 -18.47
CA GLY C 444 -12.30 -5.08 -17.75
C GLY C 444 -13.57 -4.91 -18.58
N VAL C 445 -14.69 -4.78 -17.89
CA VAL C 445 -16.01 -4.65 -18.52
C VAL C 445 -16.61 -3.32 -18.11
N VAL C 446 -16.79 -2.42 -19.09
CA VAL C 446 -17.40 -1.11 -18.87
C VAL C 446 -18.93 -1.25 -18.95
N THR C 447 -19.63 -0.65 -18.00
CA THR C 447 -21.09 -0.71 -17.94
C THR C 447 -21.68 0.34 -18.89
N GLN C 448 -22.82 0.02 -19.47
CA GLN C 448 -23.54 0.93 -20.34
C GLN C 448 -24.69 1.57 -19.56
N LEU C 449 -24.74 2.90 -19.60
CA LEU C 449 -25.87 3.63 -19.03
C LEU C 449 -27.18 3.23 -19.68
N THR C 450 -28.24 3.18 -18.88
CA THR C 450 -29.57 3.15 -19.45
C THR C 450 -29.91 4.55 -19.99
N PRO C 451 -30.88 4.64 -20.91
CA PRO C 451 -31.30 5.98 -21.34
C PRO C 451 -31.73 6.87 -20.20
N LYS C 452 -32.48 6.34 -19.23
CA LYS C 452 -32.89 7.16 -18.08
C LYS C 452 -31.70 7.63 -17.27
N GLN C 453 -30.69 6.77 -17.11
CA GLN C 453 -29.52 7.17 -16.32
C GLN C 453 -28.72 8.24 -17.05
N ALA C 454 -28.55 8.08 -18.37
CA ALA C 454 -27.86 9.09 -19.15
C ALA C 454 -28.59 10.44 -19.05
N GLU C 455 -29.92 10.41 -19.15
CA GLU C 455 -30.72 11.63 -19.00
C GLU C 455 -30.53 12.23 -17.62
N TYR C 456 -30.52 11.39 -16.58
CA TYR C 456 -30.40 11.88 -15.22
C TYR C 456 -29.10 12.66 -15.00
N ILE C 457 -27.97 12.18 -15.53
CA ILE C 457 -26.70 12.87 -15.31
C ILE C 457 -26.35 13.81 -16.47
N GLY C 458 -27.20 13.90 -17.49
CA GLY C 458 -27.01 14.88 -18.55
C GLY C 458 -25.95 14.54 -19.56
N VAL C 459 -25.80 13.27 -19.92
CA VAL C 459 -24.84 12.84 -20.92
C VAL C 459 -25.58 11.96 -21.92
N SER C 460 -24.91 11.68 -23.04
CA SER C 460 -25.40 10.69 -23.98
C SER C 460 -24.93 9.30 -23.55
N VAL C 461 -25.74 8.29 -23.84
CA VAL C 461 -25.31 6.92 -23.57
C VAL C 461 -24.00 6.63 -24.27
N GLU C 462 -23.77 7.29 -25.41
CA GLU C 462 -22.57 7.15 -26.21
C GLU C 462 -21.36 7.89 -25.61
N GLY C 463 -21.59 8.82 -24.68
CA GLY C 463 -20.55 9.70 -24.21
C GLY C 463 -20.40 10.86 -25.18
N PRO C 464 -19.47 11.80 -24.92
CA PRO C 464 -18.54 11.86 -23.78
C PRO C 464 -19.25 11.95 -22.44
N PHE C 465 -18.63 11.36 -21.42
CA PHE C 465 -19.24 11.22 -20.10
C PHE C 465 -18.88 12.35 -19.15
N LYS C 466 -17.95 13.23 -19.53
CA LYS C 466 -17.45 14.30 -18.69
C LYS C 466 -17.32 15.58 -19.49
N PRO C 467 -17.49 16.73 -18.86
CA PRO C 467 -17.21 17.99 -19.55
C PRO C 467 -15.71 18.15 -19.78
N ASP C 468 -15.35 19.04 -20.70
CA ASP C 468 -13.93 19.22 -21.00
C ASP C 468 -13.15 19.76 -19.79
N THR C 469 -13.83 20.35 -18.81
CA THR C 469 -13.18 20.86 -17.60
C THR C 469 -12.83 19.77 -16.60
N TYR C 470 -13.32 18.55 -16.79
CA TYR C 470 -13.12 17.51 -15.79
C TYR C 470 -11.65 17.11 -15.69
N ARG C 471 -11.17 16.92 -14.46
CA ARG C 471 -9.74 16.67 -14.25
C ARG C 471 -9.39 15.21 -13.99
N TYR C 472 -10.38 14.32 -13.81
CA TYR C 472 -10.09 12.90 -13.50
C TYR C 472 -9.17 12.77 -12.29
N ALA D 11 48.99 -14.73 -10.84
CA ALA D 11 50.27 -14.92 -11.52
C ALA D 11 50.67 -16.40 -11.50
N GLY D 12 50.38 -17.10 -12.59
CA GLY D 12 50.51 -18.54 -12.62
C GLY D 12 49.27 -19.29 -12.19
N PHE D 13 48.19 -18.59 -11.86
CA PHE D 13 46.99 -19.21 -11.31
C PHE D 13 46.08 -19.66 -12.46
N THR D 14 45.80 -20.98 -12.50
CA THR D 14 44.90 -21.55 -13.50
C THR D 14 43.80 -22.40 -12.88
N ASP D 15 43.69 -22.45 -11.56
CA ASP D 15 42.80 -23.37 -10.86
C ASP D 15 41.39 -22.78 -10.77
N TYR D 16 40.78 -22.60 -11.94
CA TYR D 16 39.43 -22.04 -12.00
C TYR D 16 38.84 -22.32 -13.38
N LYS D 17 37.55 -22.02 -13.53
CA LYS D 17 36.91 -22.04 -14.84
C LYS D 17 35.73 -21.07 -14.79
N VAL D 18 35.81 -19.99 -15.57
CA VAL D 18 34.77 -18.97 -15.62
C VAL D 18 34.49 -18.63 -17.08
N ALA D 19 33.43 -17.85 -17.30
CA ALA D 19 33.06 -17.49 -18.67
C ALA D 19 34.12 -16.63 -19.32
N ASP D 20 34.63 -15.62 -18.61
CA ASP D 20 35.49 -14.62 -19.24
C ASP D 20 36.25 -13.89 -18.12
N ILE D 21 37.53 -14.25 -17.97
CA ILE D 21 38.34 -13.66 -16.91
C ILE D 21 38.49 -12.14 -17.07
N THR D 22 38.34 -11.62 -18.30
CA THR D 22 38.52 -10.19 -18.52
C THR D 22 37.38 -9.37 -17.91
N LEU D 23 36.33 -10.01 -17.41
CA LEU D 23 35.27 -9.28 -16.71
C LEU D 23 35.66 -8.95 -15.27
N ALA D 24 36.88 -9.26 -14.85
CA ALA D 24 37.25 -9.17 -13.44
C ALA D 24 37.23 -7.74 -12.93
N ALA D 25 37.79 -6.79 -13.70
CA ALA D 25 37.81 -5.40 -13.23
C ALA D 25 36.41 -4.87 -13.00
N TRP D 26 35.47 -5.19 -13.90
CA TRP D 26 34.07 -4.84 -13.69
C TRP D 26 33.55 -5.49 -12.41
N GLY D 27 33.80 -6.78 -12.23
CA GLY D 27 33.35 -7.43 -11.01
C GLY D 27 33.90 -6.78 -9.76
N ARG D 28 35.19 -6.42 -9.79
CA ARG D 28 35.82 -5.78 -8.63
C ARG D 28 35.16 -4.44 -8.32
N ARG D 29 34.84 -3.65 -9.35
CA ARG D 29 34.11 -2.40 -9.09
C ARG D 29 32.79 -2.68 -8.39
N GLU D 30 32.08 -3.73 -8.81
CA GLU D 30 30.80 -4.00 -8.19
C GLU D 30 30.97 -4.59 -6.80
N LEU D 31 32.05 -5.34 -6.56
CA LEU D 31 32.32 -5.84 -5.21
C LEU D 31 32.58 -4.69 -4.24
N ILE D 32 33.32 -3.67 -4.70
CA ILE D 32 33.62 -2.52 -3.85
C ILE D 32 32.34 -1.75 -3.50
N ILE D 33 31.42 -1.62 -4.45
CA ILE D 33 30.12 -1.05 -4.14
C ILE D 33 29.34 -1.95 -3.17
N ALA D 34 29.32 -3.26 -3.45
CA ALA D 34 28.55 -4.17 -2.59
C ALA D 34 29.06 -4.18 -1.16
N GLU D 35 30.38 -4.06 -0.96
CA GLU D 35 30.90 -3.97 0.40
C GLU D 35 30.25 -2.84 1.19
N SER D 36 30.00 -1.71 0.54
CA SER D 36 29.37 -0.57 1.23
C SER D 36 27.90 -0.83 1.53
N GLU D 37 27.30 -1.84 0.91
CA GLU D 37 25.92 -2.22 1.17
C GLU D 37 25.79 -3.38 2.14
N MET D 38 26.90 -3.90 2.68
CA MET D 38 26.88 -5.10 3.51
C MET D 38 27.59 -4.86 4.84
N PRO D 39 27.03 -4.00 5.70
CA PRO D 39 27.73 -3.62 6.94
C PRO D 39 27.90 -4.77 7.94
N ALA D 40 26.96 -5.71 8.01
CA ALA D 40 27.12 -6.80 8.95
C ALA D 40 28.29 -7.70 8.55
N LEU D 41 28.37 -8.03 7.27
CA LEU D 41 29.47 -8.83 6.75
C LEU D 41 30.80 -8.09 6.88
N MET D 42 30.82 -6.82 6.44
N MET D 42 30.83 -6.82 6.48
CA MET D 42 32.00 -5.99 6.60
CA MET D 42 32.07 -6.07 6.59
C MET D 42 32.42 -5.89 8.05
C MET D 42 32.44 -5.83 8.05
N GLY D 43 31.45 -5.72 8.95
CA GLY D 43 31.78 -5.62 10.36
C GLY D 43 32.45 -6.87 10.89
N LEU D 44 32.03 -8.04 10.39
CA LEU D 44 32.70 -9.28 10.80
C LEU D 44 34.15 -9.33 10.33
N ARG D 45 34.42 -8.85 9.11
CA ARG D 45 35.81 -8.68 8.67
C ARG D 45 36.63 -7.86 9.65
N ARG D 46 36.13 -6.67 9.99
CA ARG D 46 36.85 -5.81 10.93
C ARG D 46 36.99 -6.49 12.28
N LYS D 47 35.93 -7.13 12.76
CA LYS D 47 35.94 -7.66 14.11
C LYS D 47 36.92 -8.83 14.26
N TYR D 48 36.97 -9.71 13.26
CA TYR D 48 37.69 -10.97 13.40
C TYR D 48 39.00 -11.04 12.61
N ALA D 49 39.38 -9.95 11.93
CA ALA D 49 40.57 -9.97 11.09
C ALA D 49 41.82 -10.34 11.88
N GLY D 50 42.00 -9.74 13.05
CA GLY D 50 43.18 -10.04 13.85
C GLY D 50 43.16 -11.45 14.42
N GLN D 51 41.98 -11.93 14.81
CA GLN D 51 41.88 -13.24 15.45
C GLN D 51 42.09 -14.38 14.46
N GLN D 52 41.80 -14.16 13.19
CA GLN D 52 41.88 -15.21 12.17
C GLN D 52 41.19 -16.50 12.61
N PRO D 53 39.88 -16.43 12.94
CA PRO D 53 39.20 -17.62 13.47
C PRO D 53 39.05 -18.74 12.47
N LEU D 54 39.20 -18.46 11.18
CA LEU D 54 39.09 -19.48 10.13
C LEU D 54 40.45 -19.91 9.61
N LYS D 55 41.53 -19.56 10.30
CA LYS D 55 42.84 -20.04 9.90
C LYS D 55 42.87 -21.57 9.98
N GLY D 56 43.21 -22.21 8.86
CA GLY D 56 43.19 -23.65 8.78
C GLY D 56 41.88 -24.22 8.26
N ALA D 57 40.83 -23.40 8.14
CA ALA D 57 39.60 -23.86 7.53
C ALA D 57 39.79 -23.99 6.03
N LYS D 58 39.23 -25.07 5.46
CA LYS D 58 39.29 -25.33 4.03
C LYS D 58 37.86 -25.65 3.62
N ILE D 59 37.19 -24.68 3.00
CA ILE D 59 35.74 -24.68 2.82
C ILE D 59 35.39 -25.01 1.38
N LEU D 60 34.60 -26.09 1.22
CA LEU D 60 33.91 -26.34 -0.05
C LEU D 60 32.63 -25.52 -0.02
N GLY D 61 32.46 -24.64 -0.99
N GLY D 61 32.47 -24.64 -0.98
CA GLY D 61 31.30 -23.76 -1.04
CA GLY D 61 31.30 -23.77 -1.05
C GLY D 61 30.51 -24.02 -2.31
C GLY D 61 30.51 -24.02 -2.32
N CYS D 62 29.19 -24.12 -2.17
CA CYS D 62 28.30 -24.31 -3.32
C CYS D 62 27.10 -23.39 -3.13
N ILE D 63 27.16 -22.22 -3.76
CA ILE D 63 26.05 -21.26 -3.70
C ILE D 63 26.23 -20.26 -4.84
N HIS D 64 25.09 -19.84 -5.41
CA HIS D 64 24.98 -18.83 -6.47
C HIS D 64 26.16 -17.88 -6.51
N MET D 65 26.93 -17.91 -7.61
CA MET D 65 28.18 -17.14 -7.70
C MET D 65 27.87 -15.72 -8.22
N THR D 66 27.22 -14.96 -7.32
CA THR D 66 26.83 -13.57 -7.50
C THR D 66 27.87 -12.64 -6.87
N ILE D 67 27.65 -11.34 -7.06
CA ILE D 67 28.49 -10.34 -6.39
C ILE D 67 28.38 -10.47 -4.88
N GLN D 68 27.19 -10.77 -4.38
CA GLN D 68 26.99 -10.92 -2.94
C GLN D 68 27.77 -12.11 -2.41
N THR D 69 27.71 -13.24 -3.11
CA THR D 69 28.54 -14.38 -2.71
C THR D 69 30.02 -14.04 -2.79
N GLY D 70 30.40 -13.20 -3.76
CA GLY D 70 31.77 -12.68 -3.79
C GLY D 70 32.20 -12.05 -2.48
N VAL D 71 31.34 -11.20 -1.89
CA VAL D 71 31.72 -10.55 -0.63
C VAL D 71 31.77 -11.57 0.51
N LEU D 72 30.91 -12.58 0.46
CA LEU D 72 30.97 -13.66 1.43
C LEU D 72 32.28 -14.42 1.33
N ILE D 73 32.65 -14.81 0.10
CA ILE D 73 33.89 -15.55 -0.11
C ILE D 73 35.08 -14.76 0.44
N GLU D 74 35.18 -13.49 0.09
CA GLU D 74 36.37 -12.74 0.53
C GLU D 74 36.35 -12.45 2.02
N THR D 75 35.16 -12.45 2.66
CA THR D 75 35.13 -12.37 4.12
C THR D 75 35.69 -13.65 4.74
N LEU D 76 35.27 -14.81 4.22
CA LEU D 76 35.82 -16.07 4.73
C LEU D 76 37.32 -16.11 4.56
N VAL D 77 37.81 -15.67 3.40
CA VAL D 77 39.25 -15.68 3.14
C VAL D 77 39.96 -14.68 4.05
N ALA D 78 39.36 -13.51 4.27
CA ALA D 78 40.00 -12.52 5.12
C ALA D 78 40.08 -12.97 6.56
N LEU D 79 39.19 -13.87 6.99
CA LEU D 79 39.23 -14.44 8.33
C LEU D 79 40.12 -15.68 8.41
N GLY D 80 40.79 -16.04 7.32
CA GLY D 80 41.82 -17.08 7.35
C GLY D 80 41.53 -18.30 6.49
N ALA D 81 40.33 -18.45 5.95
CA ALA D 81 39.95 -19.67 5.26
C ALA D 81 40.57 -19.75 3.86
N GLU D 82 40.74 -20.99 3.38
CA GLU D 82 40.87 -21.27 1.96
C GLU D 82 39.56 -21.89 1.49
N VAL D 83 39.19 -21.63 0.23
CA VAL D 83 37.93 -22.13 -0.29
C VAL D 83 38.11 -22.68 -1.70
N ARG D 84 37.17 -23.53 -2.12
CA ARG D 84 36.99 -23.90 -3.51
C ARG D 84 35.49 -23.81 -3.79
N TRP D 85 35.11 -23.08 -4.84
CA TRP D 85 33.72 -22.63 -4.98
C TRP D 85 33.06 -23.09 -6.28
N SER D 86 31.75 -23.32 -6.18
CA SER D 86 30.90 -23.51 -7.35
C SER D 86 29.55 -22.88 -7.06
N SER D 87 28.76 -22.70 -8.11
CA SER D 87 27.40 -22.21 -7.98
C SER D 87 26.47 -23.38 -7.71
N CYS D 88 25.33 -23.09 -7.08
CA CYS D 88 24.31 -24.11 -6.85
C CYS D 88 23.17 -24.04 -7.85
N ASN D 89 23.34 -23.28 -8.94
CA ASN D 89 22.34 -23.23 -10.00
C ASN D 89 23.00 -22.88 -11.32
N ILE D 90 22.50 -23.46 -12.40
CA ILE D 90 23.13 -23.30 -13.71
C ILE D 90 22.95 -21.88 -14.29
N PHE D 91 21.98 -21.10 -13.80
CA PHE D 91 21.71 -19.78 -14.36
C PHE D 91 22.00 -18.62 -13.40
N SER D 92 22.45 -18.89 -12.18
CA SER D 92 22.47 -17.83 -11.17
C SER D 92 23.80 -17.07 -11.09
N THR D 93 24.87 -17.58 -11.70
CA THR D 93 26.15 -16.90 -11.63
C THR D 93 26.10 -15.56 -12.35
N GLN D 94 26.73 -14.55 -11.75
CA GLN D 94 27.08 -13.32 -12.44
C GLN D 94 28.53 -13.45 -12.89
N ASP D 95 28.75 -13.49 -14.20
CA ASP D 95 30.08 -13.85 -14.73
C ASP D 95 31.15 -12.86 -14.30
N GLN D 96 30.81 -11.58 -14.11
CA GLN D 96 31.81 -10.65 -13.62
C GLN D 96 32.19 -10.94 -12.17
N ALA D 97 31.26 -11.48 -11.38
CA ALA D 97 31.60 -11.85 -10.01
C ALA D 97 32.54 -13.04 -10.01
N ALA D 98 32.21 -14.06 -10.79
CA ALA D 98 33.08 -15.24 -10.88
C ALA D 98 34.47 -14.85 -11.35
N ALA D 99 34.57 -13.98 -12.34
CA ALA D 99 35.87 -13.54 -12.86
C ALA D 99 36.67 -12.81 -11.79
N ALA D 100 36.02 -11.94 -11.02
CA ALA D 100 36.77 -11.19 -10.01
C ALA D 100 37.32 -12.12 -8.94
N ILE D 101 36.55 -13.13 -8.55
CA ILE D 101 37.02 -14.11 -7.57
C ILE D 101 38.18 -14.93 -8.14
N ALA D 102 38.06 -15.39 -9.38
CA ALA D 102 39.14 -16.15 -9.99
C ALA D 102 40.41 -15.31 -10.09
N ALA D 103 40.28 -14.03 -10.45
CA ALA D 103 41.44 -13.17 -10.62
C ALA D 103 42.10 -12.84 -9.29
N ALA D 104 41.38 -12.98 -8.19
CA ALA D 104 41.95 -12.86 -6.86
C ALA D 104 42.69 -14.12 -6.43
N GLY D 105 42.77 -15.13 -7.28
CA GLY D 105 43.49 -16.35 -6.94
C GLY D 105 42.69 -17.36 -6.16
N ILE D 106 41.37 -17.29 -6.21
CA ILE D 106 40.48 -18.18 -5.47
C ILE D 106 39.88 -19.17 -6.46
N PRO D 107 39.96 -20.48 -6.21
CA PRO D 107 39.38 -21.45 -7.14
C PRO D 107 37.86 -21.34 -7.20
N VAL D 108 37.34 -21.02 -8.39
CA VAL D 108 35.91 -20.95 -8.62
C VAL D 108 35.61 -21.57 -9.98
N PHE D 109 34.53 -22.34 -10.04
CA PHE D 109 34.11 -23.07 -11.24
C PHE D 109 32.64 -22.74 -11.41
N ALA D 110 32.33 -21.73 -12.24
CA ALA D 110 30.96 -21.26 -12.31
C ALA D 110 30.81 -20.27 -13.46
N TRP D 111 29.72 -20.41 -14.21
CA TRP D 111 29.34 -19.42 -15.21
C TRP D 111 27.83 -19.46 -15.38
N LYS D 112 27.27 -18.37 -15.92
CA LYS D 112 25.86 -18.34 -16.24
C LYS D 112 25.59 -19.18 -17.49
N GLY D 113 24.59 -20.04 -17.42
CA GLY D 113 24.24 -20.85 -18.56
C GLY D 113 24.96 -22.18 -18.64
N GLU D 114 25.26 -22.80 -17.51
CA GLU D 114 25.85 -24.14 -17.53
C GLU D 114 24.83 -25.16 -18.00
N THR D 115 25.33 -26.25 -18.58
CA THR D 115 24.52 -27.44 -18.75
C THR D 115 24.50 -28.24 -17.45
N GLU D 116 23.58 -29.19 -17.36
CA GLU D 116 23.53 -30.03 -16.16
C GLU D 116 24.83 -30.82 -15.98
N GLU D 117 25.44 -31.26 -17.08
CA GLU D 117 26.71 -31.97 -16.97
C GLU D 117 27.81 -31.06 -16.47
N GLU D 118 27.86 -29.82 -16.99
CA GLU D 118 28.83 -28.83 -16.53
C GLU D 118 28.62 -28.48 -15.06
N TYR D 119 27.35 -28.33 -14.65
CA TYR D 119 27.04 -28.07 -13.24
C TYR D 119 27.68 -29.11 -12.32
N GLU D 120 27.54 -30.39 -12.66
CA GLU D 120 28.10 -31.43 -11.81
C GLU D 120 29.61 -31.44 -11.88
N TRP D 121 30.17 -31.24 -13.07
CA TRP D 121 31.62 -31.11 -13.22
C TRP D 121 32.17 -30.00 -12.31
N CYS D 122 31.47 -28.86 -12.24
CA CYS D 122 31.94 -27.73 -11.44
C CYS D 122 32.01 -28.09 -9.96
N ILE D 123 30.99 -28.76 -9.44
CA ILE D 123 31.04 -29.22 -8.05
C ILE D 123 32.22 -30.17 -7.85
N GLU D 124 32.44 -31.06 -8.81
CA GLU D 124 33.54 -32.02 -8.70
CA GLU D 124 33.54 -32.02 -8.70
C GLU D 124 34.90 -31.33 -8.71
N GLN D 125 35.00 -30.18 -9.39
CA GLN D 125 36.28 -29.46 -9.39
C GLN D 125 36.59 -28.83 -8.04
N THR D 126 35.56 -28.52 -7.25
CA THR D 126 35.83 -28.03 -5.91
C THR D 126 36.28 -29.18 -5.00
N ILE D 127 35.64 -30.35 -5.14
CA ILE D 127 35.93 -31.50 -4.30
C ILE D 127 37.33 -32.03 -4.55
N LEU D 128 37.73 -32.13 -5.82
CA LEU D 128 39.03 -32.66 -6.18
C LEU D 128 40.01 -31.55 -6.49
N LYS D 129 41.23 -31.68 -6.01
CA LYS D 129 42.31 -30.80 -6.44
C LYS D 129 43.45 -31.67 -6.96
N ASP D 130 43.88 -31.39 -8.19
CA ASP D 130 44.92 -32.18 -8.84
C ASP D 130 44.56 -33.67 -8.86
N GLY D 131 43.28 -33.95 -9.10
CA GLY D 131 42.82 -35.31 -9.29
C GLY D 131 42.53 -36.10 -8.03
N GLN D 132 42.73 -35.51 -6.86
CA GLN D 132 42.56 -36.20 -5.58
C GLN D 132 41.70 -35.36 -4.66
N PRO D 133 41.08 -35.97 -3.65
CA PRO D 133 40.26 -35.20 -2.71
C PRO D 133 41.05 -34.06 -2.07
N TRP D 134 40.50 -32.85 -2.19
CA TRP D 134 41.06 -31.72 -1.46
C TRP D 134 41.00 -32.01 0.03
N ASP D 135 41.87 -31.37 0.80
CA ASP D 135 41.87 -31.54 2.26
C ASP D 135 40.81 -30.63 2.89
N ALA D 136 39.58 -30.82 2.43
CA ALA D 136 38.46 -30.03 2.92
C ALA D 136 38.18 -30.36 4.37
N ASN D 137 37.71 -29.35 5.13
CA ASN D 137 37.24 -29.64 6.48
C ASN D 137 35.97 -28.88 6.85
N MET D 138 35.35 -28.17 5.89
CA MET D 138 34.13 -27.42 6.13
C MET D 138 33.34 -27.39 4.84
N VAL D 139 32.01 -27.30 4.96
CA VAL D 139 31.11 -27.26 3.81
C VAL D 139 30.15 -26.10 3.99
N LEU D 140 30.01 -25.28 2.95
CA LEU D 140 28.97 -24.26 2.89
C LEU D 140 28.11 -24.58 1.68
N ASP D 141 26.81 -24.76 1.89
CA ASP D 141 25.93 -25.29 0.85
C ASP D 141 24.64 -24.49 0.79
N ASP D 142 24.04 -24.46 -0.41
CA ASP D 142 22.76 -23.79 -0.66
C ASP D 142 21.95 -24.78 -1.49
N GLY D 143 21.14 -25.60 -0.81
CA GLY D 143 20.22 -26.49 -1.48
C GLY D 143 20.56 -27.95 -1.34
N GLY D 144 21.77 -28.27 -0.88
CA GLY D 144 22.12 -29.63 -0.52
C GLY D 144 22.78 -30.48 -1.59
N ASP D 145 23.00 -29.94 -2.80
CA ASP D 145 23.62 -30.75 -3.86
C ASP D 145 25.04 -31.16 -3.49
N LEU D 146 25.87 -30.23 -3.04
CA LEU D 146 27.24 -30.58 -2.63
C LEU D 146 27.22 -31.53 -1.45
N THR D 147 26.30 -31.32 -0.51
CA THR D 147 26.17 -32.22 0.64
C THR D 147 25.82 -33.63 0.19
N GLU D 148 24.91 -33.76 -0.78
CA GLU D 148 24.49 -35.09 -1.23
C GLU D 148 25.65 -35.82 -1.92
N ILE D 149 26.36 -35.13 -2.80
CA ILE D 149 27.49 -35.73 -3.52
C ILE D 149 28.56 -36.18 -2.54
N LEU D 150 28.86 -35.37 -1.53
CA LEU D 150 29.84 -35.79 -0.52
C LEU D 150 29.40 -37.07 0.19
N HIS D 151 28.12 -37.15 0.58
CA HIS D 151 27.67 -38.33 1.31
C HIS D 151 27.62 -39.56 0.40
N LYS D 152 27.22 -39.39 -0.86
CA LYS D 152 27.08 -40.55 -1.74
C LYS D 152 28.43 -40.99 -2.31
N LYS D 153 29.29 -40.05 -2.67
CA LYS D 153 30.48 -40.39 -3.45
C LYS D 153 31.79 -40.21 -2.72
N TYR D 154 31.84 -39.40 -1.65
CA TYR D 154 33.09 -39.12 -0.94
C TYR D 154 32.95 -39.26 0.58
N PRO D 155 32.45 -40.40 1.08
CA PRO D 155 32.33 -40.54 2.54
C PRO D 155 33.64 -40.40 3.28
N GLN D 156 34.77 -40.82 2.68
CA GLN D 156 36.06 -40.66 3.36
C GLN D 156 36.40 -39.20 3.62
N MET D 157 35.98 -38.29 2.74
CA MET D 157 36.21 -36.86 2.99
C MET D 157 35.39 -36.35 4.17
N LEU D 158 34.18 -36.85 4.37
CA LEU D 158 33.35 -36.38 5.46
C LEU D 158 33.93 -36.73 6.82
N GLU D 159 34.76 -37.78 6.91
CA GLU D 159 35.41 -38.12 8.17
C GLU D 159 36.25 -36.97 8.71
N ARG D 160 36.75 -36.11 7.84
CA ARG D 160 37.62 -35.02 8.24
C ARG D 160 36.93 -33.65 8.14
N ILE D 161 35.60 -33.63 7.98
CA ILE D 161 34.86 -32.37 7.84
C ILE D 161 34.13 -32.10 9.15
N HIS D 162 34.28 -30.87 9.64
CA HIS D 162 33.74 -30.50 10.95
C HIS D 162 32.27 -30.07 10.91
N GLY D 163 31.75 -29.70 9.75
CA GLY D 163 30.36 -29.25 9.72
C GLY D 163 29.94 -28.75 8.35
N ILE D 164 28.62 -28.60 8.22
CA ILE D 164 27.95 -28.04 7.05
C ILE D 164 27.16 -26.83 7.51
N THR D 165 27.27 -25.72 6.80
CA THR D 165 26.39 -24.58 7.06
C THR D 165 25.49 -24.43 5.83
N GLU D 166 24.18 -24.66 6.03
CA GLU D 166 23.23 -24.77 4.91
C GLU D 166 22.34 -23.54 4.84
N GLU D 167 22.24 -22.99 3.63
CA GLU D 167 21.62 -21.70 3.40
C GLU D 167 20.09 -21.74 3.37
N THR D 168 19.49 -22.76 2.76
CA THR D 168 18.10 -22.56 2.31
C THR D 168 17.16 -23.66 2.79
N THR D 169 15.86 -23.33 2.76
CA THR D 169 14.82 -24.21 3.28
C THR D 169 14.93 -25.63 2.71
N THR D 170 15.05 -25.74 1.38
CA THR D 170 15.12 -27.06 0.76
C THR D 170 16.34 -27.85 1.26
N GLY D 171 17.49 -27.18 1.39
CA GLY D 171 18.67 -27.86 1.88
C GLY D 171 18.52 -28.37 3.31
N VAL D 172 17.86 -27.58 4.16
CA VAL D 172 17.65 -28.01 5.54
C VAL D 172 16.73 -29.21 5.59
N HIS D 173 15.68 -29.22 4.77
CA HIS D 173 14.80 -30.37 4.74
C HIS D 173 15.58 -31.63 4.39
N ARG D 174 16.47 -31.53 3.41
CA ARG D 174 17.31 -32.68 3.04
C ARG D 174 18.21 -33.12 4.20
N LEU D 175 18.79 -32.17 4.94
CA LEU D 175 19.61 -32.51 6.09
C LEU D 175 18.81 -33.23 7.16
N LEU D 176 17.58 -32.77 7.42
CA LEU D 176 16.77 -33.39 8.45
C LEU D 176 16.34 -34.79 8.05
N ASP D 177 16.08 -35.02 6.76
CA ASP D 177 15.82 -36.38 6.30
C ASP D 177 17.02 -37.28 6.55
N MET D 178 18.22 -36.78 6.28
CA MET D 178 19.41 -37.58 6.54
C MET D 178 19.56 -37.87 8.03
N LEU D 179 19.33 -36.86 8.88
CA LEU D 179 19.46 -37.07 10.31
C LEU D 179 18.46 -38.10 10.80
N LYS D 180 17.22 -38.01 10.31
CA LYS D 180 16.20 -38.98 10.69
C LYS D 180 16.59 -40.39 10.27
N ASN D 181 17.16 -40.53 9.07
CA ASN D 181 17.55 -41.85 8.57
C ASN D 181 18.90 -42.31 9.09
N GLY D 182 19.58 -41.52 9.92
CA GLY D 182 20.86 -41.92 10.44
C GLY D 182 21.99 -41.91 9.44
N THR D 183 21.85 -41.17 8.34
CA THR D 183 22.86 -41.10 7.31
C THR D 183 23.63 -39.78 7.26
N LEU D 184 23.24 -38.78 8.05
CA LEU D 184 24.03 -37.56 8.14
C LEU D 184 25.33 -37.85 8.90
N LYS D 185 26.47 -37.48 8.29
CA LYS D 185 27.78 -37.84 8.83
C LYS D 185 28.47 -36.72 9.59
N VAL D 186 28.06 -35.47 9.38
CA VAL D 186 28.66 -34.35 10.11
C VAL D 186 27.57 -33.39 10.54
N PRO D 187 27.80 -32.66 11.63
CA PRO D 187 26.76 -31.74 12.12
C PRO D 187 26.58 -30.58 11.16
N ALA D 188 25.44 -29.91 11.31
CA ALA D 188 25.09 -28.79 10.44
C ALA D 188 24.52 -27.66 11.25
N ILE D 189 24.70 -26.44 10.75
CA ILE D 189 23.92 -25.29 11.20
C ILE D 189 22.92 -24.95 10.12
N ASN D 190 21.65 -24.86 10.52
CA ASN D 190 20.56 -24.38 9.69
C ASN D 190 20.65 -22.86 9.67
N VAL D 191 21.29 -22.31 8.65
CA VAL D 191 21.42 -20.85 8.53
C VAL D 191 20.09 -20.25 8.13
N ASN D 192 19.26 -21.01 7.41
CA ASN D 192 17.97 -20.50 6.96
C ASN D 192 17.13 -19.93 8.10
N ASP D 193 17.12 -20.59 9.25
CA ASP D 193 16.15 -20.24 10.27
C ASP D 193 16.63 -19.21 11.28
N SER D 194 17.76 -18.54 11.03
CA SER D 194 17.95 -17.25 11.68
C SER D 194 16.86 -16.30 11.19
N VAL D 195 16.35 -15.44 12.08
CA VAL D 195 15.33 -14.49 11.63
C VAL D 195 15.92 -13.51 10.63
N THR D 196 17.18 -13.12 10.83
CA THR D 196 17.89 -12.28 9.86
C THR D 196 18.24 -13.02 8.56
N LYS D 197 17.84 -14.27 8.42
CA LYS D 197 17.88 -14.96 7.12
C LYS D 197 16.44 -15.19 6.66
N SER D 198 15.73 -16.14 7.27
CA SER D 198 14.39 -16.52 6.83
C SER D 198 13.46 -15.33 6.61
N LYS D 199 13.37 -14.42 7.59
CA LYS D 199 12.38 -13.34 7.50
C LYS D 199 12.97 -12.05 6.97
N ASN D 200 14.15 -12.13 6.36
CA ASN D 200 14.81 -11.04 5.65
C ASN D 200 15.04 -11.46 4.20
N ASP D 201 15.91 -12.44 3.98
CA ASP D 201 16.21 -13.00 2.67
C ASP D 201 14.96 -13.61 2.01
N ASN D 202 14.39 -14.65 2.62
CA ASN D 202 13.35 -15.42 1.93
C ASN D 202 12.16 -14.55 1.59
N LYS D 203 11.81 -13.60 2.46
CA LYS D 203 10.62 -12.78 2.26
C LYS D 203 10.97 -11.48 1.54
N TYR D 204 11.70 -10.57 2.20
CA TYR D 204 11.98 -9.28 1.58
C TYR D 204 12.88 -9.39 0.36
N GLY D 205 13.78 -10.38 0.32
CA GLY D 205 14.60 -10.53 -0.88
C GLY D 205 13.76 -10.82 -2.09
N CYS D 206 12.80 -11.74 -1.96
CA CYS D 206 11.91 -12.03 -3.08
C CYS D 206 10.98 -10.86 -3.38
N ARG D 207 10.59 -10.08 -2.37
CA ARG D 207 9.81 -8.87 -2.63
CA ARG D 207 9.81 -8.88 -2.65
C ARG D 207 10.56 -7.97 -3.61
N HIS D 208 11.86 -7.81 -3.41
CA HIS D 208 12.68 -6.97 -4.27
C HIS D 208 12.89 -7.61 -5.63
N SER D 209 13.22 -8.91 -5.66
CA SER D 209 13.80 -9.43 -6.89
C SER D 209 12.82 -10.18 -7.80
N LEU D 210 11.62 -10.53 -7.34
CA LEU D 210 10.68 -11.19 -8.24
C LEU D 210 10.18 -10.26 -9.33
N ASN D 211 9.56 -9.12 -8.97
CA ASN D 211 9.10 -8.23 -10.03
CA ASN D 211 9.10 -8.20 -10.02
C ASN D 211 10.28 -7.70 -10.84
N ASP D 212 11.46 -7.60 -10.21
CA ASP D 212 12.68 -7.24 -10.94
C ASP D 212 12.93 -8.21 -12.10
N ALA D 213 12.98 -9.51 -11.80
CA ALA D 213 13.23 -10.51 -12.83
C ALA D 213 12.13 -10.54 -13.89
N ILE D 214 10.87 -10.39 -13.47
CA ILE D 214 9.79 -10.42 -14.45
C ILE D 214 9.90 -9.24 -15.40
N LYS D 215 10.21 -8.04 -14.88
CA LYS D 215 10.40 -6.88 -15.74
C LYS D 215 11.59 -7.05 -16.69
N ARG D 216 12.71 -7.57 -16.20
CA ARG D 216 13.85 -7.75 -17.09
C ARG D 216 13.54 -8.76 -18.19
N GLY D 217 12.81 -9.83 -17.84
CA GLY D 217 12.58 -10.87 -18.82
C GLY D 217 11.51 -10.55 -19.84
N THR D 218 10.46 -9.84 -19.45
CA THR D 218 9.31 -9.60 -20.30
C THR D 218 8.99 -8.12 -20.54
N ASP D 219 9.43 -7.21 -19.66
CA ASP D 219 9.04 -5.80 -19.72
C ASP D 219 7.52 -5.61 -19.74
N HIS D 220 6.78 -6.59 -19.21
CA HIS D 220 5.33 -6.49 -19.13
C HIS D 220 4.90 -5.51 -18.03
N LEU D 221 3.90 -4.69 -18.35
CA LEU D 221 3.16 -4.01 -17.30
C LEU D 221 2.56 -5.05 -16.36
N LEU D 222 2.69 -4.83 -15.06
CA LEU D 222 2.07 -5.73 -14.09
C LEU D 222 0.82 -5.17 -13.47
N SER D 223 0.74 -3.84 -13.32
CA SER D 223 -0.42 -3.17 -12.74
CA SER D 223 -0.42 -3.21 -12.71
C SER D 223 -1.69 -3.57 -13.47
N GLY D 224 -2.71 -3.94 -12.72
CA GLY D 224 -4.01 -4.21 -13.32
C GLY D 224 -4.19 -5.64 -13.83
N LYS D 225 -3.14 -6.43 -13.84
CA LYS D 225 -3.21 -7.81 -14.35
C LYS D 225 -3.36 -8.80 -13.21
N GLN D 226 -3.72 -10.04 -13.56
CA GLN D 226 -4.05 -11.07 -12.59
C GLN D 226 -2.88 -12.02 -12.36
N ALA D 227 -2.47 -12.18 -11.09
CA ALA D 227 -1.44 -13.14 -10.73
C ALA D 227 -1.99 -14.23 -9.83
N LEU D 228 -1.39 -15.42 -9.94
CA LEU D 228 -1.61 -16.53 -9.04
C LEU D 228 -0.27 -16.93 -8.43
N VAL D 229 -0.13 -16.78 -7.12
CA VAL D 229 1.07 -17.23 -6.41
C VAL D 229 0.72 -18.55 -5.72
N ILE D 230 1.47 -19.60 -6.05
CA ILE D 230 1.31 -20.91 -5.43
C ILE D 230 2.23 -20.95 -4.22
N GLY D 231 1.65 -20.92 -3.03
CA GLY D 231 2.43 -20.94 -1.80
C GLY D 231 2.40 -19.59 -1.08
N TYR D 232 2.42 -19.64 0.25
CA TYR D 232 2.39 -18.41 1.05
C TYR D 232 3.24 -18.62 2.30
N GLY D 233 4.38 -19.30 2.11
CA GLY D 233 5.45 -19.34 3.09
C GLY D 233 6.24 -18.04 3.04
N ASP D 234 7.50 -18.09 3.46
CA ASP D 234 8.28 -16.85 3.46
C ASP D 234 8.49 -16.33 2.06
N VAL D 235 8.81 -17.23 1.12
CA VAL D 235 8.99 -16.82 -0.27
C VAL D 235 7.65 -16.41 -0.89
N GLY D 236 6.59 -17.17 -0.62
CA GLY D 236 5.28 -16.84 -1.17
C GLY D 236 4.76 -15.51 -0.64
N LYS D 237 5.04 -15.21 0.62
CA LYS D 237 4.65 -13.91 1.17
C LYS D 237 5.38 -12.78 0.46
N GLY D 238 6.71 -12.89 0.34
CA GLY D 238 7.47 -11.83 -0.30
C GLY D 238 7.12 -11.71 -1.77
N SER D 239 6.89 -12.85 -2.43
CA SER D 239 6.49 -12.85 -3.83
C SER D 239 5.16 -12.15 -4.04
N SER D 240 4.17 -12.48 -3.20
CA SER D 240 2.85 -11.86 -3.33
C SER D 240 2.95 -10.36 -3.13
N GLN D 241 3.78 -9.91 -2.19
CA GLN D 241 3.97 -8.47 -2.01
C GLN D 241 4.67 -7.83 -3.22
N SER D 242 5.66 -8.54 -3.79
CA SER D 242 6.36 -8.04 -4.97
C SER D 242 5.40 -7.69 -6.09
N LEU D 243 4.36 -8.52 -6.27
CA LEU D 243 3.38 -8.31 -7.33
C LEU D 243 2.28 -7.33 -6.91
N ARG D 244 1.76 -7.48 -5.68
CA ARG D 244 0.68 -6.58 -5.24
C ARG D 244 1.14 -5.12 -5.20
N GLN D 245 2.39 -4.88 -4.77
CA GLN D 245 2.85 -3.50 -4.68
C GLN D 245 3.00 -2.87 -6.06
N GLU D 246 3.08 -3.69 -7.10
CA GLU D 246 3.09 -3.21 -8.49
C GLU D 246 1.69 -2.99 -9.03
N GLY D 247 0.65 -3.32 -8.27
CA GLY D 247 -0.71 -3.16 -8.72
C GLY D 247 -1.33 -4.41 -9.29
N MET D 248 -0.67 -5.57 -9.18
CA MET D 248 -1.31 -6.79 -9.65
C MET D 248 -2.46 -7.17 -8.73
N ILE D 249 -3.46 -7.83 -9.32
CA ILE D 249 -4.54 -8.43 -8.57
C ILE D 249 -4.08 -9.85 -8.28
N VAL D 250 -3.70 -10.11 -7.03
CA VAL D 250 -2.98 -11.33 -6.65
C VAL D 250 -3.93 -12.28 -5.94
N LYS D 251 -4.01 -13.51 -6.43
CA LYS D 251 -4.66 -14.61 -5.75
C LYS D 251 -3.58 -15.57 -5.26
N VAL D 252 -3.85 -16.23 -4.12
CA VAL D 252 -2.85 -17.06 -3.44
C VAL D 252 -3.42 -18.45 -3.27
N ALA D 253 -2.59 -19.47 -3.54
CA ALA D 253 -2.96 -20.84 -3.27
C ALA D 253 -2.07 -21.40 -2.15
N GLU D 254 -2.64 -22.30 -1.35
CA GLU D 254 -1.90 -22.85 -0.22
C GLU D 254 -2.51 -24.18 0.19
N VAL D 255 -1.66 -25.05 0.73
CA VAL D 255 -2.13 -26.27 1.41
C VAL D 255 -2.16 -26.10 2.91
N ASP D 256 -1.45 -25.11 3.46
CA ASP D 256 -1.38 -24.89 4.90
C ASP D 256 -2.45 -23.89 5.31
N PRO D 257 -3.45 -24.28 6.09
CA PRO D 257 -4.54 -23.33 6.40
C PRO D 257 -4.08 -22.14 7.24
N ILE D 258 -3.03 -22.30 8.05
CA ILE D 258 -2.51 -21.14 8.78
C ILE D 258 -1.90 -20.13 7.82
N CYS D 259 -1.10 -20.59 6.86
CA CYS D 259 -0.56 -19.67 5.87
C CYS D 259 -1.68 -19.06 5.02
N ALA D 260 -2.70 -19.84 4.71
CA ALA D 260 -3.84 -19.33 3.95
C ALA D 260 -4.57 -18.24 4.73
N MET D 261 -4.74 -18.44 6.04
N MET D 261 -4.75 -18.45 6.04
CA MET D 261 -5.35 -17.43 6.89
CA MET D 261 -5.35 -17.43 6.89
C MET D 261 -4.59 -16.12 6.82
C MET D 261 -4.58 -16.12 6.81
N GLN D 262 -3.24 -16.19 6.81
CA GLN D 262 -2.44 -14.98 6.72
C GLN D 262 -2.68 -14.28 5.39
N ALA D 263 -2.76 -15.06 4.31
CA ALA D 263 -3.02 -14.45 3.00
C ALA D 263 -4.35 -13.72 3.01
N CYS D 264 -5.40 -14.33 3.59
CA CYS D 264 -6.70 -13.65 3.68
C CYS D 264 -6.57 -12.35 4.46
N MET D 265 -6.01 -12.42 5.66
CA MET D 265 -5.88 -11.23 6.49
C MET D 265 -4.98 -10.19 5.85
N ASP D 266 -4.04 -10.61 5.01
CA ASP D 266 -3.18 -9.67 4.30
C ASP D 266 -3.86 -9.06 3.09
N GLY D 267 -5.10 -9.46 2.79
CA GLY D 267 -5.86 -8.85 1.71
C GLY D 267 -5.81 -9.57 0.39
N PHE D 268 -5.49 -10.87 0.38
CA PHE D 268 -5.52 -11.65 -0.86
C PHE D 268 -6.70 -12.60 -0.84
N GLU D 269 -7.23 -12.87 -2.04
CA GLU D 269 -8.22 -13.93 -2.22
C GLU D 269 -7.47 -15.27 -2.32
N VAL D 270 -7.91 -16.26 -1.56
CA VAL D 270 -7.26 -17.57 -1.54
C VAL D 270 -8.05 -18.53 -2.41
N VAL D 271 -7.37 -19.12 -3.40
CA VAL D 271 -8.03 -19.95 -4.40
C VAL D 271 -7.20 -21.20 -4.61
N SER D 272 -7.81 -22.20 -5.22
CA SER D 272 -7.07 -23.39 -5.59
C SER D 272 -7.15 -23.58 -7.10
N PRO D 273 -6.07 -24.05 -7.74
CA PRO D 273 -6.17 -24.43 -9.16
C PRO D 273 -7.17 -25.55 -9.41
N TYR D 274 -7.53 -26.30 -8.37
CA TYR D 274 -8.41 -27.45 -8.52
C TYR D 274 -9.76 -27.17 -7.89
N LYS D 275 -10.80 -27.75 -8.48
CA LYS D 275 -12.14 -27.57 -7.96
C LYS D 275 -12.26 -28.13 -6.55
N ASN D 276 -12.71 -27.30 -5.61
CA ASN D 276 -12.75 -27.63 -4.18
C ASN D 276 -11.38 -28.08 -3.65
N GLY D 277 -10.31 -27.67 -4.33
CA GLY D 277 -8.97 -27.99 -3.87
C GLY D 277 -8.56 -29.44 -4.02
N ILE D 278 -9.30 -30.24 -4.79
CA ILE D 278 -9.04 -31.68 -4.88
C ILE D 278 -8.31 -31.97 -6.19
N ASN D 279 -7.05 -32.36 -6.08
CA ASN D 279 -6.14 -32.61 -7.21
C ASN D 279 -6.15 -34.13 -7.46
N ASP D 280 -7.09 -34.58 -8.29
CA ASP D 280 -7.24 -36.01 -8.56
C ASP D 280 -6.59 -36.46 -9.87
N GLY D 281 -5.87 -35.56 -10.56
CA GLY D 281 -5.16 -35.93 -11.76
C GLY D 281 -5.92 -35.80 -13.06
N THR D 282 -7.21 -35.48 -13.00
CA THR D 282 -8.03 -35.32 -14.19
C THR D 282 -8.05 -33.88 -14.64
N GLU D 283 -8.19 -33.67 -15.95
CA GLU D 283 -8.45 -32.33 -16.46
C GLU D 283 -9.75 -31.77 -15.89
N ALA D 284 -10.73 -32.65 -15.64
CA ALA D 284 -12.01 -32.21 -15.08
C ALA D 284 -11.82 -31.51 -13.74
N SER D 285 -10.75 -31.83 -13.01
CA SER D 285 -10.55 -31.22 -11.70
C SER D 285 -10.01 -29.79 -11.78
N ILE D 286 -9.55 -29.34 -12.94
CA ILE D 286 -8.96 -28.01 -13.05
C ILE D 286 -10.06 -26.96 -13.07
N ASP D 287 -9.89 -25.90 -12.28
CA ASP D 287 -10.76 -24.74 -12.37
C ASP D 287 -10.34 -23.96 -13.61
N ALA D 288 -10.92 -24.34 -14.76
CA ALA D 288 -10.52 -23.72 -16.02
C ALA D 288 -10.91 -22.26 -16.09
N ALA D 289 -12.05 -21.89 -15.49
CA ALA D 289 -12.47 -20.49 -15.51
C ALA D 289 -11.47 -19.62 -14.75
N LEU D 290 -10.97 -20.12 -13.62
CA LEU D 290 -9.95 -19.39 -12.87
C LEU D 290 -8.65 -19.28 -13.65
N LEU D 291 -8.11 -20.41 -14.11
CA LEU D 291 -6.81 -20.39 -14.77
C LEU D 291 -6.86 -19.64 -16.10
N GLY D 292 -8.00 -19.61 -16.75
CA GLY D 292 -8.14 -18.86 -17.99
C GLY D 292 -8.10 -17.36 -17.83
N LYS D 293 -8.06 -16.86 -16.59
CA LYS D 293 -8.00 -15.43 -16.31
C LYS D 293 -6.64 -14.99 -15.76
N ILE D 294 -5.71 -15.92 -15.57
CA ILE D 294 -4.45 -15.65 -14.88
C ILE D 294 -3.40 -15.22 -15.90
N ASP D 295 -2.77 -14.06 -15.66
CA ASP D 295 -1.72 -13.54 -16.55
C ASP D 295 -0.32 -13.96 -16.12
N LEU D 296 -0.15 -14.40 -14.88
CA LEU D 296 1.15 -14.69 -14.32
C LEU D 296 0.96 -15.69 -13.19
N ILE D 297 1.70 -16.79 -13.25
CA ILE D 297 1.74 -17.76 -12.17
C ILE D 297 3.18 -17.86 -11.69
N VAL D 298 3.35 -17.86 -10.36
CA VAL D 298 4.65 -17.99 -9.72
C VAL D 298 4.56 -19.10 -8.67
N THR D 299 5.49 -20.07 -8.73
CA THR D 299 5.54 -21.15 -7.75
C THR D 299 6.59 -20.81 -6.69
N THR D 300 6.24 -21.03 -5.41
CA THR D 300 7.08 -20.61 -4.28
C THR D 300 7.22 -21.70 -3.22
N THR D 301 6.98 -22.97 -3.54
CA THR D 301 6.64 -23.95 -2.51
C THR D 301 7.83 -24.81 -2.01
N GLY D 302 8.86 -25.02 -2.81
CA GLY D 302 9.78 -26.11 -2.46
C GLY D 302 9.22 -27.51 -2.65
N ASN D 303 8.04 -27.63 -3.27
CA ASN D 303 7.34 -28.90 -3.48
C ASN D 303 7.42 -29.26 -4.97
N VAL D 304 6.79 -30.39 -5.32
CA VAL D 304 6.89 -30.95 -6.67
C VAL D 304 5.58 -30.79 -7.41
N ASN D 305 5.65 -30.35 -8.67
CA ASN D 305 4.52 -30.37 -9.60
C ASN D 305 3.33 -29.58 -9.07
N VAL D 306 3.60 -28.38 -8.56
CA VAL D 306 2.52 -27.53 -8.08
C VAL D 306 1.99 -26.62 -9.17
N CYS D 307 2.63 -26.60 -10.34
CA CYS D 307 2.05 -25.99 -11.55
C CYS D 307 2.14 -27.11 -12.57
N ASP D 308 1.08 -27.92 -12.64
CA ASP D 308 1.17 -29.20 -13.33
C ASP D 308 0.73 -29.06 -14.78
N ALA D 309 0.73 -30.19 -15.49
CA ALA D 309 0.46 -30.19 -16.93
C ALA D 309 -0.94 -29.66 -17.23
N ASN D 310 -1.94 -30.14 -16.49
CA ASN D 310 -3.32 -29.72 -16.75
C ASN D 310 -3.53 -28.25 -16.40
N MET D 311 -2.82 -27.74 -15.38
CA MET D 311 -2.80 -26.30 -15.13
C MET D 311 -2.21 -25.54 -16.32
N LEU D 312 -1.08 -26.03 -16.86
CA LEU D 312 -0.44 -25.35 -17.97
C LEU D 312 -1.34 -25.36 -19.20
N LYS D 313 -2.06 -26.45 -19.43
CA LYS D 313 -2.98 -26.53 -20.58
C LYS D 313 -4.11 -25.53 -20.46
N ALA D 314 -4.52 -25.20 -19.23
CA ALA D 314 -5.69 -24.36 -18.99
C ALA D 314 -5.36 -22.88 -18.85
N LEU D 315 -4.08 -22.53 -18.68
CA LEU D 315 -3.73 -21.14 -18.44
C LEU D 315 -4.14 -20.25 -19.61
N LYS D 316 -4.48 -19.01 -19.28
CA LYS D 316 -4.74 -17.97 -20.27
C LYS D 316 -3.64 -17.92 -21.33
N LYS D 317 -4.01 -17.71 -22.58
CA LYS D 317 -3.02 -17.48 -23.63
C LYS D 317 -2.08 -16.35 -23.26
N ARG D 318 -0.78 -16.57 -23.50
CA ARG D 318 0.30 -15.60 -23.31
C ARG D 318 0.58 -15.27 -21.84
N ALA D 319 0.07 -16.08 -20.91
CA ALA D 319 0.47 -15.92 -19.51
C ALA D 319 1.96 -16.20 -19.33
N VAL D 320 2.55 -15.55 -18.30
CA VAL D 320 3.93 -15.79 -17.88
C VAL D 320 3.94 -16.84 -16.78
N VAL D 321 4.89 -17.77 -16.88
CA VAL D 321 5.04 -18.87 -15.94
C VAL D 321 6.47 -18.83 -15.38
N CYS D 322 6.60 -18.79 -14.06
CA CYS D 322 7.95 -18.81 -13.49
C CYS D 322 7.93 -19.43 -12.09
N ASN D 323 9.14 -19.74 -11.63
CA ASN D 323 9.38 -20.46 -10.38
C ASN D 323 10.44 -19.72 -9.60
N ILE D 324 10.18 -19.46 -8.31
CA ILE D 324 11.19 -18.85 -7.45
C ILE D 324 11.53 -19.76 -6.26
N GLY D 325 10.98 -20.98 -6.23
CA GLY D 325 11.52 -21.99 -5.33
C GLY D 325 12.87 -22.49 -5.83
N HIS D 326 13.53 -23.32 -5.00
CA HIS D 326 14.93 -23.66 -5.26
C HIS D 326 15.12 -24.53 -6.51
N PHE D 327 14.18 -25.43 -6.81
CA PHE D 327 14.40 -26.45 -7.84
C PHE D 327 13.35 -26.31 -8.94
N ASP D 328 13.71 -26.72 -10.16
CA ASP D 328 12.86 -26.46 -11.33
C ASP D 328 11.68 -27.43 -11.48
N ASN D 329 11.52 -28.40 -10.59
CA ASN D 329 10.44 -29.36 -10.72
C ASN D 329 9.12 -28.87 -10.09
N GLU D 330 9.06 -27.61 -9.65
CA GLU D 330 7.79 -27.06 -9.20
C GLU D 330 6.81 -26.91 -10.36
N ILE D 331 7.32 -26.64 -11.55
CA ILE D 331 6.54 -26.57 -12.78
C ILE D 331 6.85 -27.81 -13.57
N ASP D 332 5.82 -28.40 -14.21
CA ASP D 332 6.05 -29.58 -15.07
C ASP D 332 6.61 -29.14 -16.41
N THR D 333 7.88 -28.72 -16.38
CA THR D 333 8.54 -28.33 -17.62
C THR D 333 8.85 -29.55 -18.49
N ALA D 334 9.02 -30.73 -17.88
CA ALA D 334 9.22 -31.94 -18.66
C ALA D 334 8.05 -32.17 -19.62
N PHE D 335 6.82 -31.98 -19.13
CA PHE D 335 5.66 -32.10 -20.00
C PHE D 335 5.75 -31.13 -21.16
N MET D 336 6.18 -29.90 -20.89
CA MET D 336 6.25 -28.89 -21.95
C MET D 336 7.35 -29.22 -22.96
N ARG D 337 8.46 -29.78 -22.50
CA ARG D 337 9.51 -30.19 -23.43
C ARG D 337 9.06 -31.34 -24.32
N LYS D 338 8.23 -32.24 -23.79
CA LYS D 338 7.76 -33.40 -24.54
C LYS D 338 6.71 -33.04 -25.58
N ASN D 339 5.86 -32.06 -25.30
CA ASN D 339 4.65 -31.87 -26.10
C ASN D 339 4.62 -30.57 -26.89
N TRP D 340 5.34 -29.54 -26.48
CA TRP D 340 5.16 -28.20 -27.03
C TRP D 340 6.47 -27.67 -27.58
N ALA D 341 6.36 -26.77 -28.57
CA ALA D 341 7.51 -26.24 -29.26
C ALA D 341 8.03 -25.00 -28.53
N TRP D 342 9.33 -24.95 -28.29
CA TRP D 342 9.95 -23.86 -27.56
C TRP D 342 10.60 -22.88 -28.54
N GLU D 343 10.28 -21.60 -28.38
CA GLU D 343 10.89 -20.53 -29.16
C GLU D 343 11.62 -19.61 -28.19
N GLU D 344 12.95 -19.55 -28.32
CA GLU D 344 13.71 -18.64 -27.47
C GLU D 344 13.46 -17.19 -27.91
N VAL D 345 13.00 -16.36 -26.98
CA VAL D 345 12.94 -14.92 -27.23
C VAL D 345 14.31 -14.30 -27.09
N LYS D 346 14.98 -14.61 -25.97
CA LYS D 346 16.32 -14.18 -25.61
C LYS D 346 16.76 -15.10 -24.47
N PRO D 347 18.02 -15.01 -24.02
CA PRO D 347 18.46 -15.93 -22.95
C PRO D 347 17.51 -15.93 -21.75
N GLN D 348 17.15 -17.15 -21.31
CA GLN D 348 16.27 -17.38 -20.17
C GLN D 348 14.83 -16.90 -20.40
N VAL D 349 14.41 -16.72 -21.64
CA VAL D 349 13.01 -16.37 -21.93
C VAL D 349 12.57 -17.20 -23.12
N HIS D 350 11.58 -18.08 -22.91
CA HIS D 350 11.09 -18.94 -23.98
C HIS D 350 9.59 -18.80 -24.11
N LYS D 351 9.11 -18.70 -25.36
CA LYS D 351 7.71 -18.90 -25.66
C LYS D 351 7.48 -20.38 -25.89
N ILE D 352 6.44 -20.92 -25.25
CA ILE D 352 6.09 -22.34 -25.34
C ILE D 352 4.80 -22.42 -26.12
N HIS D 353 4.87 -22.96 -27.35
CA HIS D 353 3.72 -22.93 -28.26
C HIS D 353 2.88 -24.19 -28.05
N ARG D 354 1.66 -23.99 -27.57
CA ARG D 354 0.77 -25.09 -27.22
C ARG D 354 0.06 -25.67 -28.42
N THR D 355 0.50 -25.33 -29.63
CA THR D 355 -0.06 -25.85 -30.86
C THR D 355 0.55 -27.17 -31.30
N GLY D 356 1.59 -27.63 -30.65
CA GLY D 356 2.23 -28.86 -31.07
C GLY D 356 3.72 -28.82 -30.78
N LYS D 357 4.36 -29.97 -31.00
CA LYS D 357 5.77 -30.14 -30.67
C LYS D 357 6.69 -29.83 -31.84
N ASP D 358 6.25 -30.08 -33.07
CA ASP D 358 7.09 -29.97 -34.26
C ASP D 358 6.84 -28.61 -34.91
N GLY D 359 7.75 -27.67 -34.65
CA GLY D 359 7.65 -26.35 -35.25
C GLY D 359 6.55 -25.50 -34.67
N PHE D 360 6.54 -24.22 -35.03
CA PHE D 360 5.54 -23.28 -34.57
C PHE D 360 5.36 -22.20 -35.62
N ASP D 361 4.19 -21.55 -35.59
CA ASP D 361 3.97 -20.36 -36.38
C ASP D 361 4.50 -19.15 -35.62
N ALA D 362 5.32 -18.32 -36.29
CA ALA D 362 5.92 -17.18 -35.63
C ALA D 362 4.90 -16.21 -35.07
N HIS D 363 3.67 -16.22 -35.59
CA HIS D 363 2.61 -15.34 -35.13
C HIS D 363 1.50 -16.09 -34.39
N ASN D 364 1.75 -17.33 -34.00
CA ASN D 364 0.80 -18.05 -33.17
C ASN D 364 0.46 -17.25 -31.93
N ASP D 365 -0.84 -17.19 -31.57
CA ASP D 365 -1.21 -16.48 -30.37
C ASP D 365 -1.28 -17.37 -29.13
N ASP D 366 -1.16 -18.69 -29.30
CA ASP D 366 -1.41 -19.63 -28.22
C ASP D 366 -0.08 -20.14 -27.69
N TYR D 367 0.55 -19.32 -26.84
CA TYR D 367 1.82 -19.67 -26.22
C TYR D 367 1.82 -19.21 -24.78
N LEU D 368 2.73 -19.78 -24.00
CA LEU D 368 3.07 -19.29 -22.68
C LEU D 368 4.49 -18.75 -22.71
N ILE D 369 4.78 -17.82 -21.81
CA ILE D 369 6.16 -17.33 -21.65
C ILE D 369 6.73 -17.96 -20.38
N LEU D 370 7.77 -18.78 -20.53
CA LEU D 370 8.46 -19.40 -19.40
C LEU D 370 9.76 -18.67 -19.14
N LEU D 371 10.03 -18.35 -17.87
CA LEU D 371 11.25 -17.65 -17.48
C LEU D 371 12.26 -18.63 -16.88
N ALA D 372 13.53 -18.46 -17.26
CA ALA D 372 14.65 -19.21 -16.68
C ALA D 372 14.48 -20.72 -16.81
N GLU D 373 13.71 -21.16 -17.81
CA GLU D 373 13.43 -22.57 -18.03
C GLU D 373 12.90 -23.24 -16.76
N GLY D 374 12.19 -22.47 -15.93
CA GLY D 374 11.62 -22.99 -14.69
C GLY D 374 12.57 -22.99 -13.50
N ARG D 375 13.81 -22.54 -13.66
CA ARG D 375 14.74 -22.43 -12.56
C ARG D 375 14.49 -21.11 -11.81
N LEU D 376 15.10 -20.99 -10.62
CA LEU D 376 14.97 -19.79 -9.77
C LEU D 376 14.93 -18.49 -10.57
N VAL D 377 13.77 -17.84 -10.64
CA VAL D 377 13.63 -16.76 -11.64
C VAL D 377 14.36 -15.49 -11.19
N ASN D 378 14.44 -15.22 -9.89
CA ASN D 378 15.07 -13.97 -9.47
C ASN D 378 16.56 -13.99 -9.80
N LEU D 379 17.22 -15.14 -9.66
CA LEU D 379 18.64 -15.24 -9.99
C LEU D 379 18.86 -15.50 -11.48
N GLY D 380 17.90 -16.14 -12.15
CA GLY D 380 18.06 -16.49 -13.55
C GLY D 380 17.81 -15.36 -14.53
N ASN D 381 16.82 -14.51 -14.24
CA ASN D 381 16.47 -13.39 -15.10
C ASN D 381 16.85 -12.03 -14.52
N ALA D 382 17.34 -11.99 -13.28
CA ALA D 382 17.87 -10.74 -12.73
C ALA D 382 19.14 -11.07 -11.95
N THR D 383 19.36 -10.44 -10.77
CA THR D 383 20.59 -10.68 -10.01
C THR D 383 20.29 -11.22 -8.61
N GLY D 384 19.13 -11.85 -8.43
CA GLY D 384 18.76 -12.33 -7.10
C GLY D 384 18.56 -11.18 -6.13
N HIS D 385 18.73 -11.50 -4.84
CA HIS D 385 18.49 -10.52 -3.79
C HIS D 385 19.56 -9.44 -3.79
N PRO D 386 19.23 -8.24 -3.31
CA PRO D 386 20.23 -7.17 -3.25
C PRO D 386 21.22 -7.35 -2.11
N SER D 387 22.40 -6.75 -2.30
CA SER D 387 23.48 -6.84 -1.31
C SER D 387 23.02 -6.58 0.13
N ARG D 388 22.22 -5.53 0.35
CA ARG D 388 21.90 -5.18 1.74
C ARG D 388 21.03 -6.23 2.42
N ILE D 389 20.27 -7.02 1.65
CA ILE D 389 19.53 -8.14 2.22
C ILE D 389 20.44 -9.35 2.41
N MET D 390 21.25 -9.67 1.39
CA MET D 390 22.16 -10.81 1.52
C MET D 390 23.16 -10.61 2.64
N ASP D 391 23.45 -9.36 3.00
CA ASP D 391 24.26 -9.05 4.18
C ASP D 391 23.84 -9.89 5.40
N GLY D 392 22.53 -9.93 5.66
CA GLY D 392 22.04 -10.69 6.81
C GLY D 392 22.31 -12.17 6.68
N SER D 393 21.93 -12.76 5.54
CA SER D 393 22.13 -14.18 5.33
C SER D 393 23.61 -14.53 5.44
N PHE D 394 24.48 -13.72 4.85
CA PHE D 394 25.87 -14.12 4.77
C PHE D 394 26.64 -13.82 6.05
N ALA D 395 26.23 -12.82 6.83
CA ALA D 395 26.79 -12.70 8.18
C ALA D 395 26.50 -13.95 9.01
N ASN D 396 25.27 -14.46 8.94
CA ASN D 396 24.95 -15.72 9.59
C ASN D 396 25.84 -16.85 9.07
N GLN D 397 26.06 -16.92 7.76
CA GLN D 397 26.94 -17.96 7.21
C GLN D 397 28.33 -17.90 7.84
N VAL D 398 28.90 -16.70 7.95
CA VAL D 398 30.25 -16.58 8.51
C VAL D 398 30.26 -16.99 9.98
N LEU D 399 29.28 -16.52 10.76
CA LEU D 399 29.22 -16.92 12.16
C LEU D 399 29.03 -18.43 12.31
N ALA D 400 28.24 -19.05 11.43
CA ALA D 400 28.02 -20.50 11.49
C ALA D 400 29.30 -21.26 11.14
N GLN D 401 30.04 -20.78 10.13
CA GLN D 401 31.32 -21.39 9.79
C GLN D 401 32.29 -21.30 10.96
N ILE D 402 32.38 -20.12 11.58
CA ILE D 402 33.27 -19.96 12.74
C ILE D 402 32.89 -20.95 13.84
N HIS D 403 31.59 -21.09 14.11
CA HIS D 403 31.15 -21.92 15.23
C HIS D 403 31.48 -23.39 15.00
N LEU D 404 31.15 -23.92 13.81
CA LEU D 404 31.38 -25.34 13.58
C LEU D 404 32.87 -25.64 13.41
N PHE D 405 33.62 -24.71 12.81
CA PHE D 405 35.05 -24.97 12.67
C PHE D 405 35.74 -24.99 14.03
N GLU D 406 35.35 -24.08 14.93
CA GLU D 406 35.97 -24.06 16.26
C GLU D 406 35.56 -25.28 17.10
N GLN D 407 34.39 -25.85 16.83
CA GLN D 407 33.95 -27.04 17.55
C GLN D 407 34.76 -28.27 17.16
N LYS D 408 35.27 -28.34 15.93
CA LYS D 408 36.24 -29.38 15.52
C LYS D 408 35.66 -30.79 15.65
N TYR D 409 34.41 -30.96 15.19
CA TYR D 409 33.72 -32.24 15.33
C TYR D 409 34.54 -33.41 14.83
N ALA D 410 35.24 -33.24 13.70
CA ALA D 410 35.97 -34.39 13.14
C ALA D 410 37.08 -34.87 14.05
N ASP D 411 37.56 -34.04 14.96
CA ASP D 411 38.64 -34.43 15.86
C ASP D 411 38.14 -35.05 17.16
N LEU D 412 36.81 -35.10 17.39
CA LEU D 412 36.27 -35.57 18.66
C LEU D 412 36.23 -37.10 18.69
N PRO D 413 36.35 -37.67 19.88
CA PRO D 413 36.12 -39.13 20.05
C PRO D 413 34.73 -39.50 19.56
N ALA D 414 34.56 -40.78 19.24
CA ALA D 414 33.29 -41.25 18.69
C ALA D 414 32.13 -40.98 19.65
N ALA D 415 32.35 -41.20 20.96
CA ALA D 415 31.27 -40.97 21.92
C ALA D 415 30.90 -39.50 22.01
N GLU D 416 31.86 -38.60 21.80
CA GLU D 416 31.55 -37.18 21.80
C GLU D 416 30.88 -36.74 20.49
N LYS D 417 31.29 -37.35 19.37
CA LYS D 417 30.63 -37.04 18.08
C LYS D 417 29.13 -37.34 18.20
N ALA D 418 28.80 -38.48 18.81
CA ALA D 418 27.40 -38.89 18.93
C ALA D 418 26.57 -37.84 19.64
N LYS D 419 27.15 -37.14 20.62
CA LYS D 419 26.42 -36.12 21.35
C LYS D 419 26.26 -34.82 20.57
N ARG D 420 27.08 -34.58 19.55
CA ARG D 420 27.07 -33.32 18.82
C ARG D 420 26.53 -33.44 17.40
N LEU D 421 26.15 -34.63 16.96
CA LEU D 421 25.68 -34.82 15.59
C LEU D 421 24.23 -34.33 15.52
N SER D 422 24.05 -33.10 15.05
CA SER D 422 22.73 -32.50 15.08
C SER D 422 22.66 -31.43 14.01
N VAL D 423 21.45 -30.93 13.81
CA VAL D 423 21.17 -29.76 12.96
C VAL D 423 20.64 -28.67 13.87
N GLU D 424 21.41 -27.61 14.05
CA GLU D 424 21.11 -26.56 15.03
C GLU D 424 21.01 -25.20 14.33
N VAL D 425 20.41 -24.25 15.03
CA VAL D 425 20.41 -22.87 14.59
C VAL D 425 21.41 -22.08 15.43
N LEU D 426 21.79 -20.90 14.93
CA LEU D 426 22.62 -20.01 15.73
C LEU D 426 21.82 -19.47 16.91
N PRO D 427 22.51 -19.17 18.02
CA PRO D 427 21.80 -18.57 19.17
C PRO D 427 21.15 -17.24 18.80
N LYS D 428 20.06 -16.93 19.50
CA LYS D 428 19.33 -15.70 19.21
C LYS D 428 20.20 -14.48 19.40
N LYS D 429 21.09 -14.50 20.41
CA LYS D 429 21.96 -13.34 20.62
C LYS D 429 22.72 -12.96 19.34
N LEU D 430 23.22 -13.96 18.61
CA LEU D 430 23.95 -13.66 17.37
C LEU D 430 23.02 -13.16 16.27
N ASP D 431 21.82 -13.75 16.18
CA ASP D 431 20.79 -13.27 15.27
C ASP D 431 20.56 -11.78 15.51
N GLU D 432 20.45 -11.39 16.78
CA GLU D 432 20.22 -9.99 17.14
C GLU D 432 21.41 -9.11 16.74
N GLU D 433 22.64 -9.62 16.92
CA GLU D 433 23.80 -8.83 16.59
C GLU D 433 23.88 -8.58 15.08
N VAL D 434 23.54 -9.58 14.27
CA VAL D 434 23.44 -9.35 12.83
C VAL D 434 22.39 -8.27 12.55
N ALA D 435 21.21 -8.42 13.18
CA ALA D 435 20.12 -7.47 12.94
C ALA D 435 20.52 -6.05 13.27
N LEU D 436 21.24 -5.83 14.37
CA LEU D 436 21.60 -4.47 14.75
C LEU D 436 22.50 -3.83 13.71
N GLU D 437 23.45 -4.60 13.16
CA GLU D 437 24.32 -4.07 12.11
C GLU D 437 23.50 -3.69 10.88
N MET D 438 22.49 -4.50 10.54
CA MET D 438 21.61 -4.15 9.43
C MET D 438 20.87 -2.86 9.72
N VAL D 439 20.33 -2.71 10.93
CA VAL D 439 19.58 -1.51 11.30
C VAL D 439 20.47 -0.28 11.25
N LYS D 440 21.69 -0.39 11.77
CA LYS D 440 22.63 0.73 11.68
C LYS D 440 22.89 1.11 10.23
N GLY D 441 22.88 0.13 9.32
CA GLY D 441 23.12 0.43 7.91
C GLY D 441 22.04 1.29 7.31
N PHE D 442 20.82 1.20 7.84
CA PHE D 442 19.73 2.07 7.43
C PHE D 442 19.76 3.41 8.15
N GLY D 443 20.68 3.60 9.08
CA GLY D 443 20.62 4.77 9.92
C GLY D 443 19.66 4.65 11.08
N GLY D 444 19.11 3.46 11.32
CA GLY D 444 18.16 3.29 12.41
C GLY D 444 18.84 3.38 13.77
N VAL D 445 18.07 3.86 14.76
CA VAL D 445 18.58 4.06 16.12
C VAL D 445 17.72 3.24 17.06
N VAL D 446 18.28 2.17 17.61
CA VAL D 446 17.61 1.32 18.58
C VAL D 446 17.70 1.95 19.96
N THR D 447 16.62 1.84 20.74
CA THR D 447 16.60 2.36 22.10
C THR D 447 17.23 1.34 23.04
N GLN D 448 17.90 1.84 24.08
CA GLN D 448 18.45 0.97 25.10
C GLN D 448 17.49 0.92 26.27
N LEU D 449 17.13 -0.29 26.72
CA LEU D 449 16.33 -0.44 27.93
C LEU D 449 17.05 0.14 29.13
N THR D 450 16.27 0.74 30.04
CA THR D 450 16.79 0.99 31.37
C THR D 450 16.87 -0.32 32.15
N PRO D 451 17.67 -0.38 33.21
CA PRO D 451 17.68 -1.62 34.02
C PRO D 451 16.30 -2.01 34.52
N LYS D 452 15.48 -1.04 34.94
CA LYS D 452 14.15 -1.36 35.42
C LYS D 452 13.27 -1.91 34.30
N GLN D 453 13.35 -1.33 33.10
CA GLN D 453 12.57 -1.84 31.99
C GLN D 453 13.01 -3.24 31.60
N ALA D 454 14.33 -3.50 31.59
CA ALA D 454 14.81 -4.84 31.30
C ALA D 454 14.31 -5.83 32.34
N GLU D 455 14.37 -5.46 33.62
CA GLU D 455 13.82 -6.30 34.67
C GLU D 455 12.32 -6.53 34.48
N TYR D 456 11.58 -5.49 34.11
CA TYR D 456 10.12 -5.59 33.98
C TYR D 456 9.73 -6.66 32.96
N ILE D 457 10.43 -6.72 31.83
CA ILE D 457 10.08 -7.71 30.81
C ILE D 457 10.95 -8.95 30.86
N GLY D 458 11.92 -8.99 31.78
CA GLY D 458 12.64 -10.22 32.05
C GLY D 458 13.79 -10.51 31.12
N VAL D 459 14.54 -9.48 30.71
CA VAL D 459 15.67 -9.65 29.81
C VAL D 459 16.88 -8.93 30.36
N SER D 460 18.05 -9.33 29.87
CA SER D 460 19.25 -8.51 29.99
C SER D 460 19.14 -7.28 29.09
N VAL D 461 19.73 -6.16 29.54
CA VAL D 461 19.71 -4.94 28.72
C VAL D 461 20.31 -5.21 27.34
N GLU D 462 21.36 -6.03 27.27
CA GLU D 462 22.00 -6.27 25.98
C GLU D 462 21.30 -7.34 25.15
N GLY D 463 20.24 -7.97 25.69
CA GLY D 463 19.54 -9.02 24.98
C GLY D 463 20.10 -10.38 25.38
N PRO D 464 19.51 -11.47 24.86
CA PRO D 464 18.41 -11.53 23.90
C PRO D 464 17.09 -11.03 24.47
N PHE D 465 16.24 -10.55 23.57
CA PHE D 465 15.04 -9.82 23.98
C PHE D 465 13.78 -10.66 23.93
N LYS D 466 13.85 -11.86 23.35
CA LYS D 466 12.65 -12.66 23.12
C LYS D 466 12.96 -14.11 23.51
N PRO D 467 11.96 -14.87 23.95
CA PRO D 467 12.19 -16.30 24.16
C PRO D 467 12.41 -17.00 22.83
N ASP D 468 13.03 -18.17 22.89
CA ASP D 468 13.30 -18.89 21.64
C ASP D 468 12.02 -19.26 20.89
N THR D 469 10.86 -19.29 21.56
CA THR D 469 9.59 -19.59 20.91
C THR D 469 9.02 -18.42 20.11
N TYR D 470 9.61 -17.23 20.20
CA TYR D 470 9.00 -16.06 19.60
C TYR D 470 9.05 -16.14 18.08
N ARG D 471 7.96 -15.75 17.41
CA ARG D 471 7.86 -15.95 15.96
C ARG D 471 8.12 -14.70 15.13
N TYR D 472 8.14 -13.52 15.74
CA TYR D 472 8.37 -12.24 15.02
C TYR D 472 7.30 -12.03 13.94
#